data_2VAE
#
_entry.id   2VAE
#
_cell.length_a   71.347
_cell.length_b   79.510
_cell.length_c   83.014
_cell.angle_alpha   90.07
_cell.angle_beta   96.87
_cell.angle_gamma   97.01
#
_symmetry.space_group_name_H-M   'P 1'
#
loop_
_entity.id
_entity.type
_entity.pdbx_description
1 polymer 'RED FLUORESCENT PROTEIN'
2 non-polymer 1,2-ETHANEDIOL
3 water water
#
_entity_poly.entity_id   1
_entity_poly.type   'polypeptide(L)'
_entity_poly.pdbx_seq_one_letter_code
;MASSEDVIKEFMRFKVRMEGSVNGHEFEIEGEGEGRPYEGTQTAKLKVTKGGPLPFAWDILSPQF(CRQ)SKVYVKHPAD
IPDYKKLSFPEGFKWERVMNFEDGGVVTVTQDSSLQDGCFIYKVKFIGVNFPSDGPVMQKKTMGWEPSTERLYPRDGVLK
GEIHKALKLKDGGHYLVEFKSIYMAKKPVQLPGYYYVDSKLDITSHNEDYTIVEQYERAEGRHHLFL
;
_entity_poly.pdbx_strand_id   A,B,C,D,E,F,G,H
#
loop_
_chem_comp.id
_chem_comp.type
_chem_comp.name
_chem_comp.formula
EDO non-polymer 1,2-ETHANEDIOL 'C2 H6 O2'
#
# COMPACT_ATOMS: atom_id res chain seq x y z
N VAL A 7 14.98 -23.77 58.73
CA VAL A 7 14.56 -24.72 57.69
C VAL A 7 15.45 -24.62 56.45
N ILE A 8 16.07 -23.46 56.28
CA ILE A 8 16.97 -23.29 55.14
C ILE A 8 18.38 -23.67 55.60
N LYS A 9 18.81 -24.85 55.14
CA LYS A 9 20.12 -25.36 55.51
C LYS A 9 21.22 -24.74 54.63
N GLU A 10 22.49 -24.96 54.98
CA GLU A 10 23.58 -24.43 54.17
C GLU A 10 23.65 -25.05 52.78
N PHE A 11 23.09 -26.25 52.63
CA PHE A 11 22.94 -26.84 51.33
C PHE A 11 21.45 -27.16 51.13
N MET A 12 20.89 -26.69 50.02
CA MET A 12 19.48 -26.93 49.66
C MET A 12 19.33 -27.32 48.19
N ARG A 13 18.44 -28.28 47.93
CA ARG A 13 18.01 -28.64 46.58
C ARG A 13 16.68 -27.97 46.27
N PHE A 14 16.42 -27.88 44.98
CA PHE A 14 15.10 -27.46 44.49
C PHE A 14 14.63 -28.30 43.30
N LYS A 15 13.31 -28.28 43.11
CA LYS A 15 12.62 -28.87 41.96
C LYS A 15 11.81 -27.80 41.30
N VAL A 16 11.79 -27.80 39.98
CA VAL A 16 11.09 -26.76 39.24
C VAL A 16 10.26 -27.32 38.06
N ARG A 17 9.07 -26.74 37.86
CA ARG A 17 8.27 -27.02 36.66
C ARG A 17 7.78 -25.70 36.08
N MET A 18 7.89 -25.57 34.76
CA MET A 18 7.42 -24.38 34.07
C MET A 18 6.40 -24.81 33.01
N GLU A 19 5.27 -24.09 32.93
CA GLU A 19 4.41 -24.14 31.72
C GLU A 19 4.52 -22.81 31.04
N GLY A 20 4.92 -22.81 29.76
CA GLY A 20 5.09 -21.51 29.10
C GLY A 20 4.62 -21.45 27.68
N SER A 21 4.62 -20.24 27.14
CA SER A 21 4.35 -20.06 25.72
CA SER A 21 4.30 -20.04 25.73
C SER A 21 5.11 -18.85 25.20
N VAL A 22 5.54 -18.95 23.94
CA VAL A 22 6.22 -17.82 23.30
C VAL A 22 5.69 -17.72 21.89
N ASN A 23 5.14 -16.55 21.54
CA ASN A 23 4.60 -16.34 20.18
C ASN A 23 3.63 -17.49 19.75
N GLY A 24 2.83 -17.95 20.72
CA GLY A 24 1.84 -18.99 20.47
C GLY A 24 2.36 -20.43 20.55
N HIS A 25 3.65 -20.62 20.76
CA HIS A 25 4.25 -21.96 20.88
C HIS A 25 4.28 -22.36 22.34
N GLU A 26 3.53 -23.39 22.68
CA GLU A 26 3.39 -23.84 24.06
C GLU A 26 4.42 -24.90 24.42
N PHE A 27 4.89 -24.91 25.66
CA PHE A 27 5.88 -25.90 26.07
C PHE A 27 5.85 -26.12 27.58
N GLU A 28 6.49 -27.20 28.03
CA GLU A 28 6.63 -27.47 29.45
C GLU A 28 8.07 -27.93 29.69
N ILE A 29 8.59 -27.54 30.85
CA ILE A 29 9.96 -27.83 31.25
C ILE A 29 9.93 -28.31 32.72
N GLU A 30 10.76 -29.31 33.04
CA GLU A 30 10.91 -29.74 34.43
C GLU A 30 12.39 -29.77 34.73
N GLY A 31 12.77 -29.54 35.97
CA GLY A 31 14.17 -29.64 36.32
C GLY A 31 14.40 -29.72 37.80
N GLU A 32 15.69 -29.69 38.15
CA GLU A 32 16.09 -29.70 39.54
C GLU A 32 17.35 -28.87 39.71
N GLY A 33 17.63 -28.47 40.95
CA GLY A 33 18.84 -27.70 41.18
C GLY A 33 19.31 -27.88 42.59
N GLU A 34 20.43 -27.22 42.88
CA GLU A 34 21.02 -27.33 44.20
C GLU A 34 21.97 -26.17 44.38
N GLY A 35 22.22 -25.85 45.64
CA GLY A 35 23.22 -24.83 45.93
C GLY A 35 23.33 -24.50 47.40
N ARG A 36 23.95 -23.34 47.67
CA ARG A 36 24.35 -22.91 49.01
C ARG A 36 23.70 -21.55 49.25
N PRO A 37 22.50 -21.54 49.90
CA PRO A 37 21.73 -20.30 49.96
C PRO A 37 22.39 -19.15 50.68
N TYR A 38 23.31 -19.45 51.62
CA TYR A 38 24.02 -18.39 52.35
C TYR A 38 25.31 -17.93 51.68
N GLU A 39 25.69 -18.63 50.62
CA GLU A 39 26.92 -18.32 49.85
C GLU A 39 26.58 -17.72 48.49
N GLY A 40 25.29 -17.80 48.12
CA GLY A 40 24.82 -17.21 46.87
C GLY A 40 25.18 -17.95 45.60
N THR A 41 25.34 -19.28 45.68
CA THR A 41 25.72 -20.05 44.49
C THR A 41 24.76 -21.22 44.29
N GLN A 42 24.43 -21.52 43.03
CA GLN A 42 23.51 -22.63 42.73
C GLN A 42 23.66 -23.11 41.30
N THR A 43 23.27 -24.37 41.04
CA THR A 43 23.19 -24.91 39.70
C THR A 43 21.77 -25.42 39.47
N ALA A 44 21.45 -25.64 38.20
CA ALA A 44 20.17 -26.20 37.80
C ALA A 44 20.36 -27.04 36.56
N LYS A 45 19.52 -28.07 36.39
CA LYS A 45 19.49 -28.86 35.16
C LYS A 45 18.04 -28.94 34.76
N LEU A 46 17.75 -28.51 33.53
CA LEU A 46 16.37 -28.42 33.01
C LEU A 46 16.21 -29.31 31.80
N LYS A 47 15.01 -29.90 31.67
CA LYS A 47 14.67 -30.70 30.49
C LYS A 47 13.33 -30.24 29.94
N VAL A 48 13.26 -30.05 28.62
CA VAL A 48 11.99 -29.71 27.96
C VAL A 48 11.26 -31.04 27.87
N THR A 49 10.08 -31.09 28.46
CA THR A 49 9.26 -32.29 28.53
C THR A 49 8.06 -32.29 27.55
N LYS A 50 7.66 -31.10 27.07
CA LYS A 50 6.60 -30.98 26.06
C LYS A 50 6.87 -29.75 25.20
N GLY A 51 6.59 -29.87 23.91
CA GLY A 51 6.77 -28.75 23.01
C GLY A 51 8.17 -28.54 22.47
N GLY A 52 9.07 -29.49 22.71
CA GLY A 52 10.43 -29.37 22.20
C GLY A 52 10.58 -29.96 20.80
N PRO A 53 11.63 -29.54 20.08
CA PRO A 53 12.63 -28.56 20.51
C PRO A 53 12.04 -27.14 20.45
N LEU A 54 12.49 -26.24 21.33
CA LEU A 54 11.91 -24.89 21.33
C LEU A 54 12.36 -24.09 20.10
N PRO A 55 11.43 -23.33 19.50
CA PRO A 55 11.76 -22.51 18.31
C PRO A 55 12.27 -21.11 18.65
N PHE A 56 12.85 -20.94 19.85
CA PHE A 56 13.31 -19.61 20.28
C PHE A 56 14.46 -19.80 21.26
N ALA A 57 15.13 -18.67 21.55
CA ALA A 57 16.31 -18.65 22.38
C ALA A 57 16.07 -19.09 23.83
N TRP A 58 16.87 -20.06 24.27
CA TRP A 58 16.77 -20.57 25.64
C TRP A 58 16.97 -19.45 26.66
N ASP A 59 17.86 -18.52 26.31
CA ASP A 59 18.27 -17.43 27.22
C ASP A 59 17.11 -16.66 27.83
N ILE A 60 15.98 -16.52 27.12
CA ILE A 60 14.85 -15.79 27.75
C ILE A 60 14.23 -16.58 28.89
N LEU A 61 14.44 -17.91 28.91
CA LEU A 61 13.91 -18.74 29.99
C LEU A 61 14.84 -18.86 31.19
N SER A 62 16.17 -18.74 30.97
CA SER A 62 17.12 -19.10 32.01
C SER A 62 16.90 -18.37 33.37
N PRO A 63 16.59 -17.05 33.34
CA PRO A 63 16.34 -16.32 34.60
C PRO A 63 15.00 -16.60 35.27
N GLN A 64 14.22 -17.54 34.74
CA GLN A 64 12.94 -17.89 35.38
C GLN A 64 13.03 -19.17 36.21
N PHE A 65 14.11 -19.93 35.93
N PHE A 65 14.13 -19.92 35.97
CA PHE A 65 14.39 -21.12 36.74
CA PHE A 65 14.48 -21.07 36.81
C PHE A 65 15.27 -20.64 37.83
C PHE A 65 15.33 -20.60 38.00
N1 CRQ A 66 15.95 -19.53 37.50
N1 CRQ A 66 16.13 -19.76 38.65
CA1 CRQ A 66 16.85 -18.88 38.39
CA1 CRQ A 66 16.85 -18.76 38.25
CB1 CRQ A 66 18.26 -19.23 37.91
CB1 CRQ A 66 18.23 -19.24 37.79
CG1 CRQ A 66 18.59 -20.48 38.70
CG1 CRQ A 66 18.60 -20.42 38.69
C1 CRQ A 66 16.53 -17.38 38.44
C1 CRQ A 66 16.50 -17.40 38.37
N2 CRQ A 66 17.35 -16.41 38.00
N2 CRQ A 66 17.32 -16.41 37.97
N3 CRQ A 66 15.41 -16.85 38.96
N3 CRQ A 66 15.40 -16.84 38.94
C2 CRQ A 66 15.51 -15.51 38.85
C2 CRQ A 66 15.50 -15.50 38.84
O2 CRQ A 66 14.63 -14.69 39.20
O2 CRQ A 66 14.63 -14.68 39.22
CA2 CRQ A 66 16.75 -15.23 38.25
CA2 CRQ A 66 16.74 -15.23 38.24
CA3 CRQ A 66 14.22 -17.51 39.47
CA3 CRQ A 66 14.20 -17.50 39.46
CB2 CRQ A 66 17.11 -13.90 37.97
CB2 CRQ A 66 17.11 -13.89 37.98
CG2 CRQ A 66 18.30 -13.36 37.43
CG2 CRQ A 66 18.30 -13.36 37.43
CD1 CRQ A 66 19.37 -14.15 36.92
CD1 CRQ A 66 19.35 -14.14 36.93
CD2 CRQ A 66 18.43 -11.98 37.41
CD2 CRQ A 66 18.43 -11.97 37.42
CE1 CRQ A 66 20.50 -13.52 36.41
CE1 CRQ A 66 20.49 -13.52 36.40
CE2 CRQ A 66 19.57 -11.35 36.93
CE2 CRQ A 66 19.57 -11.35 36.93
CZ CRQ A 66 20.61 -12.13 36.40
CZ CRQ A 66 20.61 -12.13 36.40
OH CRQ A 66 21.74 -11.52 35.92
OH CRQ A 66 21.74 -11.53 35.91
OE1 CRQ A 66 20.25 -21.29 37.14
OE1 CRQ A 66 20.24 -21.26 37.14
C3 CRQ A 66 14.38 -18.18 40.82
C3 CRQ A 66 14.38 -18.14 40.81
O3 CRQ A 66 13.23 -18.88 41.11
O3 CRQ A 66 13.25 -18.88 41.09
CD3 CRQ A 66 19.80 -21.29 38.27
CD3 CRQ A 66 19.80 -21.27 38.27
NE1 CRQ A 66 20.33 -21.99 39.27
NE1 CRQ A 66 20.32 -21.98 39.25
N SER A 67 15.50 -18.01 41.46
CA SER A 67 15.72 -18.87 42.62
C SER A 67 16.46 -17.99 43.62
N LYS A 68 15.85 -16.82 43.91
CA LYS A 68 16.55 -15.78 44.66
C LYS A 68 16.60 -15.99 46.18
N VAL A 69 16.10 -17.13 46.65
CA VAL A 69 16.35 -17.49 48.06
C VAL A 69 17.85 -17.79 48.26
N TYR A 70 18.59 -18.00 47.16
N TYR A 70 18.57 -18.01 47.14
CA TYR A 70 20.02 -18.33 47.27
CA TYR A 70 20.01 -18.30 47.15
C TYR A 70 20.93 -17.10 47.32
C TYR A 70 20.83 -17.04 46.85
N VAL A 71 20.37 -15.91 47.16
N VAL A 71 20.39 -15.90 47.38
CA VAL A 71 21.22 -14.72 47.20
CA VAL A 71 21.18 -14.68 47.25
C VAL A 71 21.89 -14.57 48.57
C VAL A 71 21.87 -14.39 48.58
N LYS A 72 23.19 -14.33 48.57
CA LYS A 72 23.95 -14.04 49.78
C LYS A 72 23.62 -12.62 50.26
N HIS A 73 23.14 -12.51 51.50
CA HIS A 73 22.85 -11.21 52.10
C HIS A 73 23.71 -10.91 53.32
N PRO A 74 24.23 -9.68 53.43
CA PRO A 74 24.92 -9.32 54.68
C PRO A 74 23.93 -9.27 55.84
N ALA A 75 24.45 -9.38 57.06
CA ALA A 75 23.57 -9.44 58.23
C ALA A 75 22.67 -8.21 58.40
N ASP A 76 23.12 -7.07 57.90
CA ASP A 76 22.38 -5.82 58.09
C ASP A 76 21.34 -5.50 57.00
N ILE A 77 21.16 -6.40 56.04
CA ILE A 77 20.08 -6.26 55.06
C ILE A 77 19.11 -7.42 55.22
N PRO A 78 17.87 -7.13 55.65
CA PRO A 78 16.88 -8.22 55.81
C PRO A 78 16.75 -9.11 54.56
N ASP A 79 16.78 -10.42 54.78
CA ASP A 79 16.76 -11.35 53.66
C ASP A 79 15.32 -11.86 53.56
N TYR A 80 14.49 -10.96 53.02
CA TYR A 80 13.05 -11.15 52.88
C TYR A 80 12.68 -12.54 52.36
N LYS A 81 13.33 -12.96 51.28
CA LYS A 81 13.01 -14.29 50.66
C LYS A 81 13.34 -15.44 51.59
N LYS A 82 14.47 -15.38 52.28
CA LYS A 82 14.75 -16.48 53.26
C LYS A 82 13.78 -16.45 54.44
N LEU A 83 13.48 -15.25 54.93
CA LEU A 83 12.58 -15.11 56.08
C LEU A 83 11.19 -15.68 55.77
N SER A 84 10.81 -15.69 54.48
CA SER A 84 9.45 -16.11 54.08
C SER A 84 9.21 -17.61 54.29
N PHE A 85 10.29 -18.39 54.41
CA PHE A 85 10.13 -19.84 54.65
C PHE A 85 9.84 -20.13 56.12
N PRO A 86 9.19 -21.27 56.41
CA PRO A 86 8.83 -22.37 55.55
C PRO A 86 7.70 -22.13 54.54
N GLU A 87 6.82 -21.16 54.77
CA GLU A 87 5.67 -21.04 53.89
C GLU A 87 6.09 -20.67 52.46
N GLY A 88 7.01 -19.72 52.37
CA GLY A 88 7.59 -19.36 51.08
C GLY A 88 7.08 -18.04 50.55
N PHE A 89 7.22 -17.86 49.24
CA PHE A 89 6.88 -16.59 48.60
C PHE A 89 6.48 -16.80 47.15
N LYS A 90 5.87 -15.78 46.55
CA LYS A 90 5.61 -15.79 45.10
C LYS A 90 6.48 -14.70 44.47
N TRP A 91 6.77 -14.85 43.19
CA TRP A 91 7.36 -13.71 42.48
C TRP A 91 6.74 -13.56 41.11
N GLU A 92 6.69 -12.31 40.64
CA GLU A 92 6.16 -11.99 39.33
C GLU A 92 7.12 -11.07 38.62
N ARG A 93 7.00 -11.05 37.29
CA ARG A 93 7.98 -10.30 36.52
C ARG A 93 7.40 -9.86 35.19
N VAL A 94 7.86 -8.69 34.74
CA VAL A 94 7.73 -8.22 33.37
C VAL A 94 9.12 -8.12 32.76
N MET A 95 9.29 -8.68 31.56
CA MET A 95 10.52 -8.41 30.78
C MET A 95 10.09 -7.64 29.54
N ASN A 96 10.65 -6.45 29.34
CA ASN A 96 10.37 -5.60 28.19
C ASN A 96 11.60 -5.59 27.31
N PHE A 97 11.52 -6.25 26.15
CA PHE A 97 12.63 -6.37 25.21
C PHE A 97 12.65 -5.16 24.28
N GLU A 98 13.86 -4.72 23.88
CA GLU A 98 13.97 -3.49 23.10
C GLU A 98 13.29 -3.52 21.73
N ASP A 99 13.08 -4.71 21.15
CA ASP A 99 12.36 -4.84 19.85
C ASP A 99 10.85 -5.15 19.99
N GLY A 100 10.33 -5.03 21.19
CA GLY A 100 8.88 -5.06 21.40
C GLY A 100 8.37 -6.34 22.04
N GLY A 101 9.22 -7.37 22.10
CA GLY A 101 8.81 -8.57 22.83
C GLY A 101 8.47 -8.22 24.28
N VAL A 102 7.44 -8.89 24.83
CA VAL A 102 7.07 -8.66 26.25
C VAL A 102 6.76 -10.01 26.87
N VAL A 103 7.25 -10.23 28.08
CA VAL A 103 6.93 -11.47 28.81
C VAL A 103 6.40 -11.09 30.18
N THR A 104 5.37 -11.80 30.63
CA THR A 104 5.05 -11.79 32.09
C THR A 104 5.21 -13.21 32.63
N VAL A 105 5.61 -13.27 33.91
CA VAL A 105 5.93 -14.52 34.55
C VAL A 105 5.28 -14.45 35.92
N THR A 106 4.77 -15.60 36.36
CA THR A 106 4.26 -15.70 37.74
C THR A 106 4.76 -17.03 38.32
N GLN A 107 5.19 -16.99 39.57
CA GLN A 107 5.93 -18.15 40.16
C GLN A 107 5.52 -18.33 41.62
N ASP A 108 5.46 -19.59 42.04
CA ASP A 108 5.25 -19.89 43.47
C ASP A 108 6.43 -20.70 44.00
N SER A 109 6.94 -20.31 45.17
CA SER A 109 8.07 -21.01 45.78
C SER A 109 7.63 -21.50 47.15
N SER A 110 7.77 -22.80 47.37
CA SER A 110 7.39 -23.44 48.65
C SER A 110 8.45 -24.45 49.06
N LEU A 111 8.16 -25.22 50.13
CA LEU A 111 9.15 -26.12 50.67
C LEU A 111 8.47 -27.45 50.93
N GLN A 112 9.06 -28.55 50.45
CA GLN A 112 8.48 -29.88 50.65
C GLN A 112 9.61 -30.93 50.65
N ASP A 113 9.58 -31.87 51.59
CA ASP A 113 10.61 -32.94 51.61
C ASP A 113 12.03 -32.33 51.77
N GLY A 114 12.12 -31.19 52.46
CA GLY A 114 13.38 -30.44 52.65
C GLY A 114 13.96 -29.79 51.39
N CYS A 115 13.11 -29.75 50.35
CA CYS A 115 13.43 -29.26 49.02
CA CYS A 115 13.46 -29.19 49.04
C CYS A 115 12.60 -28.01 48.70
N PHE A 116 13.22 -26.99 48.08
CA PHE A 116 12.38 -25.92 47.55
C PHE A 116 11.58 -26.44 46.34
N ILE A 117 10.36 -25.96 46.18
CA ILE A 117 9.49 -26.36 45.08
C ILE A 117 9.08 -25.09 44.33
N TYR A 118 9.42 -25.03 43.03
CA TYR A 118 9.13 -23.87 42.19
C TYR A 118 8.14 -24.24 41.09
N LYS A 119 7.10 -23.43 40.96
CA LYS A 119 6.07 -23.62 39.93
C LYS A 119 6.02 -22.32 39.14
N VAL A 120 6.26 -22.38 37.84
CA VAL A 120 6.42 -21.15 37.01
C VAL A 120 5.44 -21.17 35.83
N LYS A 121 4.74 -20.05 35.57
CA LYS A 121 3.98 -19.90 34.34
C LYS A 121 4.50 -18.66 33.61
N PHE A 122 4.58 -18.76 32.28
CA PHE A 122 5.37 -17.79 31.48
C PHE A 122 4.61 -17.54 30.18
N ILE A 123 4.31 -16.26 29.87
CA ILE A 123 3.74 -15.91 28.55
C ILE A 123 4.56 -14.84 27.90
N GLY A 124 5.09 -15.16 26.72
CA GLY A 124 5.90 -14.21 25.94
C GLY A 124 5.20 -13.94 24.62
N VAL A 125 5.08 -12.66 24.27
CA VAL A 125 4.34 -12.27 23.07
C VAL A 125 5.09 -11.15 22.33
N ASN A 126 4.75 -10.96 21.07
CA ASN A 126 5.21 -9.80 20.25
C ASN A 126 6.69 -9.82 19.88
N PHE A 127 7.30 -11.00 19.86
CA PHE A 127 8.69 -11.10 19.40
C PHE A 127 8.70 -11.08 17.88
N PRO A 128 9.49 -10.18 17.28
CA PRO A 128 9.60 -10.20 15.80
C PRO A 128 10.06 -11.55 15.28
N SER A 129 9.50 -12.01 14.17
CA SER A 129 9.83 -13.35 13.69
C SER A 129 11.29 -13.48 13.28
N ASP A 130 11.87 -12.36 12.82
CA ASP A 130 13.27 -12.30 12.37
C ASP A 130 14.21 -11.74 13.43
N GLY A 131 13.72 -11.64 14.67
CA GLY A 131 14.54 -11.07 15.74
C GLY A 131 15.45 -12.10 16.41
N PRO A 132 16.32 -11.64 17.33
CA PRO A 132 17.31 -12.55 17.95
C PRO A 132 16.68 -13.65 18.81
N VAL A 133 15.48 -13.42 19.36
CA VAL A 133 14.85 -14.48 20.15
C VAL A 133 14.32 -15.60 19.25
N MET A 134 13.51 -15.24 18.27
CA MET A 134 12.93 -16.28 17.39
C MET A 134 13.95 -16.92 16.47
N GLN A 135 15.06 -16.20 16.20
CA GLN A 135 16.11 -16.73 15.32
C GLN A 135 17.32 -17.28 16.08
N LYS A 136 17.21 -17.32 17.41
CA LYS A 136 18.23 -17.94 18.25
C LYS A 136 19.60 -17.34 17.99
N LYS A 137 19.67 -16.02 18.07
CA LYS A 137 20.95 -15.30 17.86
C LYS A 137 21.67 -14.87 19.13
N THR A 138 21.23 -15.34 20.29
CA THR A 138 21.81 -14.87 21.56
C THR A 138 22.85 -15.85 22.09
N MET A 139 23.76 -15.37 22.94
CA MET A 139 24.75 -16.26 23.52
C MET A 139 25.02 -15.87 24.97
N GLY A 140 23.94 -15.76 25.73
CA GLY A 140 24.03 -15.62 27.16
C GLY A 140 23.86 -14.20 27.65
N TRP A 141 23.57 -14.07 28.93
CA TRP A 141 23.41 -12.75 29.55
C TRP A 141 24.76 -12.17 30.00
N GLU A 142 24.86 -10.84 29.99
CA GLU A 142 25.89 -10.18 30.78
C GLU A 142 25.56 -10.34 32.29
N PRO A 143 26.58 -10.24 33.16
CA PRO A 143 26.26 -10.14 34.59
C PRO A 143 25.45 -8.85 34.81
N SER A 144 24.67 -8.79 35.88
CA SER A 144 23.71 -7.68 36.02
C SER A 144 23.62 -7.17 37.46
N THR A 145 22.99 -6.02 37.61
CA THR A 145 22.84 -5.42 38.92
C THR A 145 21.39 -4.92 39.05
N GLU A 146 20.66 -5.55 39.98
CA GLU A 146 19.25 -5.21 40.25
C GLU A 146 19.16 -4.13 41.32
N ARG A 147 18.25 -3.17 41.10
CA ARG A 147 17.98 -2.13 42.09
C ARG A 147 16.69 -2.47 42.79
N LEU A 148 16.74 -2.70 44.12
CA LEU A 148 15.55 -3.11 44.88
C LEU A 148 15.12 -2.10 45.91
N TYR A 149 13.84 -2.15 46.27
CA TYR A 149 13.28 -1.23 47.28
C TYR A 149 11.95 -1.81 47.75
N PRO A 150 11.52 -1.45 48.95
CA PRO A 150 10.19 -1.88 49.41
C PRO A 150 9.09 -0.96 48.88
N ARG A 151 7.93 -1.57 48.62
CA ARG A 151 6.78 -0.79 48.17
C ARG A 151 5.52 -1.63 48.33
N ASP A 152 4.45 -1.01 48.84
CA ASP A 152 3.14 -1.70 48.85
C ASP A 152 3.26 -2.97 49.75
N GLY A 153 4.16 -2.98 50.75
CA GLY A 153 4.31 -4.15 51.65
C GLY A 153 4.96 -5.35 50.99
N VAL A 154 5.55 -5.13 49.82
CA VAL A 154 6.30 -6.19 49.13
C VAL A 154 7.67 -5.65 48.67
N LEU A 155 8.49 -6.52 48.05
CA LEU A 155 9.85 -6.13 47.66
C LEU A 155 9.84 -6.05 46.12
N LYS A 156 10.38 -4.96 45.57
CA LYS A 156 10.40 -4.82 44.10
C LYS A 156 11.80 -4.60 43.60
N GLY A 157 12.06 -4.95 42.35
CA GLY A 157 13.39 -4.68 41.82
C GLY A 157 13.38 -4.51 40.32
N GLU A 158 14.31 -3.73 39.81
CA GLU A 158 14.42 -3.59 38.35
C GLU A 158 15.84 -3.74 37.90
N ILE A 159 16.00 -4.12 36.65
CA ILE A 159 17.34 -4.44 36.13
C ILE A 159 17.41 -4.04 34.66
N HIS A 160 18.50 -3.41 34.27
CA HIS A 160 18.83 -3.25 32.84
C HIS A 160 19.75 -4.39 32.44
N LYS A 161 19.15 -5.38 31.77
CA LYS A 161 19.93 -6.59 31.38
C LYS A 161 20.26 -6.57 29.88
N ALA A 162 21.15 -7.47 29.48
CA ALA A 162 21.53 -7.51 28.05
C ALA A 162 21.93 -8.92 27.71
N LEU A 163 21.42 -9.36 26.55
CA LEU A 163 21.84 -10.62 25.94
C LEU A 163 22.96 -10.33 24.93
N LYS A 164 24.04 -11.12 24.97
CA LYS A 164 25.11 -10.99 23.99
C LYS A 164 24.64 -11.61 22.70
N LEU A 165 24.93 -10.95 21.58
CA LEU A 165 24.54 -11.45 20.26
C LEU A 165 25.69 -12.25 19.67
N LYS A 166 25.37 -13.37 19.01
CA LYS A 166 26.40 -14.26 18.48
C LYS A 166 27.43 -13.53 17.60
N ASP A 167 26.97 -12.61 16.77
CA ASP A 167 27.87 -11.90 15.87
C ASP A 167 28.25 -10.52 16.42
N GLY A 168 28.14 -10.35 17.73
CA GLY A 168 28.56 -9.15 18.41
C GLY A 168 27.43 -8.17 18.66
N GLY A 169 27.62 -7.33 19.67
CA GLY A 169 26.59 -6.37 20.07
C GLY A 169 25.70 -6.95 21.16
N HIS A 170 24.71 -6.16 21.57
CA HIS A 170 23.83 -6.54 22.68
C HIS A 170 22.37 -6.39 22.29
N TYR A 171 21.53 -7.19 22.94
CA TYR A 171 20.09 -7.10 22.75
C TYR A 171 19.55 -6.82 24.16
N LEU A 172 18.94 -5.64 24.33
CA LEU A 172 18.60 -5.11 25.66
C LEU A 172 17.24 -5.50 26.15
N VAL A 173 17.17 -5.79 27.45
CA VAL A 173 15.91 -6.26 28.07
C VAL A 173 15.84 -5.59 29.44
N GLU A 174 14.70 -4.96 29.75
CA GLU A 174 14.47 -4.40 31.10
C GLU A 174 13.63 -5.39 31.93
N PHE A 175 14.09 -5.72 33.15
CA PHE A 175 13.32 -6.60 34.02
C PHE A 175 12.67 -5.75 35.12
N LYS A 176 11.41 -6.04 35.42
CA LYS A 176 10.74 -5.52 36.62
C LYS A 176 10.20 -6.70 37.37
N SER A 177 10.60 -6.85 38.63
CA SER A 177 10.19 -8.02 39.43
C SER A 177 9.51 -7.59 40.71
N ILE A 178 8.63 -8.45 41.18
CA ILE A 178 7.90 -8.23 42.43
C ILE A 178 8.01 -9.52 43.23
N TYR A 179 8.44 -9.42 44.49
CA TYR A 179 8.66 -10.61 45.33
C TYR A 179 7.66 -10.46 46.49
N MET A 180 6.80 -11.47 46.64
CA MET A 180 5.68 -11.40 47.58
CA MET A 180 5.68 -11.39 47.58
C MET A 180 5.69 -12.56 48.56
N ALA A 181 6.23 -12.32 49.74
CA ALA A 181 6.22 -13.32 50.78
C ALA A 181 4.79 -13.66 51.18
N LYS A 182 4.59 -14.90 51.62
CA LYS A 182 3.23 -15.34 51.93
C LYS A 182 2.73 -14.78 53.25
N LYS A 183 3.67 -14.35 54.08
CA LYS A 183 3.38 -13.52 55.30
C LYS A 183 4.25 -12.24 55.29
N PRO A 184 3.79 -11.16 55.96
CA PRO A 184 4.58 -9.91 55.92
C PRO A 184 5.87 -9.91 56.75
N VAL A 185 6.80 -10.76 56.33
CA VAL A 185 8.13 -10.80 56.96
C VAL A 185 8.90 -9.51 56.63
N GLN A 186 10.01 -9.28 57.32
CA GLN A 186 10.63 -7.96 57.30
C GLN A 186 11.20 -7.59 55.94
N LEU A 187 11.02 -6.32 55.58
CA LEU A 187 11.53 -5.83 54.27
C LEU A 187 12.87 -5.09 54.46
N PRO A 188 13.76 -5.14 53.44
CA PRO A 188 14.98 -4.33 53.42
C PRO A 188 14.61 -2.93 52.94
N GLY A 189 15.61 -2.06 52.90
CA GLY A 189 15.45 -0.74 52.28
C GLY A 189 15.94 -0.81 50.84
N TYR A 190 16.41 0.33 50.35
CA TYR A 190 16.96 0.45 49.00
C TYR A 190 18.30 -0.25 48.94
N TYR A 191 18.47 -1.20 48.02
CA TYR A 191 19.75 -1.92 47.95
C TYR A 191 19.91 -2.57 46.61
N TYR A 192 21.02 -3.30 46.43
CA TYR A 192 21.34 -3.87 45.11
C TYR A 192 21.66 -5.34 45.20
N VAL A 193 21.36 -6.06 44.13
CA VAL A 193 21.78 -7.48 44.00
C VAL A 193 22.57 -7.66 42.71
N ASP A 194 23.82 -8.10 42.83
CA ASP A 194 24.66 -8.43 41.68
C ASP A 194 24.45 -9.91 41.37
N SER A 195 24.28 -10.23 40.09
CA SER A 195 24.03 -11.61 39.68
C SER A 195 24.84 -11.95 38.43
N LYS A 196 25.18 -13.21 38.26
CA LYS A 196 25.77 -13.67 37.00
C LYS A 196 25.28 -15.08 36.74
N LEU A 197 24.54 -15.22 35.65
CA LEU A 197 23.97 -16.54 35.25
CA LEU A 197 23.93 -16.51 35.24
C LEU A 197 24.65 -17.03 34.00
N ASP A 198 25.07 -18.30 34.07
CA ASP A 198 25.84 -18.93 32.99
C ASP A 198 25.12 -20.19 32.53
N ILE A 199 25.07 -20.42 31.22
CA ILE A 199 24.69 -21.73 30.70
C ILE A 199 26.00 -22.53 30.61
N THR A 200 26.08 -23.59 31.40
CA THR A 200 27.33 -24.34 31.53
C THR A 200 27.43 -25.51 30.57
N SER A 201 26.28 -26.00 30.10
CA SER A 201 26.29 -27.02 29.03
C SER A 201 24.87 -27.16 28.50
N HIS A 202 24.74 -27.77 27.34
CA HIS A 202 23.40 -27.99 26.78
C HIS A 202 23.57 -28.93 25.61
N ASN A 203 22.50 -29.63 25.26
CA ASN A 203 22.51 -30.45 24.05
C ASN A 203 22.18 -29.58 22.83
N GLU A 204 22.30 -30.19 21.65
CA GLU A 204 22.20 -29.46 20.40
C GLU A 204 20.89 -28.65 20.21
N ASP A 205 19.78 -29.25 20.59
CA ASP A 205 18.51 -28.54 20.41
C ASP A 205 18.00 -27.85 21.70
N TYR A 206 18.87 -27.72 22.69
CA TYR A 206 18.50 -27.09 24.00
C TYR A 206 17.27 -27.71 24.67
N THR A 207 17.15 -29.03 24.53
CA THR A 207 16.15 -29.79 25.27
C THR A 207 16.64 -30.27 26.64
N ILE A 208 17.96 -30.22 26.85
CA ILE A 208 18.54 -30.45 28.20
C ILE A 208 19.62 -29.40 28.35
N VAL A 209 19.55 -28.65 29.46
CA VAL A 209 20.39 -27.46 29.67
C VAL A 209 20.83 -27.40 31.13
N GLU A 210 22.10 -27.06 31.38
CA GLU A 210 22.56 -26.85 32.76
C GLU A 210 22.97 -25.40 32.94
N GLN A 211 22.66 -24.86 34.13
CA GLN A 211 22.91 -23.47 34.45
C GLN A 211 23.69 -23.36 35.77
N TYR A 212 24.38 -22.23 35.94
CA TYR A 212 25.00 -21.87 37.22
C TYR A 212 24.69 -20.40 37.47
N GLU A 213 24.38 -20.04 38.72
CA GLU A 213 24.19 -18.63 39.06
C GLU A 213 24.92 -18.29 40.36
N ARG A 214 25.55 -17.11 40.37
CA ARG A 214 26.10 -16.49 41.57
C ARG A 214 25.32 -15.19 41.80
N ALA A 215 24.94 -14.91 43.05
CA ALA A 215 24.20 -13.67 43.34
C ALA A 215 24.48 -13.22 44.77
N GLU A 216 24.65 -11.91 44.95
CA GLU A 216 24.99 -11.36 46.29
C GLU A 216 24.37 -9.99 46.45
N GLY A 217 23.69 -9.77 47.59
CA GLY A 217 23.09 -8.45 47.89
C GLY A 217 24.05 -7.55 48.65
N ARG A 218 23.89 -6.25 48.46
CA ARG A 218 24.81 -5.27 49.07
C ARG A 218 24.19 -3.89 49.06
N HIS A 219 24.72 -2.99 49.89
CA HIS A 219 24.41 -1.56 49.72
C HIS A 219 25.15 -1.02 48.49
N HIS A 220 24.71 0.15 48.05
CA HIS A 220 25.49 0.89 47.07
C HIS A 220 26.92 1.06 47.58
N LEU A 221 27.88 1.02 46.68
CA LEU A 221 29.31 1.03 47.02
C LEU A 221 29.79 2.30 47.68
N PHE A 222 29.07 3.41 47.52
CA PHE A 222 29.48 4.70 48.08
C PHE A 222 28.92 4.92 49.48
N LEU A 223 28.13 3.96 49.95
CA LEU A 223 27.50 4.10 51.24
C LEU A 223 28.42 3.59 52.35
N VAL B 7 45.10 17.89 27.87
CA VAL B 7 44.28 19.12 28.07
C VAL B 7 43.41 19.01 29.32
N ILE B 8 43.15 17.80 29.78
CA ILE B 8 42.36 17.69 31.00
C ILE B 8 43.31 17.56 32.20
N LYS B 9 43.38 18.64 32.97
CA LYS B 9 44.27 18.74 34.12
C LYS B 9 43.65 18.05 35.36
N GLU B 10 44.44 17.91 36.43
CA GLU B 10 43.92 17.27 37.64
C GLU B 10 42.83 18.07 38.34
N PHE B 11 42.83 19.38 38.13
CA PHE B 11 41.75 20.25 38.58
C PHE B 11 41.22 21.02 37.38
N MET B 12 39.89 21.04 37.20
CA MET B 12 39.27 21.74 36.06
C MET B 12 38.03 22.43 36.53
N ARG B 13 37.80 23.64 36.01
CA ARG B 13 36.56 24.34 36.24
C ARG B 13 35.61 24.18 35.05
N PHE B 14 34.33 24.46 35.29
CA PHE B 14 33.36 24.53 34.20
C PHE B 14 32.38 25.68 34.37
N LYS B 15 31.77 26.08 33.25
CA LYS B 15 30.68 27.05 33.25
C LYS B 15 29.49 26.33 32.62
N VAL B 16 28.30 26.57 33.15
CA VAL B 16 27.11 25.92 32.59
C VAL B 16 25.92 26.87 32.47
N ARG B 17 25.12 26.68 31.42
CA ARG B 17 23.84 27.38 31.29
C ARG B 17 22.81 26.45 30.74
N MET B 18 21.58 26.64 31.20
CA MET B 18 20.45 25.81 30.81
C MET B 18 19.29 26.69 30.42
N GLU B 19 18.62 26.32 29.33
CA GLU B 19 17.32 26.85 28.98
C GLU B 19 16.36 25.69 29.11
N GLY B 20 15.34 25.84 29.94
CA GLY B 20 14.42 24.71 30.18
C GLY B 20 12.96 25.10 30.27
N SER B 21 12.11 24.08 30.25
CA SER B 21 10.69 24.24 30.53
CA SER B 21 10.67 24.22 30.44
C SER B 21 10.15 22.97 31.16
N VAL B 22 9.20 23.14 32.07
CA VAL B 22 8.51 22.02 32.72
C VAL B 22 7.01 22.38 32.72
N ASN B 23 6.20 21.51 32.14
CA ASN B 23 4.74 21.74 32.08
C ASN B 23 4.43 23.19 31.65
N GLY B 24 5.15 23.66 30.63
CA GLY B 24 4.85 24.98 30.04
C GLY B 24 5.48 26.14 30.79
N HIS B 25 6.14 25.87 31.93
CA HIS B 25 6.86 26.94 32.66
C HIS B 25 8.32 27.05 32.19
N GLU B 26 8.70 28.14 31.51
CA GLU B 26 10.09 28.30 31.03
C GLU B 26 10.97 29.00 32.04
N PHE B 27 12.26 28.64 32.00
CA PHE B 27 13.23 29.20 32.92
C PHE B 27 14.62 29.12 32.33
N GLU B 28 15.54 29.85 32.96
CA GLU B 28 16.96 29.81 32.59
C GLU B 28 17.80 29.75 33.85
N ILE B 29 18.88 29.00 33.76
CA ILE B 29 19.81 28.83 34.90
C ILE B 29 21.23 29.03 34.38
N GLU B 30 22.07 29.68 35.19
CA GLU B 30 23.50 29.84 34.87
C GLU B 30 24.30 29.44 36.11
N GLY B 31 25.45 28.86 35.88
CA GLY B 31 26.28 28.43 37.00
C GLY B 31 27.69 28.11 36.64
N GLU B 32 28.40 27.60 37.63
CA GLU B 32 29.78 27.20 37.45
C GLU B 32 30.09 26.06 38.39
N GLY B 33 31.16 25.35 38.09
CA GLY B 33 31.57 24.25 38.93
C GLY B 33 33.06 24.03 38.84
N GLU B 34 33.50 23.02 39.58
CA GLU B 34 34.91 22.65 39.58
C GLU B 34 35.07 21.26 40.14
N GLY B 35 36.21 20.65 39.88
CA GLY B 35 36.41 19.31 40.42
C GLY B 35 37.72 18.70 39.97
N ARG B 36 37.83 17.39 40.24
CA ARG B 36 39.07 16.62 40.00
C ARG B 36 38.70 15.49 39.04
N PRO B 37 38.90 15.71 37.73
CA PRO B 37 38.32 14.78 36.73
C PRO B 37 38.81 13.33 36.86
N TYR B 38 40.03 13.14 37.36
CA TYR B 38 40.58 11.79 37.52
C TYR B 38 40.25 11.14 38.85
N GLU B 39 39.70 11.91 39.78
CA GLU B 39 39.31 11.42 41.09
C GLU B 39 37.81 11.17 41.22
N GLY B 40 37.07 11.68 40.26
CA GLY B 40 35.62 11.47 40.20
C GLY B 40 34.78 12.38 41.09
N THR B 41 35.29 13.55 41.46
CA THR B 41 34.58 14.43 42.39
C THR B 41 34.41 15.82 41.81
N GLN B 42 33.28 16.47 42.13
CA GLN B 42 33.05 17.81 41.60
C GLN B 42 31.96 18.52 42.39
N THR B 43 32.00 19.85 42.35
CA THR B 43 30.92 20.69 42.89
C THR B 43 30.36 21.66 41.82
N ALA B 44 29.13 22.12 42.04
CA ALA B 44 28.50 23.11 41.15
C ALA B 44 27.71 24.10 41.97
N LYS B 45 27.60 25.33 41.45
CA LYS B 45 26.71 26.35 42.07
C LYS B 45 25.90 26.92 40.95
N LEU B 46 24.58 26.83 41.09
CA LEU B 46 23.65 27.25 40.05
C LEU B 46 22.77 28.37 40.55
N LYS B 47 22.41 29.27 39.63
CA LYS B 47 21.47 30.36 39.94
C LYS B 47 20.39 30.43 38.89
N VAL B 48 19.14 30.51 39.32
CA VAL B 48 18.02 30.68 38.39
C VAL B 48 18.03 32.14 37.99
N THR B 49 18.20 32.37 36.68
CA THR B 49 18.32 33.74 36.16
C THR B 49 17.05 34.25 35.46
N LYS B 50 16.16 33.34 35.07
CA LYS B 50 14.89 33.73 34.48
C LYS B 50 13.85 32.70 34.88
N GLY B 51 12.64 33.16 35.17
CA GLY B 51 11.53 32.25 35.49
C GLY B 51 11.49 31.71 36.92
N GLY B 52 12.29 32.31 37.80
CA GLY B 52 12.27 31.94 39.22
C GLY B 52 11.23 32.74 40.00
N PRO B 53 10.82 32.20 41.17
CA PRO B 53 11.21 30.86 41.66
C PRO B 53 10.51 29.74 40.86
N LEU B 54 11.18 28.60 40.76
CA LEU B 54 10.62 27.49 39.97
C LEU B 54 9.44 26.81 40.65
N PRO B 55 8.36 26.51 39.88
CA PRO B 55 7.19 25.84 40.49
C PRO B 55 7.26 24.31 40.56
N PHE B 56 8.46 23.73 40.55
CA PHE B 56 8.60 22.29 40.52
C PHE B 56 9.89 21.95 41.26
N ALA B 57 10.06 20.66 41.55
CA ALA B 57 11.23 20.16 42.30
C ALA B 57 12.57 20.42 41.63
N TRP B 58 13.49 21.06 42.32
CA TRP B 58 14.87 21.24 41.83
C TRP B 58 15.51 19.93 41.46
N ASP B 59 15.19 18.86 42.19
CA ASP B 59 15.83 17.55 42.00
C ASP B 59 15.82 17.03 40.54
N ILE B 60 14.78 17.34 39.76
CA ILE B 60 14.78 16.85 38.36
C ILE B 60 15.84 17.53 37.47
N LEU B 61 16.30 18.72 37.90
CA LEU B 61 17.34 19.45 37.18
C LEU B 61 18.74 19.06 37.60
N SER B 62 18.91 18.57 38.84
CA SER B 62 20.28 18.45 39.37
C SER B 62 21.22 17.57 38.51
N PRO B 63 20.72 16.42 37.97
CA PRO B 63 21.61 15.58 37.15
C PRO B 63 21.83 16.10 35.76
N GLN B 64 21.31 17.29 35.43
CA GLN B 64 21.61 17.88 34.11
C GLN B 64 22.75 18.89 34.13
N PHE B 65 23.06 19.34 35.33
N PHE B 65 23.09 19.31 35.34
CA PHE B 65 24.29 20.16 35.49
CA PHE B 65 24.33 20.10 35.54
C PHE B 65 25.44 19.27 35.73
C PHE B 65 25.52 19.17 35.71
N1 CRQ B 66 25.05 18.10 36.22
N1 CRQ B 66 26.10 18.04 35.99
CA1 CRQ B 66 25.93 17.06 36.58
CA1 CRQ B 66 25.76 16.96 36.63
CB1 CRQ B 66 26.03 17.11 38.09
CB1 CRQ B 66 25.91 17.16 38.13
CG1 CRQ B 66 27.33 17.84 38.39
CG1 CRQ B 66 27.28 17.80 38.39
C1 CRQ B 66 25.45 15.74 36.01
C1 CRQ B 66 25.39 15.77 36.02
N2 CRQ B 66 25.10 14.67 36.76
N2 CRQ B 66 25.05 14.69 36.74
N3 CRQ B 66 25.35 15.46 34.69
N3 CRQ B 66 25.33 15.47 34.69
C2 CRQ B 66 24.93 14.20 34.60
C2 CRQ B 66 24.93 14.19 34.60
O2 CRQ B 66 24.70 13.62 33.54
O2 CRQ B 66 24.73 13.60 33.54
CA2 CRQ B 66 24.76 13.69 35.90
CA2 CRQ B 66 24.74 13.69 35.89
CA3 CRQ B 66 25.58 16.30 33.49
CA3 CRQ B 66 25.56 16.30 33.50
CB2 CRQ B 66 24.29 12.37 36.06
CB2 CRQ B 66 24.31 12.36 36.06
CG2 CRQ B 66 24.01 11.66 37.26
CG2 CRQ B 66 24.01 11.66 37.26
CD1 CRQ B 66 24.13 12.19 38.55
CD1 CRQ B 66 24.15 12.19 38.56
CD2 CRQ B 66 23.53 10.35 37.10
CD2 CRQ B 66 23.53 10.35 37.10
CE1 CRQ B 66 23.79 11.38 39.66
CE1 CRQ B 66 23.81 11.38 39.66
CE2 CRQ B 66 23.21 9.55 38.20
CE2 CRQ B 66 23.21 9.55 38.20
CZ CRQ B 66 23.34 10.06 39.49
CZ CRQ B 66 23.34 10.06 39.49
OH CRQ B 66 23.02 9.25 40.55
OH CRQ B 66 23.00 9.26 40.55
OE1 CRQ B 66 26.43 18.46 40.52
OE1 CRQ B 66 26.43 18.48 40.52
C3 CRQ B 66 27.04 16.69 33.33
C3 CRQ B 66 27.02 16.69 33.34
O3 CRQ B 66 27.24 17.49 32.25
O3 CRQ B 66 27.23 17.49 32.26
CD3 CRQ B 66 27.40 18.47 39.78
CD3 CRQ B 66 27.39 18.45 39.77
NE1 CRQ B 66 28.60 18.92 40.13
NE1 CRQ B 66 28.60 18.93 40.07
N SER B 67 27.98 16.02 33.93
CA SER B 67 29.35 16.56 33.90
C SER B 67 30.23 15.31 34.03
N LYS B 68 29.99 14.35 33.13
CA LYS B 68 30.57 13.02 33.22
C LYS B 68 32.01 12.90 32.70
N VAL B 69 32.61 14.02 32.31
CA VAL B 69 34.05 14.04 32.15
C VAL B 69 34.77 13.87 33.50
N TYR B 70 34.08 14.08 34.63
N TYR B 70 34.07 14.12 34.61
CA TYR B 70 34.72 13.95 35.95
CA TYR B 70 34.62 13.89 35.97
C TYR B 70 34.68 12.53 36.54
C TYR B 70 34.16 12.54 36.54
N VAL B 71 34.11 11.57 35.81
N VAL B 71 34.36 11.47 35.77
CA VAL B 71 34.03 10.20 36.35
CA VAL B 71 34.07 10.13 36.25
C VAL B 71 35.41 9.56 36.41
C VAL B 71 35.41 9.42 36.36
N LYS B 72 35.75 8.98 37.57
CA LYS B 72 37.02 8.24 37.73
C LYS B 72 36.93 6.90 36.97
N HIS B 73 37.88 6.67 36.06
CA HIS B 73 37.97 5.41 35.29
C HIS B 73 39.27 4.67 35.55
N PRO B 74 39.20 3.35 35.75
CA PRO B 74 40.44 2.58 35.85
C PRO B 74 41.15 2.60 34.51
N ALA B 75 42.47 2.38 34.50
CA ALA B 75 43.24 2.37 33.27
C ALA B 75 42.76 1.44 32.16
N ASP B 76 42.12 0.32 32.53
CA ASP B 76 41.70 -0.67 31.54
C ASP B 76 40.28 -0.44 30.99
N ILE B 77 39.63 0.65 31.39
CA ILE B 77 38.34 1.00 30.76
C ILE B 77 38.53 2.33 30.03
N PRO B 78 38.44 2.30 28.67
CA PRO B 78 38.58 3.55 27.92
C PRO B 78 37.64 4.64 28.42
N ASP B 79 38.22 5.81 28.68
CA ASP B 79 37.47 6.95 29.22
C ASP B 79 37.02 7.83 28.05
N TYR B 80 36.01 7.34 27.35
CA TYR B 80 35.49 7.93 26.12
C TYR B 80 35.29 9.46 26.22
N LYS B 81 34.65 9.91 27.29
CA LYS B 81 34.35 11.35 27.45
C LYS B 81 35.62 12.19 27.60
N LYS B 82 36.60 11.69 28.39
CA LYS B 82 37.85 12.47 28.50
C LYS B 82 38.59 12.44 27.14
N LEU B 83 38.59 11.28 26.50
CA LEU B 83 39.22 11.14 25.19
C LEU B 83 38.71 12.08 24.10
N SER B 84 37.44 12.50 24.23
CA SER B 84 36.83 13.37 23.24
C SER B 84 37.37 14.81 23.22
N PHE B 85 38.08 15.19 24.29
CA PHE B 85 38.63 16.57 24.38
C PHE B 85 39.97 16.63 23.66
N PRO B 86 40.38 17.83 23.17
CA PRO B 86 39.77 19.16 23.39
C PRO B 86 38.45 19.51 22.69
N GLU B 87 38.07 18.83 21.62
CA GLU B 87 36.82 19.24 20.94
C GLU B 87 35.59 19.03 21.83
N GLY B 88 35.53 17.85 22.44
CA GLY B 88 34.49 17.58 23.41
C GLY B 88 33.43 16.63 22.92
N PHE B 89 32.27 16.71 23.55
CA PHE B 89 31.22 15.76 23.23
C PHE B 89 29.84 16.37 23.47
N LYS B 90 28.81 15.70 22.98
CA LYS B 90 27.43 16.07 23.30
C LYS B 90 26.83 14.93 24.07
N TRP B 91 25.85 15.22 24.91
CA TRP B 91 25.06 14.11 25.49
C TRP B 91 23.58 14.43 25.39
N GLU B 92 22.79 13.38 25.31
CA GLU B 92 21.32 13.49 25.25
C GLU B 92 20.73 12.50 26.22
N ARG B 93 19.48 12.75 26.60
CA ARG B 93 18.88 11.91 27.65
C ARG B 93 17.35 11.95 27.57
N VAL B 94 16.76 10.79 27.89
CA VAL B 94 15.34 10.68 28.21
CA VAL B 94 15.35 10.72 28.23
C VAL B 94 15.23 10.33 29.70
N MET B 95 14.37 11.02 30.44
CA MET B 95 14.01 10.59 31.79
C MET B 95 12.52 10.22 31.73
N ASN B 96 12.20 8.97 32.05
CA ASN B 96 10.81 8.44 32.07
C ASN B 96 10.41 8.28 33.53
N PHE B 97 9.50 9.14 33.99
CA PHE B 97 9.07 9.14 35.40
C PHE B 97 7.88 8.21 35.56
N GLU B 98 7.74 7.59 36.74
CA GLU B 98 6.75 6.53 36.87
C GLU B 98 5.30 6.99 36.81
N ASP B 99 5.05 8.28 37.05
CA ASP B 99 3.69 8.85 36.94
C ASP B 99 3.42 9.54 35.61
N GLY B 100 4.27 9.28 34.62
CA GLY B 100 4.00 9.71 33.24
C GLY B 100 4.81 10.91 32.80
N GLY B 101 5.47 11.59 33.74
CA GLY B 101 6.31 12.73 33.31
C GLY B 101 7.40 12.24 32.34
N VAL B 102 7.77 13.06 31.37
CA VAL B 102 8.83 12.67 30.43
C VAL B 102 9.67 13.90 30.18
N VAL B 103 10.99 13.75 30.27
CA VAL B 103 11.90 14.83 29.94
C VAL B 103 12.85 14.40 28.85
N THR B 104 13.11 15.27 27.88
CA THR B 104 14.33 15.09 27.07
C THR B 104 15.29 16.24 27.26
N VAL B 105 16.57 15.93 27.10
CA VAL B 105 17.66 16.90 27.38
C VAL B 105 18.70 16.71 26.28
N THR B 106 19.28 17.84 25.86
CA THR B 106 20.35 17.82 24.87
C THR B 106 21.42 18.80 25.37
N GLN B 107 22.68 18.38 25.28
CA GLN B 107 23.76 19.12 25.96
C GLN B 107 25.01 19.14 25.12
N ASP B 108 25.72 20.26 25.14
CA ASP B 108 27.00 20.35 24.41
C ASP B 108 28.10 20.69 25.42
N SER B 109 29.18 19.92 25.36
CA SER B 109 30.32 20.08 26.25
C SER B 109 31.56 20.41 25.41
N SER B 110 32.15 21.58 25.67
CA SER B 110 33.35 21.99 24.97
CA SER B 110 33.34 22.01 24.97
C SER B 110 34.39 22.46 25.98
N LEU B 111 35.54 22.93 25.49
CA LEU B 111 36.65 23.32 26.32
C LEU B 111 37.23 24.61 25.72
N GLN B 112 37.32 25.63 26.55
CA GLN B 112 37.75 26.95 26.07
C GLN B 112 38.76 27.50 27.05
N ASP B 113 40.01 27.59 26.59
CA ASP B 113 41.07 28.16 27.43
C ASP B 113 41.12 27.54 28.84
N GLY B 114 41.06 26.20 28.85
CA GLY B 114 41.21 25.38 30.03
C GLY B 114 39.97 25.26 30.91
N CYS B 115 38.83 25.82 30.47
CA CYS B 115 37.61 25.75 31.25
C CYS B 115 36.58 24.97 30.41
N PHE B 116 35.91 23.99 31.00
CA PHE B 116 34.82 23.35 30.24
C PHE B 116 33.63 24.29 30.11
N ILE B 117 32.89 24.15 29.01
CA ILE B 117 31.76 25.01 28.72
C ILE B 117 30.57 24.09 28.43
N TYR B 118 29.54 24.19 29.26
CA TYR B 118 28.35 23.33 29.14
C TYR B 118 27.14 24.16 28.74
N LYS B 119 26.40 23.67 27.75
CA LYS B 119 25.14 24.33 27.31
C LYS B 119 24.07 23.26 27.28
N VAL B 120 22.95 23.50 27.97
CA VAL B 120 21.93 22.46 28.16
C VAL B 120 20.58 23.00 27.71
N LYS B 121 19.80 22.17 27.02
CA LYS B 121 18.36 22.47 26.75
C LYS B 121 17.53 21.31 27.28
N PHE B 122 16.42 21.63 27.91
CA PHE B 122 15.64 20.67 28.72
C PHE B 122 14.16 20.93 28.49
N ILE B 123 13.39 19.89 28.13
CA ILE B 123 11.93 20.00 28.03
C ILE B 123 11.29 18.87 28.80
N GLY B 124 10.51 19.22 29.82
CA GLY B 124 9.80 18.25 30.67
C GLY B 124 8.31 18.49 30.49
N VAL B 125 7.57 17.40 30.29
CA VAL B 125 6.15 17.48 29.97
C VAL B 125 5.38 16.36 30.68
N ASN B 126 4.08 16.56 30.85
CA ASN B 126 3.17 15.50 31.31
C ASN B 126 3.32 15.12 32.78
N PHE B 127 3.84 16.03 33.58
CA PHE B 127 3.85 15.85 35.04
C PHE B 127 2.46 16.11 35.62
N PRO B 128 1.93 15.15 36.42
CA PRO B 128 0.66 15.43 37.10
C PRO B 128 0.75 16.70 37.97
N SER B 129 -0.29 17.51 37.95
CA SER B 129 -0.25 18.77 38.70
C SER B 129 -0.15 18.54 40.21
N ASP B 130 -0.65 17.40 40.67
CA ASP B 130 -0.65 17.08 42.09
C ASP B 130 0.46 16.09 42.46
N GLY B 131 1.35 15.81 41.51
CA GLY B 131 2.41 14.83 41.69
C GLY B 131 3.62 15.41 42.42
N PRO B 132 4.60 14.55 42.78
CA PRO B 132 5.73 15.00 43.62
C PRO B 132 6.65 16.05 43.01
N VAL B 133 6.72 16.07 41.68
CA VAL B 133 7.52 17.09 41.01
C VAL B 133 6.87 18.47 41.09
N MET B 134 5.61 18.60 40.65
CA MET B 134 4.93 19.91 40.68
C MET B 134 4.62 20.37 42.10
N GLN B 135 4.54 19.44 43.03
CA GLN B 135 4.21 19.77 44.41
C GLN B 135 5.45 19.85 45.30
N LYS B 136 6.64 19.66 44.73
CA LYS B 136 7.94 19.80 45.46
C LYS B 136 7.99 18.86 46.67
N LYS B 137 7.71 17.58 46.43
CA LYS B 137 7.67 16.61 47.52
C LYS B 137 8.91 15.73 47.55
N THR B 138 9.92 16.06 46.75
CA THR B 138 11.07 15.20 46.67
C THR B 138 12.17 15.67 47.61
N MET B 139 13.01 14.73 48.02
CA MET B 139 14.08 14.99 48.98
C MET B 139 15.43 14.42 48.55
N GLY B 140 15.79 14.58 47.28
CA GLY B 140 17.10 14.17 46.80
C GLY B 140 17.11 12.78 46.20
N TRP B 141 18.18 12.48 45.49
CA TRP B 141 18.32 11.19 44.82
C TRP B 141 18.96 10.15 45.70
N GLU B 142 18.55 8.89 45.54
CA GLU B 142 19.41 7.81 46.01
C GLU B 142 20.68 7.77 45.19
N PRO B 143 21.78 7.28 45.78
CA PRO B 143 22.96 6.96 44.94
C PRO B 143 22.54 5.96 43.86
N SER B 144 23.22 5.96 42.70
CA SER B 144 22.74 5.12 41.56
C SER B 144 23.86 4.34 40.90
N THR B 145 23.46 3.44 40.01
CA THR B 145 24.44 2.67 39.22
C THR B 145 23.93 2.57 37.78
N GLU B 146 24.72 3.13 36.86
CA GLU B 146 24.38 3.16 35.43
C GLU B 146 25.03 1.99 34.73
N ARG B 147 24.28 1.39 33.80
CA ARG B 147 24.77 0.30 33.00
C ARG B 147 25.08 0.88 31.62
N LEU B 148 26.35 0.81 31.21
CA LEU B 148 26.83 1.37 29.93
C LEU B 148 27.28 0.32 28.94
N TYR B 149 27.22 0.68 27.66
CA TYR B 149 27.65 -0.24 26.59
C TYR B 149 27.86 0.62 25.33
N PRO B 150 28.73 0.14 24.42
CA PRO B 150 28.88 0.81 23.14
C PRO B 150 27.77 0.39 22.16
N ARG B 151 27.30 1.35 21.35
CA ARG B 151 26.34 1.04 20.28
C ARG B 151 26.41 2.14 19.22
N ASP B 152 26.38 1.76 17.95
CA ASP B 152 26.18 2.78 16.89
C ASP B 152 27.39 3.73 16.91
N GLY B 153 28.55 3.24 17.37
CA GLY B 153 29.79 4.08 17.46
C GLY B 153 29.83 5.12 18.58
N VAL B 154 28.84 5.08 19.45
CA VAL B 154 28.80 6.01 20.58
C VAL B 154 28.59 5.22 21.88
N LEU B 155 28.55 5.93 23.01
CA LEU B 155 28.41 5.29 24.30
C LEU B 155 27.00 5.53 24.86
N LYS B 156 26.34 4.46 25.35
CA LYS B 156 24.96 4.61 25.87
C LYS B 156 24.90 4.08 27.27
N GLY B 157 23.95 4.59 28.05
CA GLY B 157 23.82 4.10 29.42
C GLY B 157 22.40 4.25 29.95
N GLU B 158 21.99 3.34 30.85
CA GLU B 158 20.68 3.48 31.47
C GLU B 158 20.81 3.26 32.97
N ILE B 159 19.87 3.84 33.70
CA ILE B 159 19.89 3.81 35.16
C ILE B 159 18.45 3.74 35.66
N HIS B 160 18.24 2.92 36.69
CA HIS B 160 17.01 2.98 37.47
C HIS B 160 17.29 3.85 38.68
N LYS B 161 16.75 5.07 38.65
CA LYS B 161 17.00 6.05 39.70
C LYS B 161 15.75 6.25 40.56
N ALA B 162 15.93 6.95 41.68
CA ALA B 162 14.82 7.12 42.61
C ALA B 162 15.02 8.38 43.38
N LEU B 163 13.96 9.17 43.46
CA LEU B 163 13.92 10.34 44.35
C LEU B 163 13.29 9.91 45.66
N LYS B 164 13.87 10.33 46.77
CA LYS B 164 13.23 10.08 48.08
C LYS B 164 12.05 11.02 48.26
N LEU B 165 10.97 10.54 48.87
CA LEU B 165 9.77 11.36 49.09
C LEU B 165 9.70 11.88 50.50
N LYS B 166 9.27 13.15 50.66
CA LYS B 166 9.06 13.72 52.00
C LYS B 166 8.24 12.85 52.95
N ASP B 167 7.16 12.25 52.46
CA ASP B 167 6.29 11.44 53.31
C ASP B 167 6.72 9.97 53.34
N GLY B 168 7.93 9.70 52.84
CA GLY B 168 8.47 8.34 52.81
C GLY B 168 8.28 7.65 51.48
N GLY B 169 9.09 6.62 51.24
CA GLY B 169 9.05 5.89 49.98
C GLY B 169 9.83 6.62 48.88
N HIS B 170 9.65 6.15 47.64
CA HIS B 170 10.47 6.57 46.51
C HIS B 170 9.60 6.88 45.31
N TYR B 171 10.09 7.80 44.50
CA TYR B 171 9.47 8.21 43.25
C TYR B 171 10.47 7.81 42.16
N LEU B 172 10.07 6.84 41.34
CA LEU B 172 11.01 6.17 40.46
C LEU B 172 11.13 6.85 39.08
N VAL B 173 12.35 6.86 38.56
CA VAL B 173 12.64 7.50 37.27
C VAL B 173 13.70 6.67 36.53
N GLU B 174 13.43 6.34 35.27
CA GLU B 174 14.42 5.64 34.41
C GLU B 174 15.16 6.64 33.57
N PHE B 175 16.50 6.58 33.57
CA PHE B 175 17.34 7.45 32.71
C PHE B 175 17.83 6.62 31.55
N LYS B 176 17.80 7.21 30.37
CA LYS B 176 18.49 6.65 29.19
C LYS B 176 19.35 7.80 28.65
N SER B 177 20.67 7.60 28.58
CA SER B 177 21.56 8.65 28.09
C SER B 177 22.38 8.17 26.89
N ILE B 178 22.81 9.13 26.10
CA ILE B 178 23.62 8.88 24.92
C ILE B 178 24.75 9.90 24.98
N TYR B 179 25.99 9.41 24.91
CA TYR B 179 27.17 10.27 24.96
C TYR B 179 27.83 10.19 23.59
N MET B 180 27.99 11.32 22.92
CA MET B 180 28.47 11.34 21.53
CA MET B 180 28.43 11.37 21.52
C MET B 180 29.67 12.25 21.33
N ALA B 181 30.85 11.63 21.22
CA ALA B 181 32.06 12.42 20.98
C ALA B 181 31.90 13.21 19.66
N LYS B 182 32.45 14.42 19.62
CA LYS B 182 32.35 15.21 18.40
C LYS B 182 33.14 14.61 17.23
N LYS B 183 34.26 13.97 17.54
CA LYS B 183 35.00 13.07 16.62
C LYS B 183 35.07 11.69 17.30
N PRO B 184 34.70 10.60 16.60
CA PRO B 184 34.73 9.26 17.27
C PRO B 184 36.08 8.87 17.94
N VAL B 185 36.02 8.54 19.23
CA VAL B 185 37.19 8.11 19.97
C VAL B 185 36.91 6.72 20.53
N GLN B 186 37.92 6.13 21.15
CA GLN B 186 37.82 4.75 21.62
C GLN B 186 36.73 4.54 22.66
N LEU B 187 36.04 3.41 22.47
CA LEU B 187 34.91 3.02 23.32
C LEU B 187 35.31 1.94 24.30
N PRO B 188 34.68 1.96 25.48
CA PRO B 188 34.77 0.82 26.41
C PRO B 188 33.81 -0.30 25.98
N GLY B 189 33.85 -1.43 26.69
CA GLY B 189 32.81 -2.44 26.56
C GLY B 189 31.69 -2.20 27.57
N TYR B 190 31.00 -3.27 27.92
CA TYR B 190 29.92 -3.22 28.91
C TYR B 190 30.55 -2.93 30.28
N TYR B 191 30.04 -1.92 30.96
CA TYR B 191 30.56 -1.59 32.31
C TYR B 191 29.56 -0.74 33.07
N TYR B 192 29.94 -0.32 34.29
CA TYR B 192 29.04 0.37 35.20
C TYR B 192 29.65 1.63 35.76
N VAL B 193 28.81 2.63 36.05
CA VAL B 193 29.27 3.82 36.74
C VAL B 193 28.39 4.05 37.99
N ASP B 194 29.04 4.07 39.16
CA ASP B 194 28.37 4.36 40.44
C ASP B 194 28.43 5.88 40.62
N SER B 195 27.27 6.48 40.95
CA SER B 195 27.24 7.95 41.19
C SER B 195 26.49 8.28 42.46
N LYS B 196 26.82 9.42 43.06
CA LYS B 196 26.03 9.94 44.17
C LYS B 196 26.02 11.44 44.11
N LEU B 197 24.83 12.01 43.90
CA LEU B 197 24.67 13.48 43.77
C LEU B 197 23.92 14.01 44.98
N ASP B 198 24.49 15.02 45.62
CA ASP B 198 23.91 15.66 46.81
C ASP B 198 23.69 17.15 46.57
N ILE B 199 22.54 17.67 47.01
CA ILE B 199 22.33 19.12 47.16
C ILE B 199 22.97 19.49 48.51
N THR B 200 23.98 20.35 48.44
CA THR B 200 24.76 20.69 49.64
C THR B 200 24.36 22.00 50.31
N SER B 201 23.76 22.91 49.57
CA SER B 201 23.21 24.14 50.14
C SER B 201 22.23 24.80 49.18
N HIS B 202 21.41 25.70 49.71
CA HIS B 202 20.38 26.30 48.90
C HIS B 202 19.73 27.45 49.67
N ASN B 203 19.22 28.43 48.94
CA ASN B 203 18.44 29.49 49.58
C ASN B 203 16.97 29.04 49.74
N GLU B 204 16.11 29.87 50.32
CA GLU B 204 14.74 29.44 50.65
C GLU B 204 13.96 28.86 49.49
N ASP B 205 14.08 29.51 48.33
CA ASP B 205 13.21 29.15 47.21
C ASP B 205 13.98 28.42 46.11
N TYR B 206 15.20 27.97 46.43
CA TYR B 206 16.02 27.18 45.50
C TYR B 206 16.29 27.92 44.20
N THR B 207 16.48 29.23 44.30
CA THR B 207 16.98 30.01 43.17
C THR B 207 18.51 30.10 43.16
N ILE B 208 19.15 29.72 44.27
CA ILE B 208 20.62 29.54 44.30
C ILE B 208 20.85 28.22 45.00
N VAL B 209 21.58 27.31 44.35
CA VAL B 209 21.71 25.93 44.83
C VAL B 209 23.15 25.47 44.61
N GLU B 210 23.72 24.73 45.58
CA GLU B 210 25.04 24.10 45.35
C GLU B 210 24.90 22.58 45.40
N GLN B 211 25.75 21.89 44.62
CA GLN B 211 25.65 20.43 44.49
C GLN B 211 27.03 19.84 44.57
N TYR B 212 27.08 18.56 44.90
CA TYR B 212 28.31 17.79 44.91
C TYR B 212 28.03 16.44 44.29
N GLU B 213 28.96 15.96 43.45
CA GLU B 213 28.78 14.62 42.86
C GLU B 213 30.08 13.82 42.92
N ARG B 214 29.94 12.54 43.25
CA ARG B 214 31.04 11.59 43.17
C ARG B 214 30.63 10.50 42.17
N ALA B 215 31.54 10.13 41.28
CA ALA B 215 31.21 9.12 40.24
C ALA B 215 32.46 8.32 39.90
N GLU B 216 32.29 7.01 39.76
CA GLU B 216 33.42 6.10 39.49
C GLU B 216 32.97 4.97 38.58
N GLY B 217 33.72 4.75 37.50
CA GLY B 217 33.47 3.62 36.61
C GLY B 217 34.20 2.34 37.02
N ARG B 218 33.62 1.20 36.67
CA ARG B 218 34.19 -0.10 37.07
C ARG B 218 33.57 -1.23 36.27
N HIS B 219 34.24 -2.37 36.24
CA HIS B 219 33.58 -3.60 35.76
C HIS B 219 32.54 -4.07 36.77
N HIS B 220 31.61 -4.92 36.28
CA HIS B 220 30.76 -5.67 37.20
C HIS B 220 31.63 -6.39 38.25
N LEU B 221 31.15 -6.48 39.50
CA LEU B 221 31.97 -6.98 40.58
C LEU B 221 32.32 -8.47 40.41
N PHE B 222 31.55 -9.18 39.59
CA PHE B 222 31.75 -10.62 39.49
C PHE B 222 32.77 -11.00 38.42
N LEU B 223 33.26 -10.00 37.68
CA LEU B 223 34.21 -10.28 36.59
C LEU B 223 35.67 -10.35 37.04
N VAL C 7 -17.90 -22.04 5.97
CA VAL C 7 -17.91 -22.68 7.31
C VAL C 7 -18.37 -21.73 8.43
N ILE C 8 -18.23 -20.43 8.18
CA ILE C 8 -18.73 -19.44 9.13
C ILE C 8 -20.13 -19.03 8.66
N LYS C 9 -21.14 -19.43 9.44
CA LYS C 9 -22.54 -19.16 9.12
C LYS C 9 -22.98 -17.77 9.63
N GLU C 10 -24.17 -17.34 9.21
CA GLU C 10 -24.71 -16.07 9.69
C GLU C 10 -24.91 -16.00 11.20
N PHE C 11 -25.16 -17.16 11.82
CA PHE C 11 -25.20 -17.29 13.28
C PHE C 11 -24.20 -18.37 13.69
N MET C 12 -23.38 -18.08 14.69
CA MET C 12 -22.35 -18.98 15.20
C MET C 12 -22.30 -18.89 16.72
N ARG C 13 -22.12 -20.04 17.36
CA ARG C 13 -21.90 -20.10 18.80
C ARG C 13 -20.41 -20.27 19.08
N PHE C 14 -20.02 -19.98 20.30
CA PHE C 14 -18.67 -20.27 20.78
C PHE C 14 -18.66 -20.76 22.23
N LYS C 15 -17.59 -21.48 22.56
CA LYS C 15 -17.27 -21.90 23.93
C LYS C 15 -15.88 -21.36 24.26
N VAL C 16 -15.69 -20.93 25.49
CA VAL C 16 -14.42 -20.35 25.90
C VAL C 16 -14.00 -20.90 27.27
N ARG C 17 -12.69 -21.12 27.44
CA ARG C 17 -12.12 -21.44 28.76
C ARG C 17 -10.87 -20.59 28.95
N MET C 18 -10.71 -20.03 30.14
CA MET C 18 -9.58 -19.19 30.48
C MET C 18 -8.91 -19.70 31.74
N GLU C 19 -7.59 -19.80 31.71
CA GLU C 19 -6.80 -19.98 32.93
C GLU C 19 -6.02 -18.69 33.12
N GLY C 20 -6.14 -18.07 34.29
CA GLY C 20 -5.46 -16.79 34.48
C GLY C 20 -4.90 -16.56 35.85
N SER C 21 -4.10 -15.51 35.96
CA SER C 21 -3.63 -15.08 37.28
CA SER C 21 -3.56 -15.10 37.25
C SER C 21 -3.42 -13.57 37.28
N VAL C 22 -3.70 -12.96 38.42
CA VAL C 22 -3.49 -11.50 38.60
C VAL C 22 -2.86 -11.33 39.97
N ASN C 23 -1.69 -10.68 40.02
CA ASN C 23 -0.98 -10.45 41.29
C ASN C 23 -0.90 -11.73 42.15
N GLY C 24 -0.63 -12.84 41.48
CA GLY C 24 -0.46 -14.12 42.19
C GLY C 24 -1.72 -14.88 42.51
N HIS C 25 -2.89 -14.32 42.21
CA HIS C 25 -4.17 -14.99 42.47
C HIS C 25 -4.60 -15.75 41.21
N GLU C 26 -4.63 -17.09 41.29
CA GLU C 26 -4.96 -17.94 40.16
C GLU C 26 -6.47 -18.18 40.07
N PHE C 27 -6.99 -18.28 38.84
CA PHE C 27 -8.42 -18.51 38.64
C PHE C 27 -8.67 -19.19 37.30
N GLU C 28 -9.87 -19.75 37.13
CA GLU C 28 -10.31 -20.36 35.86
C GLU C 28 -11.73 -19.87 35.62
N ILE C 29 -12.03 -19.65 34.35
CA ILE C 29 -13.36 -19.19 33.92
C ILE C 29 -13.78 -19.99 32.72
N GLU C 30 -15.08 -20.30 32.63
CA GLU C 30 -15.58 -20.99 31.45
C GLU C 30 -16.83 -20.28 31.03
N GLY C 31 -17.10 -20.30 29.74
CA GLY C 31 -18.37 -19.76 29.28
C GLY C 31 -18.73 -20.09 27.86
N GLU C 32 -19.76 -19.41 27.39
CA GLU C 32 -20.29 -19.68 26.05
C GLU C 32 -20.80 -18.39 25.50
N GLY C 33 -20.86 -18.29 24.18
CA GLY C 33 -21.39 -17.08 23.54
C GLY C 33 -22.04 -17.39 22.20
N GLU C 34 -22.58 -16.35 21.58
CA GLU C 34 -23.21 -16.51 20.27
C GLU C 34 -23.34 -15.16 19.63
N GLY C 35 -23.51 -15.15 18.32
CA GLY C 35 -23.66 -13.85 17.65
C GLY C 35 -23.71 -14.03 16.15
N ARG C 36 -23.57 -12.91 15.48
CA ARG C 36 -23.75 -12.78 14.01
C ARG C 36 -22.45 -12.25 13.40
N PRO C 37 -21.59 -13.15 12.92
CA PRO C 37 -20.22 -12.74 12.55
C PRO C 37 -20.15 -11.70 11.44
N TYR C 38 -21.15 -11.68 10.55
CA TYR C 38 -21.15 -10.74 9.42
C TYR C 38 -21.83 -9.44 9.79
N GLU C 39 -22.43 -9.43 10.97
CA GLU C 39 -23.09 -8.21 11.45
C GLU C 39 -22.33 -7.48 12.58
N GLY C 40 -21.35 -8.17 13.15
CA GLY C 40 -20.48 -7.53 14.14
C GLY C 40 -21.09 -7.54 15.52
N THR C 41 -22.02 -8.45 15.81
CA THR C 41 -22.63 -8.45 17.15
C THR C 41 -22.49 -9.81 17.85
N GLN C 42 -22.35 -9.81 19.17
CA GLN C 42 -22.26 -11.07 19.91
C GLN C 42 -22.50 -10.88 21.40
N THR C 43 -22.86 -11.98 22.07
CA THR C 43 -23.03 -11.96 23.53
C THR C 43 -22.21 -13.12 24.10
N ALA C 44 -21.94 -13.05 25.40
CA ALA C 44 -21.21 -14.10 26.11
C ALA C 44 -21.74 -14.18 27.53
N LYS C 45 -21.70 -15.39 28.10
CA LYS C 45 -22.01 -15.56 29.52
C LYS C 45 -20.86 -16.36 30.10
N LEU C 46 -20.23 -15.80 31.13
CA LEU C 46 -19.03 -16.41 31.73
C LEU C 46 -19.33 -16.78 33.17
N LYS C 47 -18.67 -17.85 33.62
CA LYS C 47 -18.72 -18.27 35.02
C LYS C 47 -17.30 -18.54 35.54
N VAL C 48 -17.00 -17.99 36.71
CA VAL C 48 -15.75 -18.31 37.40
C VAL C 48 -15.90 -19.69 38.00
N THR C 49 -14.99 -20.59 37.62
CA THR C 49 -15.09 -22.00 37.99
C THR C 49 -14.02 -22.40 39.01
N LYS C 50 -12.94 -21.63 39.11
CA LYS C 50 -11.92 -21.81 40.17
C LYS C 50 -11.35 -20.45 40.58
N GLY C 51 -11.07 -20.28 41.87
CA GLY C 51 -10.49 -19.03 42.34
C GLY C 51 -11.46 -17.88 42.59
N GLY C 52 -12.76 -18.17 42.60
CA GLY C 52 -13.72 -17.11 42.88
C GLY C 52 -14.07 -17.03 44.36
N PRO C 53 -14.57 -15.88 44.79
CA PRO C 53 -14.77 -14.66 43.99
C PRO C 53 -13.42 -13.99 43.67
N LEU C 54 -13.33 -13.39 42.49
CA LEU C 54 -12.09 -12.71 42.11
C LEU C 54 -11.84 -11.47 42.95
N PRO C 55 -10.59 -11.28 43.37
CA PRO C 55 -10.26 -10.08 44.18
C PRO C 55 -9.84 -8.88 43.34
N PHE C 56 -10.28 -8.79 42.09
CA PHE C 56 -9.89 -7.68 41.23
C PHE C 56 -11.02 -7.40 40.24
N ALA C 57 -10.90 -6.27 39.53
CA ALA C 57 -11.94 -5.80 38.62
C ALA C 57 -12.19 -6.75 37.44
N TRP C 58 -13.45 -7.18 37.27
CA TRP C 58 -13.83 -8.04 36.13
C TRP C 58 -13.45 -7.42 34.78
N ASP C 59 -13.60 -6.10 34.70
CA ASP C 59 -13.35 -5.36 33.45
C ASP C 59 -12.02 -5.70 32.76
N ILE C 60 -10.97 -6.03 33.51
CA ILE C 60 -9.68 -6.35 32.82
C ILE C 60 -9.74 -7.67 32.07
N LEU C 61 -10.69 -8.55 32.44
CA LEU C 61 -10.89 -9.82 31.72
C LEU C 61 -11.84 -9.75 30.55
N SER C 62 -12.80 -8.81 30.58
CA SER C 62 -13.90 -8.84 29.62
C SER C 62 -13.45 -8.86 28.13
N PRO C 63 -12.40 -8.07 27.77
CA PRO C 63 -11.92 -8.10 26.38
C PRO C 63 -11.07 -9.31 25.99
N GLN C 64 -10.96 -10.32 26.87
CA GLN C 64 -10.20 -11.51 26.51
C GLN C 64 -11.15 -12.61 26.11
N PHE C 65 -12.43 -12.53 26.45
N PHE C 65 -12.44 -12.50 26.41
CA PHE C 65 -13.48 -13.49 26.07
CA PHE C 65 -13.49 -13.45 25.99
C PHE C 65 -14.01 -13.03 24.75
C PHE C 65 -14.01 -13.02 24.60
N1 CRQ C 66 -13.91 -11.69 24.65
N1 CRQ C 66 -14.22 -12.12 23.66
CA1 CRQ C 66 -14.28 -10.89 23.54
CA1 CRQ C 66 -14.16 -10.79 23.64
CB1 CRQ C 66 -15.56 -10.13 23.86
CB1 CRQ C 66 -15.49 -10.13 23.99
CG1 CRQ C 66 -16.64 -11.18 23.62
CG1 CRQ C 66 -16.60 -11.11 23.58
C1 CRQ C 66 -13.09 -10.01 23.06
C1 CRQ C 66 -13.06 -10.04 23.15
N2 CRQ C 66 -13.10 -8.67 23.07
N2 CRQ C 66 -13.07 -8.69 23.12
N3 CRQ C 66 -11.94 -10.45 22.51
N3 CRQ C 66 -11.93 -10.45 22.55
C2 CRQ C 66 -11.20 -9.38 22.19
C2 CRQ C 66 -11.21 -9.38 22.20
O2 CRQ C 66 -10.08 -9.40 21.68
O2 CRQ C 66 -10.09 -9.40 21.66
CA2 CRQ C 66 -11.94 -8.22 22.53
CA2 CRQ C 66 -11.94 -8.23 22.55
CA3 CRQ C 66 -11.39 -11.82 22.34
CA3 CRQ C 66 -11.38 -11.83 22.36
CB2 CRQ C 66 -11.37 -6.97 22.31
CB2 CRQ C 66 -11.37 -6.97 22.31
CG2 CRQ C 66 -11.95 -5.70 22.54
CG2 CRQ C 66 -11.96 -5.71 22.53
CD1 CRQ C 66 -13.21 -5.49 23.13
CD1 CRQ C 66 -13.22 -5.49 23.13
CD2 CRQ C 66 -11.21 -4.59 22.12
CD2 CRQ C 66 -11.22 -4.59 22.12
CE1 CRQ C 66 -13.70 -4.17 23.28
CE1 CRQ C 66 -13.71 -4.18 23.28
CE2 CRQ C 66 -11.71 -3.29 22.26
CE2 CRQ C 66 -11.72 -3.28 22.25
CZ CRQ C 66 -12.95 -3.07 22.85
CZ CRQ C 66 -12.96 -3.08 22.86
OH CRQ C 66 -13.44 -1.79 22.99
OH CRQ C 66 -13.44 -1.80 22.99
OE1 CRQ C 66 -18.23 -10.18 25.09
OE1 CRQ C 66 -18.22 -10.18 25.09
C3 CRQ C 66 -12.12 -12.67 21.32
C3 CRQ C 66 -12.10 -12.66 21.31
O3 CRQ C 66 -11.70 -13.98 21.40
O3 CRQ C 66 -11.71 -13.97 21.41
CD3 CRQ C 66 -18.04 -10.84 24.09
CD3 CRQ C 66 -18.01 -10.82 24.08
NE1 CRQ C 66 -19.00 -11.32 23.31
NE1 CRQ C 66 -18.98 -11.31 23.31
N SER C 67 -12.96 -12.05 20.56
CA SER C 67 -13.81 -12.89 19.70
C SER C 67 -13.98 -12.13 18.41
N LYS C 68 -12.83 -11.75 17.83
CA LYS C 68 -12.83 -10.81 16.71
C LYS C 68 -13.19 -11.42 15.33
N VAL C 69 -13.52 -12.72 15.30
CA VAL C 69 -14.12 -13.29 14.09
C VAL C 69 -15.50 -12.69 13.84
N TYR C 70 -16.08 -12.10 14.90
N TYR C 70 -16.09 -12.05 14.86
CA TYR C 70 -17.37 -11.41 14.82
CA TYR C 70 -17.41 -11.45 14.71
C TYR C 70 -17.14 -9.89 14.65
C TYR C 70 -17.37 -10.00 14.18
N VAL C 71 -16.26 -9.52 13.75
N VAL C 71 -16.18 -9.43 13.98
CA VAL C 71 -16.13 -8.12 13.37
CA VAL C 71 -16.15 -8.07 13.45
C VAL C 71 -16.68 -7.94 11.95
C VAL C 71 -16.76 -8.01 12.02
N LYS C 72 -17.66 -7.04 11.80
CA LYS C 72 -18.23 -6.73 10.47
C LYS C 72 -17.17 -6.05 9.60
N HIS C 73 -16.87 -6.67 8.47
CA HIS C 73 -15.92 -6.08 7.51
C HIS C 73 -16.58 -5.74 6.19
N PRO C 74 -16.25 -4.57 5.61
CA PRO C 74 -16.71 -4.29 4.24
C PRO C 74 -16.01 -5.20 3.26
N ALA C 75 -16.60 -5.38 2.07
CA ALA C 75 -16.07 -6.34 1.11
C ALA C 75 -14.65 -6.03 0.65
N ASP C 76 -14.27 -4.76 0.70
CA ASP C 76 -12.96 -4.30 0.20
C ASP C 76 -11.84 -4.35 1.25
N ILE C 77 -12.16 -4.81 2.46
CA ILE C 77 -11.12 -5.01 3.48
C ILE C 77 -11.04 -6.51 3.82
N PRO C 78 -9.94 -7.18 3.46
CA PRO C 78 -9.83 -8.62 3.76
C PRO C 78 -10.07 -8.95 5.24
N ASP C 79 -10.91 -9.94 5.45
CA ASP C 79 -11.34 -10.29 6.80
C ASP C 79 -10.49 -11.50 7.22
N TYR C 80 -9.26 -11.17 7.60
CA TYR C 80 -8.20 -12.13 7.89
C TYR C 80 -8.66 -13.20 8.86
N LYS C 81 -9.30 -12.78 9.95
CA LYS C 81 -9.79 -13.74 10.97
C LYS C 81 -10.84 -14.69 10.42
N LYS C 82 -11.78 -14.18 9.61
CA LYS C 82 -12.76 -15.11 9.02
C LYS C 82 -12.10 -16.04 8.01
N LEU C 83 -11.16 -15.49 7.22
CA LEU C 83 -10.49 -16.32 6.20
C LEU C 83 -9.67 -17.46 6.84
N SER C 84 -9.24 -17.28 8.09
CA SER C 84 -8.39 -18.28 8.72
C SER C 84 -9.13 -19.59 9.00
N PHE C 85 -10.47 -19.55 9.03
CA PHE C 85 -11.25 -20.79 9.28
C PHE C 85 -11.36 -21.64 8.01
N PRO C 86 -11.56 -22.95 8.16
CA PRO C 86 -11.78 -23.74 9.39
C PRO C 86 -10.63 -23.95 10.37
N GLU C 87 -9.38 -23.82 9.94
CA GLU C 87 -8.29 -24.12 10.87
C GLU C 87 -8.26 -23.12 12.02
N GLY C 88 -8.41 -21.85 11.69
CA GLY C 88 -8.51 -20.83 12.75
C GLY C 88 -7.25 -20.01 12.94
N PHE C 89 -7.14 -19.41 14.12
CA PHE C 89 -6.07 -18.45 14.35
C PHE C 89 -5.74 -18.35 15.81
N LYS C 90 -4.58 -17.78 16.12
CA LYS C 90 -4.23 -17.49 17.52
C LYS C 90 -4.17 -15.98 17.67
N TRP C 91 -4.34 -15.48 18.89
CA TRP C 91 -4.07 -14.05 19.08
C TRP C 91 -3.35 -13.90 20.41
N GLU C 92 -2.51 -12.88 20.46
CA GLU C 92 -1.73 -12.57 21.67
C GLU C 92 -1.87 -11.08 21.95
N ARG C 93 -1.64 -10.68 23.20
CA ARG C 93 -1.87 -9.29 23.55
C ARG C 93 -1.01 -8.89 24.73
N VAL C 94 -0.58 -7.63 24.73
CA VAL C 94 -0.04 -6.93 25.87
C VAL C 94 -1.04 -5.84 26.27
N MET C 95 -1.36 -5.73 27.57
CA MET C 95 -2.10 -4.51 28.06
C MET C 95 -1.16 -3.79 29.01
N ASN C 96 -0.89 -2.52 28.74
CA ASN C 96 0.00 -1.72 29.57
C ASN C 96 -0.87 -0.72 30.30
N PHE C 97 -1.05 -0.87 31.62
CA PHE C 97 -1.92 0.02 32.38
C PHE C 97 -1.16 1.22 32.90
N GLU C 98 -1.84 2.36 33.02
CA GLU C 98 -1.09 3.57 33.32
C GLU C 98 -0.41 3.59 34.68
N ASP C 99 -0.88 2.78 35.64
CA ASP C 99 -0.25 2.70 36.96
C ASP C 99 0.74 1.52 37.11
N GLY C 100 1.14 0.92 36.00
CA GLY C 100 2.25 -0.04 35.95
C GLY C 100 1.82 -1.50 35.83
N GLY C 101 0.52 -1.75 36.03
CA GLY C 101 0.03 -3.10 35.76
C GLY C 101 0.33 -3.52 34.32
N VAL C 102 0.67 -4.80 34.14
CA VAL C 102 0.96 -5.30 32.79
C VAL C 102 0.35 -6.69 32.69
N VAL C 103 -0.29 -6.95 31.57
CA VAL C 103 -0.87 -8.28 31.32
C VAL C 103 -0.38 -8.78 29.95
N THR C 104 -0.03 -10.07 29.86
CA THR C 104 0.08 -10.70 28.56
C THR C 104 -0.98 -11.80 28.45
N VAL C 105 -1.45 -11.98 27.24
CA VAL C 105 -2.52 -12.96 26.97
C VAL C 105 -2.16 -13.77 25.74
N THR C 106 -2.45 -15.05 25.77
CA THR C 106 -2.26 -15.88 24.57
C THR C 106 -3.53 -16.72 24.38
N GLN C 107 -3.98 -16.84 23.13
CA GLN C 107 -5.32 -17.41 22.90
C GLN C 107 -5.29 -18.25 21.62
N ASP C 108 -6.02 -19.35 21.63
CA ASP C 108 -6.19 -20.17 20.41
C ASP C 108 -7.67 -20.22 20.06
N SER C 109 -7.95 -20.01 18.78
CA SER C 109 -9.34 -20.06 18.27
C SER C 109 -9.44 -21.10 17.17
N SER C 110 -10.31 -22.08 17.38
CA SER C 110 -10.50 -23.17 16.44
C SER C 110 -11.99 -23.37 16.20
N LEU C 111 -12.34 -24.36 15.38
CA LEU C 111 -13.73 -24.59 15.05
C LEU C 111 -13.97 -26.08 15.17
N GLN C 112 -14.95 -26.43 15.98
CA GLN C 112 -15.22 -27.84 16.28
C GLN C 112 -16.72 -28.09 16.25
N ASP C 113 -17.14 -28.95 15.31
CA ASP C 113 -18.55 -29.33 15.13
C ASP C 113 -19.42 -28.06 15.00
N GLY C 114 -18.92 -27.10 14.23
CA GLY C 114 -19.67 -25.91 13.88
C GLY C 114 -19.72 -24.83 14.95
N CYS C 115 -18.95 -25.04 16.02
CA CYS C 115 -18.86 -24.11 17.14
CA CYS C 115 -18.86 -24.07 17.11
C CYS C 115 -17.44 -23.58 17.24
N PHE C 116 -17.28 -22.27 17.44
CA PHE C 116 -15.94 -21.74 17.74
C PHE C 116 -15.46 -22.21 19.13
N ILE C 117 -14.16 -22.52 19.26
CA ILE C 117 -13.60 -23.00 20.53
C ILE C 117 -12.44 -22.10 20.87
N TYR C 118 -12.54 -21.41 22.02
CA TYR C 118 -11.54 -20.43 22.45
C TYR C 118 -10.84 -20.92 23.69
N LYS C 119 -9.51 -20.88 23.71
CA LYS C 119 -8.70 -21.25 24.89
C LYS C 119 -7.77 -20.07 25.17
N VAL C 120 -7.82 -19.56 26.41
CA VAL C 120 -7.12 -18.31 26.78
C VAL C 120 -6.26 -18.53 28.00
N LYS C 121 -5.02 -18.03 27.98
CA LYS C 121 -4.21 -17.99 29.18
C LYS C 121 -3.79 -16.54 29.40
N PHE C 122 -3.77 -16.10 30.66
CA PHE C 122 -3.72 -14.67 31.01
C PHE C 122 -2.81 -14.53 32.23
N ILE C 123 -1.78 -13.67 32.14
CA ILE C 123 -0.95 -13.39 33.33
C ILE C 123 -0.86 -11.87 33.53
N GLY C 124 -1.39 -11.40 34.65
CA GLY C 124 -1.36 -9.95 34.98
C GLY C 124 -0.54 -9.77 36.22
N VAL C 125 0.38 -8.80 36.16
CA VAL C 125 1.34 -8.59 37.25
C VAL C 125 1.48 -7.08 37.51
N ASN C 126 2.02 -6.73 38.68
CA ASN C 126 2.43 -5.34 39.00
C ASN C 126 1.30 -4.33 39.20
N PHE C 127 0.10 -4.82 39.48
CA PHE C 127 -0.98 -3.90 39.81
C PHE C 127 -0.84 -3.39 41.24
N PRO C 128 -0.88 -2.07 41.42
CA PRO C 128 -0.83 -1.53 42.80
C PRO C 128 -1.92 -2.10 43.69
N SER C 129 -1.61 -2.45 44.94
CA SER C 129 -2.66 -3.05 45.79
C SER C 129 -3.86 -2.14 46.06
N ASP C 130 -3.62 -0.82 46.03
CA ASP C 130 -4.66 0.19 46.31
C ASP C 130 -5.17 0.82 45.01
N GLY C 131 -4.80 0.23 43.88
CA GLY C 131 -5.22 0.75 42.57
C GLY C 131 -6.64 0.35 42.18
N PRO C 132 -7.15 0.91 41.06
CA PRO C 132 -8.55 0.63 40.68
C PRO C 132 -8.81 -0.82 40.31
N VAL C 133 -7.79 -1.54 39.86
CA VAL C 133 -8.02 -2.96 39.53
C VAL C 133 -8.17 -3.79 40.80
N MET C 134 -7.21 -3.68 41.72
CA MET C 134 -7.29 -4.51 42.92
C MET C 134 -8.39 -4.07 43.87
N GLN C 135 -8.78 -2.79 43.79
CA GLN C 135 -9.85 -2.26 44.66
C GLN C 135 -11.21 -2.23 43.98
N LYS C 136 -11.29 -2.79 42.76
CA LYS C 136 -12.58 -2.90 42.04
C LYS C 136 -13.29 -1.56 41.90
N LYS C 137 -12.58 -0.58 41.34
CA LYS C 137 -13.13 0.79 41.21
C LYS C 137 -13.57 1.16 39.79
N THR C 138 -13.64 0.16 38.90
CA THR C 138 -13.93 0.41 37.49
C THR C 138 -15.41 0.12 37.21
N MET C 139 -15.93 0.77 36.19
CA MET C 139 -17.33 0.59 35.80
C MET C 139 -17.48 0.57 34.27
N GLY C 140 -16.70 -0.31 33.65
CA GLY C 140 -16.84 -0.58 32.23
C GLY C 140 -15.89 0.20 31.34
N TRP C 141 -15.70 -0.30 30.12
CA TRP C 141 -14.85 0.37 29.14
C TRP C 141 -15.60 1.45 28.39
N GLU C 142 -14.87 2.48 27.97
CA GLU C 142 -15.36 3.34 26.91
C GLU C 142 -15.37 2.56 25.57
N PRO C 143 -16.26 2.92 24.63
CA PRO C 143 -16.09 2.37 23.26
C PRO C 143 -14.70 2.73 22.75
N SER C 144 -14.14 1.97 21.81
CA SER C 144 -12.73 2.19 21.43
C SER C 144 -12.55 2.06 19.92
N THR C 145 -11.36 2.44 19.50
CA THR C 145 -11.01 2.37 18.08
C THR C 145 -9.57 1.85 17.97
N GLU C 146 -9.45 0.67 17.37
CA GLU C 146 -8.17 0.00 17.16
C GLU C 146 -7.58 0.38 15.80
N ARG C 147 -6.24 0.56 15.78
CA ARG C 147 -5.51 0.90 14.58
C ARG C 147 -4.76 -0.35 14.19
N LEU C 148 -5.12 -0.93 13.04
CA LEU C 148 -4.50 -2.16 12.57
C LEU C 148 -3.65 -2.01 11.31
N TYR C 149 -2.71 -2.93 11.14
CA TYR C 149 -1.82 -2.90 9.95
C TYR C 149 -1.16 -4.28 9.82
N PRO C 150 -0.77 -4.66 8.61
CA PRO C 150 -0.03 -5.91 8.46
C PRO C 150 1.46 -5.75 8.81
N ARG C 151 2.05 -6.79 9.38
CA ARG C 151 3.47 -6.76 9.68
C ARG C 151 3.95 -8.18 9.90
N ASP C 152 5.11 -8.53 9.34
CA ASP C 152 5.76 -9.82 9.71
C ASP C 152 4.79 -10.98 9.31
N GLY C 153 3.95 -10.77 8.29
CA GLY C 153 3.07 -11.81 7.76
C GLY C 153 1.85 -12.07 8.62
N VAL C 154 1.65 -11.22 9.63
CA VAL C 154 0.47 -11.33 10.50
C VAL C 154 -0.21 -9.96 10.62
N LEU C 155 -1.31 -9.91 11.36
CA LEU C 155 -2.08 -8.69 11.50
C LEU C 155 -1.86 -8.16 12.92
N LYS C 156 -1.58 -6.85 13.05
CA LYS C 156 -1.36 -6.29 14.38
C LYS C 156 -2.27 -5.11 14.61
N GLY C 157 -2.54 -4.79 15.88
CA GLY C 157 -3.40 -3.65 16.15
C GLY C 157 -3.11 -3.06 17.49
N GLU C 158 -3.33 -1.77 17.64
CA GLU C 158 -3.16 -1.13 18.95
C GLU C 158 -4.34 -0.24 19.28
N ILE C 159 -4.58 -0.06 20.57
CA ILE C 159 -5.74 0.70 21.00
C ILE C 159 -5.38 1.50 22.25
N HIS C 160 -5.81 2.76 22.30
CA HIS C 160 -5.82 3.52 23.57
C HIS C 160 -7.21 3.37 24.17
N LYS C 161 -7.29 2.52 25.19
CA LYS C 161 -8.57 2.23 25.86
C LYS C 161 -8.66 2.95 27.22
N ALA C 162 -9.86 2.95 27.79
CA ALA C 162 -10.06 3.58 29.11
C ALA C 162 -11.16 2.87 29.84
N LEU C 163 -10.88 2.59 31.10
CA LEU C 163 -11.89 2.15 32.07
C LEU C 163 -12.48 3.37 32.79
N LYS C 164 -13.81 3.42 32.88
CA LYS C 164 -14.48 4.49 33.60
C LYS C 164 -14.37 4.19 35.09
N LEU C 165 -14.06 5.22 35.89
CA LEU C 165 -13.92 5.02 37.33
C LEU C 165 -15.26 5.30 38.02
N LYS C 166 -15.57 4.53 39.07
CA LYS C 166 -16.87 4.63 39.73
C LYS C 166 -17.19 6.05 40.20
N ASP C 167 -16.19 6.74 40.70
CA ASP C 167 -16.45 8.08 41.21
C ASP C 167 -15.97 9.16 40.24
N GLY C 168 -15.84 8.79 38.96
CA GLY C 168 -15.58 9.71 37.86
C GLY C 168 -14.13 9.67 37.39
N GLY C 169 -13.89 10.06 36.15
CA GLY C 169 -12.55 10.01 35.58
C GLY C 169 -12.30 8.69 34.89
N HIS C 170 -11.06 8.54 34.40
CA HIS C 170 -10.68 7.39 33.59
C HIS C 170 -9.39 6.77 34.08
N TYR C 171 -9.26 5.47 33.80
CA TYR C 171 -8.04 4.74 34.12
C TYR C 171 -7.63 4.17 32.77
N LEU C 172 -6.44 4.58 32.32
CA LEU C 172 -6.04 4.34 30.91
C LEU C 172 -5.21 3.10 30.74
N VAL C 173 -5.47 2.42 29.62
CA VAL C 173 -4.81 1.14 29.32
C VAL C 173 -4.48 1.12 27.82
N GLU C 174 -3.25 0.78 27.45
CA GLU C 174 -2.88 0.63 26.01
C GLU C 174 -2.90 -0.84 25.66
N PHE C 175 -3.60 -1.18 24.57
CA PHE C 175 -3.65 -2.59 24.11
C PHE C 175 -2.73 -2.70 22.90
N LYS C 176 -1.92 -3.75 22.87
CA LYS C 176 -1.21 -4.17 21.63
C LYS C 176 -1.59 -5.60 21.38
N SER C 177 -2.16 -5.88 20.20
CA SER C 177 -2.59 -7.25 19.86
C SER C 177 -1.93 -7.77 18.60
N ILE C 178 -1.80 -9.08 18.53
CA ILE C 178 -1.22 -9.72 17.35
C ILE C 178 -2.17 -10.84 16.99
N TYR C 179 -2.56 -10.91 15.71
CA TYR C 179 -3.52 -11.93 15.26
C TYR C 179 -2.79 -12.78 14.24
N MET C 180 -2.72 -14.10 14.51
CA MET C 180 -1.89 -15.01 13.74
CA MET C 180 -1.89 -15.01 13.74
C MET C 180 -2.70 -16.16 13.18
N ALA C 181 -3.12 -16.03 11.92
CA ALA C 181 -3.85 -17.13 11.31
C ALA C 181 -2.95 -18.36 11.19
N LYS C 182 -3.56 -19.54 11.20
CA LYS C 182 -2.76 -20.74 11.20
C LYS C 182 -2.13 -21.03 9.82
N LYS C 183 -2.74 -20.45 8.79
CA LYS C 183 -2.12 -20.40 7.44
C LYS C 183 -2.08 -18.95 6.93
N PRO C 184 -1.17 -18.63 5.98
CA PRO C 184 -1.05 -17.24 5.51
C PRO C 184 -2.17 -16.73 4.58
N VAL C 185 -3.38 -16.67 5.15
CA VAL C 185 -4.52 -16.09 4.44
C VAL C 185 -4.32 -14.56 4.28
N GLN C 186 -5.15 -13.98 3.42
CA GLN C 186 -4.89 -12.63 2.96
C GLN C 186 -4.98 -11.58 4.07
N LEU C 187 -4.02 -10.65 4.03
CA LEU C 187 -3.99 -9.55 5.01
C LEU C 187 -4.64 -8.29 4.44
N PRO C 188 -5.27 -7.47 5.33
CA PRO C 188 -5.73 -6.12 4.96
C PRO C 188 -4.54 -5.17 5.00
N GLY C 189 -4.81 -3.91 4.66
CA GLY C 189 -3.82 -2.87 4.83
C GLY C 189 -4.08 -2.16 6.15
N TYR C 190 -3.72 -0.90 6.18
CA TYR C 190 -3.90 -0.04 7.36
C TYR C 190 -5.40 0.25 7.49
N TYR C 191 -5.99 -0.06 8.64
CA TYR C 191 -7.42 0.18 8.81
C TYR C 191 -7.81 0.24 10.27
N TYR C 192 -9.09 0.48 10.54
CA TYR C 192 -9.57 0.66 11.92
C TYR C 192 -10.72 -0.26 12.28
N VAL C 193 -10.81 -0.62 13.56
CA VAL C 193 -11.95 -1.35 14.08
C VAL C 193 -12.53 -0.58 15.27
N ASP C 194 -13.80 -0.19 15.15
CA ASP C 194 -14.56 0.41 16.25
C ASP C 194 -15.26 -0.72 17.03
N SER C 195 -15.17 -0.69 18.35
CA SER C 195 -15.77 -1.72 19.22
C SER C 195 -16.43 -1.07 20.42
N LYS C 196 -17.47 -1.72 20.92
CA LYS C 196 -18.10 -1.28 22.16
C LYS C 196 -18.50 -2.54 22.92
N LEU C 197 -17.89 -2.73 24.09
CA LEU C 197 -18.19 -3.91 24.92
CA LEU C 197 -18.15 -3.89 24.93
C LEU C 197 -18.89 -3.46 26.20
N ASP C 198 -20.00 -4.14 26.49
CA ASP C 198 -20.85 -3.83 27.66
C ASP C 198 -21.01 -5.06 28.54
N ILE C 199 -20.92 -4.86 29.86
CA ILE C 199 -21.38 -5.84 30.83
C ILE C 199 -22.89 -5.61 30.99
N THR C 200 -23.70 -6.58 30.58
CA THR C 200 -25.16 -6.39 30.53
C THR C 200 -25.82 -6.81 31.83
N SER C 201 -25.16 -7.70 32.57
CA SER C 201 -25.62 -8.13 33.90
C SER C 201 -24.54 -8.96 34.59
N HIS C 202 -24.67 -9.09 35.90
CA HIS C 202 -23.71 -9.89 36.65
C HIS C 202 -24.29 -10.13 38.03
N ASN C 203 -23.84 -11.19 38.69
CA ASN C 203 -24.18 -11.37 40.11
C ASN C 203 -23.27 -10.54 41.03
N GLU C 204 -23.57 -10.56 42.33
CA GLU C 204 -22.94 -9.66 43.26
C GLU C 204 -21.39 -9.76 43.32
N ASP C 205 -20.87 -10.98 43.25
CA ASP C 205 -19.45 -11.18 43.37
C ASP C 205 -18.74 -11.39 42.02
N TYR C 206 -19.46 -11.11 40.93
CA TYR C 206 -18.94 -11.22 39.55
C TYR C 206 -18.42 -12.61 39.26
N THR C 207 -19.09 -13.62 39.81
CA THR C 207 -18.78 -15.02 39.47
C THR C 207 -19.59 -15.52 38.28
N ILE C 208 -20.66 -14.78 37.94
CA ILE C 208 -21.44 -15.05 36.72
C ILE C 208 -21.69 -13.69 36.06
N VAL C 209 -21.28 -13.56 34.80
CA VAL C 209 -21.28 -12.27 34.11
C VAL C 209 -21.72 -12.43 32.68
N GLU C 210 -22.54 -11.50 32.19
CA GLU C 210 -22.96 -11.52 30.78
C GLU C 210 -22.44 -10.27 30.07
N GLN C 211 -22.02 -10.47 28.82
CA GLN C 211 -21.42 -9.37 28.06
C GLN C 211 -22.06 -9.25 26.70
N TYR C 212 -21.97 -8.06 26.10
CA TYR C 212 -22.39 -7.83 24.71
C TYR C 212 -21.28 -7.04 24.02
N GLU C 213 -20.99 -7.37 22.76
CA GLU C 213 -20.02 -6.57 22.00
C GLU C 213 -20.51 -6.29 20.59
N ARG C 214 -20.32 -5.04 20.16
CA ARG C 214 -20.50 -4.63 18.76
C ARG C 214 -19.14 -4.21 18.20
N ALA C 215 -18.79 -4.67 16.99
CA ALA C 215 -17.50 -4.28 16.40
C ALA C 215 -17.61 -4.25 14.86
N GLU C 216 -17.05 -3.20 14.26
CA GLU C 216 -17.09 -3.04 12.80
C GLU C 216 -15.79 -2.45 12.29
N GLY C 217 -15.24 -3.03 11.21
CA GLY C 217 -14.00 -2.53 10.60
C GLY C 217 -14.30 -1.57 9.47
N ARG C 218 -13.37 -0.65 9.21
CA ARG C 218 -13.59 0.41 8.23
C ARG C 218 -12.26 1.08 7.88
N HIS C 219 -12.26 1.81 6.77
CA HIS C 219 -11.11 2.69 6.46
C HIS C 219 -11.21 3.89 7.35
N HIS C 220 -10.11 4.63 7.49
CA HIS C 220 -10.17 5.98 8.07
C HIS C 220 -11.27 6.78 7.37
N LEU C 221 -11.99 7.59 8.13
CA LEU C 221 -13.14 8.35 7.60
C LEU C 221 -12.82 9.39 6.53
N PHE C 222 -11.56 9.81 6.43
CA PHE C 222 -11.18 10.84 5.44
C PHE C 222 -10.72 10.23 4.13
N LEU C 223 -10.73 8.90 4.06
CA LEU C 223 -10.33 8.22 2.86
C LEU C 223 -11.57 8.00 1.97
N VAL D 7 -13.45 36.44 18.37
CA VAL D 7 -12.04 36.74 17.93
C VAL D 7 -11.52 35.74 16.91
N ILE D 8 -12.12 34.55 16.85
CA ILE D 8 -11.69 33.57 15.85
C ILE D 8 -12.68 33.67 14.69
N LYS D 9 -12.17 34.21 13.57
CA LYS D 9 -12.96 34.43 12.38
C LYS D 9 -13.06 33.15 11.51
N GLU D 10 -13.88 33.18 10.46
CA GLU D 10 -13.98 32.01 9.60
C GLU D 10 -12.73 31.74 8.79
N PHE D 11 -11.93 32.78 8.57
CA PHE D 11 -10.61 32.63 7.97
C PHE D 11 -9.59 33.26 8.95
N MET D 12 -8.50 32.53 9.23
CA MET D 12 -7.46 33.04 10.13
C MET D 12 -6.10 32.62 9.60
N ARG D 13 -5.15 33.54 9.73
CA ARG D 13 -3.75 33.22 9.48
C ARG D 13 -2.99 32.88 10.77
N PHE D 14 -1.82 32.27 10.57
CA PHE D 14 -0.86 32.07 11.66
C PHE D 14 0.57 32.27 11.22
N LYS D 15 1.41 32.59 12.19
CA LYS D 15 2.87 32.58 12.01
C LYS D 15 3.47 31.63 13.01
N VAL D 16 4.52 30.90 12.60
CA VAL D 16 5.13 29.93 13.50
C VAL D 16 6.66 30.03 13.45
N ARG D 17 7.27 29.83 14.62
CA ARG D 17 8.72 29.67 14.73
C ARG D 17 9.04 28.48 15.59
N MET D 18 10.01 27.66 15.16
CA MET D 18 10.45 26.50 15.91
C MET D 18 11.96 26.57 16.14
N GLU D 19 12.38 26.28 17.36
CA GLU D 19 13.79 25.99 17.65
C GLU D 19 13.83 24.54 18.04
N GLY D 20 14.66 23.73 17.35
CA GLY D 20 14.67 22.30 17.64
C GLY D 20 16.05 21.67 17.54
N SER D 21 16.11 20.43 17.98
CA SER D 21 17.30 19.59 17.82
CA SER D 21 17.30 19.59 17.89
C SER D 21 16.90 18.13 17.70
N VAL D 22 17.67 17.40 16.89
CA VAL D 22 17.48 15.96 16.71
C VAL D 22 18.88 15.32 16.74
N ASN D 23 19.08 14.38 17.66
CA ASN D 23 20.40 13.71 17.78
C ASN D 23 21.56 14.72 17.78
N GLY D 24 21.38 15.83 18.51
CA GLY D 24 22.45 16.81 18.66
C GLY D 24 22.54 17.85 17.55
N HIS D 25 21.75 17.68 16.50
CA HIS D 25 21.76 18.64 15.39
C HIS D 25 20.70 19.70 15.63
N GLU D 26 21.13 20.94 15.80
CA GLU D 26 20.21 22.08 16.05
C GLU D 26 19.74 22.78 14.79
N PHE D 27 18.52 23.31 14.84
CA PHE D 27 17.96 23.97 13.65
C PHE D 27 16.89 24.96 14.10
N GLU D 28 16.56 25.87 13.19
CA GLU D 28 15.46 26.85 13.36
C GLU D 28 14.61 26.86 12.11
N ILE D 29 13.31 27.01 12.29
CA ILE D 29 12.34 27.01 11.18
C ILE D 29 11.35 28.14 11.42
N GLU D 30 11.04 28.90 10.37
CA GLU D 30 10.02 29.94 10.46
C GLU D 30 9.00 29.70 9.38
N GLY D 31 7.74 30.01 9.65
CA GLY D 31 6.76 29.83 8.60
C GLY D 31 5.46 30.54 8.90
N GLU D 32 4.49 30.31 8.04
CA GLU D 32 3.20 30.90 8.19
C GLU D 32 2.16 29.95 7.61
N GLY D 33 0.90 30.18 7.93
CA GLY D 33 -0.16 29.34 7.40
C GLY D 33 -1.46 30.08 7.41
N GLU D 34 -2.51 29.37 7.02
CA GLU D 34 -3.85 29.96 7.00
C GLU D 34 -4.85 28.84 6.93
N GLY D 35 -6.09 29.15 7.24
CA GLY D 35 -7.11 28.11 7.15
C GLY D 35 -8.46 28.57 7.64
N ARG D 36 -9.36 27.60 7.79
CA ARG D 36 -10.76 27.89 8.10
C ARG D 36 -11.02 27.12 9.41
N PRO D 37 -10.94 27.82 10.56
CA PRO D 37 -10.96 27.11 11.86
C PRO D 37 -12.24 26.34 12.15
N TYR D 38 -13.37 26.78 11.60
CA TYR D 38 -14.63 26.06 11.83
C TYR D 38 -14.88 24.94 10.82
N GLU D 39 -14.06 24.89 9.78
CA GLU D 39 -14.17 23.87 8.74
C GLU D 39 -13.14 22.78 8.87
N GLY D 40 -12.12 23.02 9.70
CA GLY D 40 -11.08 22.03 9.98
C GLY D 40 -10.01 21.87 8.94
N THR D 41 -9.76 22.92 8.14
CA THR D 41 -8.79 22.82 7.06
C THR D 41 -7.75 23.92 7.18
N GLN D 42 -6.49 23.61 6.83
CA GLN D 42 -5.44 24.61 6.86
C GLN D 42 -4.24 24.23 6.03
N THR D 43 -3.48 25.25 5.65
CA THR D 43 -2.17 25.06 5.01
C THR D 43 -1.07 25.78 5.80
N ALA D 44 0.17 25.35 5.55
CA ALA D 44 1.37 25.98 6.14
C ALA D 44 2.47 25.95 5.12
N LYS D 45 3.35 26.95 5.19
CA LYS D 45 4.58 26.99 4.40
C LYS D 45 5.72 27.25 5.37
N LEU D 46 6.69 26.33 5.43
CA LEU D 46 7.78 26.41 6.40
C LEU D 46 9.12 26.58 5.67
N LYS D 47 10.06 27.29 6.31
CA LYS D 47 11.41 27.46 5.77
C LYS D 47 12.41 27.21 6.87
N VAL D 48 13.39 26.37 6.59
CA VAL D 48 14.50 26.12 7.52
C VAL D 48 15.43 27.33 7.41
N THR D 49 15.53 28.06 8.52
CA THR D 49 16.30 29.31 8.56
C THR D 49 17.70 29.14 9.17
N LYS D 50 17.91 28.07 9.94
CA LYS D 50 19.25 27.79 10.50
C LYS D 50 19.41 26.29 10.63
N GLY D 51 20.62 25.80 10.36
CA GLY D 51 20.89 24.38 10.47
C GLY D 51 20.46 23.52 9.30
N GLY D 52 20.16 24.13 8.15
CA GLY D 52 19.71 23.39 6.97
C GLY D 52 20.91 23.09 6.08
N PRO D 53 20.79 22.08 5.22
CA PRO D 53 19.67 21.14 5.10
C PRO D 53 19.65 20.19 6.32
N LEU D 54 18.46 19.75 6.71
CA LEU D 54 18.35 18.89 7.89
C LEU D 54 18.81 17.48 7.56
N PRO D 55 19.53 16.84 8.49
CA PRO D 55 20.00 15.47 8.28
C PRO D 55 19.03 14.37 8.75
N PHE D 56 17.74 14.67 8.81
CA PHE D 56 16.73 13.68 9.22
C PHE D 56 15.41 13.97 8.53
N ALA D 57 14.48 13.04 8.65
CA ALA D 57 13.17 13.11 7.98
C ALA D 57 12.32 14.30 8.39
N TRP D 58 11.93 15.10 7.40
CA TRP D 58 10.98 16.22 7.63
C TRP D 58 9.71 15.78 8.38
N ASP D 59 9.23 14.57 8.07
CA ASP D 59 7.96 14.06 8.59
C ASP D 59 7.85 14.12 10.12
N ILE D 60 8.96 14.00 10.85
CA ILE D 60 8.84 14.08 12.34
C ILE D 60 8.47 15.49 12.83
N LEU D 61 8.77 16.50 12.01
CA LEU D 61 8.48 17.90 12.31
C LEU D 61 7.08 18.34 11.88
N SER D 62 6.55 17.67 10.85
CA SER D 62 5.31 18.19 10.24
C SER D 62 4.13 18.40 11.23
N PRO D 63 3.90 17.44 12.17
CA PRO D 63 2.79 17.60 13.11
C PRO D 63 3.06 18.56 14.24
N GLN D 64 4.19 19.26 14.23
CA GLN D 64 4.45 20.25 15.29
C GLN D 64 4.08 21.66 14.83
N PHE D 65 4.06 21.83 13.52
N PHE D 65 3.99 21.83 13.52
CA PHE D 65 3.60 23.14 12.97
CA PHE D 65 3.51 23.12 12.93
C PHE D 65 2.12 23.06 12.88
C PHE D 65 1.95 23.12 12.91
N1 CRQ D 66 1.70 21.79 12.83
N1 CRQ D 66 0.76 22.56 12.91
CA1 CRQ D 66 0.31 21.46 12.70
CA1 CRQ D 66 0.38 21.33 12.70
CB1 CRQ D 66 0.12 21.11 11.21
CB1 CRQ D 66 0.24 21.07 11.19
CG1 CRQ D 66 -0.31 22.42 10.59
CG1 CRQ D 66 -0.34 22.35 10.60
C1 CRQ D 66 -0.05 20.38 13.70
C1 CRQ D 66 0.02 20.40 13.69
N2 CRQ D 66 -0.46 19.14 13.38
N2 CRQ D 66 -0.42 19.16 13.40
N3 CRQ D 66 -0.02 20.57 15.04
N3 CRQ D 66 0.01 20.57 15.03
C2 CRQ D 66 -0.42 19.42 15.59
C2 CRQ D 66 -0.42 19.43 15.59
O2 CRQ D 66 -0.49 19.22 16.80
O2 CRQ D 66 -0.50 19.23 16.81
CA2 CRQ D 66 -0.72 18.52 14.54
CA2 CRQ D 66 -0.70 18.52 14.55
CA3 CRQ D 66 0.45 21.73 15.84
CA3 CRQ D 66 0.47 21.73 15.86
CB2 CRQ D 66 -1.16 17.22 14.88
CB2 CRQ D 66 -1.17 17.24 14.88
CG2 CRQ D 66 -1.47 16.14 14.03
CG2 CRQ D 66 -1.48 16.15 14.03
CD1 CRQ D 66 -1.34 16.15 12.64
CD1 CRQ D 66 -1.33 16.16 12.64
CD2 CRQ D 66 -1.95 15.00 14.67
CD2 CRQ D 66 -1.95 15.01 14.66
CE1 CRQ D 66 -1.69 15.01 11.90
CE1 CRQ D 66 -1.69 15.01 11.90
CE2 CRQ D 66 -2.29 13.86 13.94
CE2 CRQ D 66 -2.30 13.86 13.94
CZ CRQ D 66 -2.19 13.87 12.55
CZ CRQ D 66 -2.18 13.88 12.54
OH CRQ D 66 -2.54 12.75 11.86
OH CRQ D 66 -2.53 12.75 11.86
OE1 CRQ D 66 0.25 21.69 8.40
OE1 CRQ D 66 0.25 21.68 8.39
C3 CRQ D 66 -0.48 22.94 15.75
C3 CRQ D 66 -0.48 22.91 15.77
O3 CRQ D 66 -0.03 23.99 16.51
O3 CRQ D 66 -0.03 23.98 16.49
CD3 CRQ D 66 -0.41 22.46 9.08
CD3 CRQ D 66 -0.40 22.44 9.09
NE1 CRQ D 66 -1.25 23.37 8.61
NE1 CRQ D 66 -1.25 23.36 8.62
N SER D 67 -1.63 22.78 15.17
CA SER D 67 -2.42 24.00 14.92
C SER D 67 -3.87 23.59 15.15
N LYS D 68 -4.13 23.02 16.35
CA LYS D 68 -5.42 22.34 16.60
C LYS D 68 -6.58 23.29 16.97
N VAL D 69 -6.33 24.58 16.93
CA VAL D 69 -7.45 25.53 16.93
C VAL D 69 -8.28 25.41 15.63
N TYR D 70 -7.74 24.77 14.58
N TYR D 70 -7.69 24.81 14.58
CA TYR D 70 -8.50 24.65 13.32
CA TYR D 70 -8.39 24.60 13.30
C TYR D 70 -9.40 23.41 13.24
C TYR D 70 -8.96 23.18 13.20
N VAL D 71 -9.37 22.54 14.26
N VAL D 71 -9.56 22.69 14.27
CA VAL D 71 -10.21 21.33 14.22
CA VAL D 71 -10.25 21.40 14.24
C VAL D 71 -11.71 21.68 14.20
C VAL D 71 -11.76 21.65 14.24
N LYS D 72 -12.45 21.12 13.24
CA LYS D 72 -13.92 21.27 13.20
C LYS D 72 -14.56 20.49 14.36
N HIS D 73 -15.35 21.18 15.18
CA HIS D 73 -16.05 20.55 16.33
C HIS D 73 -17.56 20.70 16.20
N PRO D 74 -18.33 19.64 16.45
CA PRO D 74 -19.80 19.80 16.44
C PRO D 74 -20.21 20.67 17.60
N ALA D 75 -21.41 21.28 17.52
CA ALA D 75 -21.86 22.18 18.56
C ALA D 75 -21.93 21.58 19.97
N ASP D 76 -22.13 20.26 20.08
CA ASP D 76 -22.27 19.56 21.38
C ASP D 76 -20.94 19.07 21.98
N ILE D 77 -19.82 19.30 21.31
CA ILE D 77 -18.53 19.01 21.94
C ILE D 77 -17.79 20.32 22.16
N PRO D 78 -17.56 20.69 23.44
CA PRO D 78 -16.85 21.93 23.73
C PRO D 78 -15.49 22.03 23.03
N ASP D 79 -15.26 23.16 22.38
CA ASP D 79 -14.06 23.35 21.56
C ASP D 79 -13.06 24.12 22.44
N TYR D 80 -12.46 23.36 23.36
CA TYR D 80 -11.60 23.90 24.41
C TYR D 80 -10.53 24.86 23.85
N LYS D 81 -9.87 24.44 22.75
CA LYS D 81 -8.81 25.30 22.17
C LYS D 81 -9.32 26.61 21.59
N LYS D 82 -10.49 26.60 20.92
CA LYS D 82 -11.04 27.88 20.45
C LYS D 82 -11.47 28.73 21.65
N LEU D 83 -12.08 28.06 22.65
CA LEU D 83 -12.55 28.78 23.83
C LEU D 83 -11.44 29.52 24.60
N SER D 84 -10.20 29.03 24.48
CA SER D 84 -9.09 29.62 25.21
C SER D 84 -8.65 31.01 24.71
N PHE D 85 -9.08 31.38 23.49
CA PHE D 85 -8.71 32.68 22.91
C PHE D 85 -9.66 33.78 23.43
N PRO D 86 -9.20 35.04 23.43
CA PRO D 86 -7.96 35.52 22.82
C PRO D 86 -6.63 35.20 23.50
N GLU D 87 -6.60 34.81 24.77
CA GLU D 87 -5.29 34.63 25.44
C GLU D 87 -4.53 33.45 24.81
N GLY D 88 -5.26 32.37 24.61
CA GLY D 88 -4.68 31.22 23.92
C GLY D 88 -4.38 30.05 24.83
N PHE D 89 -3.52 29.16 24.34
CA PHE D 89 -3.24 27.92 25.06
C PHE D 89 -1.81 27.49 24.81
N LYS D 90 -1.29 26.63 25.65
CA LYS D 90 -0.02 25.95 25.37
C LYS D 90 -0.31 24.48 25.08
N TRP D 91 0.56 23.83 24.32
CA TRP D 91 0.44 22.37 24.22
C TRP D 91 1.82 21.72 24.34
N GLU D 92 1.81 20.50 24.86
CA GLU D 92 3.06 19.73 25.04
C GLU D 92 2.83 18.35 24.51
N ARG D 93 3.94 17.67 24.19
CA ARG D 93 3.80 16.37 23.55
C ARG D 93 5.02 15.50 23.81
N VAL D 94 4.78 14.19 23.92
CA VAL D 94 5.80 13.16 23.81
C VAL D 94 5.51 12.35 22.54
N MET D 95 6.53 12.10 21.72
CA MET D 95 6.39 11.10 20.65
C MET D 95 7.35 9.97 21.00
N ASN D 96 6.81 8.77 21.13
CA ASN D 96 7.61 7.58 21.38
C ASN D 96 7.68 6.75 20.13
N PHE D 97 8.87 6.70 19.52
CA PHE D 97 9.05 5.96 18.26
C PHE D 97 9.44 4.53 18.54
N GLU D 98 9.01 3.62 17.66
CA GLU D 98 9.16 2.18 17.99
C GLU D 98 10.60 1.69 18.07
N ASP D 99 11.53 2.40 17.44
CA ASP D 99 12.96 2.04 17.49
C ASP D 99 13.73 2.82 18.55
N GLY D 100 12.99 3.51 19.43
CA GLY D 100 13.60 4.10 20.65
C GLY D 100 13.76 5.61 20.59
N GLY D 101 13.55 6.20 19.43
CA GLY D 101 13.59 7.66 19.33
C GLY D 101 12.53 8.23 20.27
N VAL D 102 12.83 9.36 20.91
CA VAL D 102 11.86 10.02 21.79
C VAL D 102 11.98 11.50 21.55
N VAL D 103 10.81 12.15 21.41
CA VAL D 103 10.80 13.62 21.27
C VAL D 103 9.89 14.20 22.33
N THR D 104 10.30 15.33 22.91
CA THR D 104 9.33 16.17 23.64
C THR D 104 9.26 17.53 22.96
N VAL D 105 8.06 18.12 23.05
CA VAL D 105 7.76 19.38 22.36
C VAL D 105 6.98 20.23 23.33
N THR D 106 7.24 21.53 23.31
CA THR D 106 6.46 22.46 24.13
C THR D 106 6.13 23.67 23.25
N GLN D 107 4.89 24.13 23.30
CA GLN D 107 4.41 25.08 22.28
C GLN D 107 3.53 26.13 22.95
N ASP D 108 3.67 27.37 22.48
CA ASP D 108 2.78 28.44 22.99
C ASP D 108 1.98 29.00 21.81
N SER D 109 0.67 29.09 21.98
CA SER D 109 -0.22 29.63 20.96
C SER D 109 -0.89 30.90 21.49
N SER D 110 -0.69 32.00 20.77
CA SER D 110 -1.29 33.28 21.16
CA SER D 110 -1.26 33.31 21.14
C SER D 110 -1.97 33.93 19.94
N LEU D 111 -2.55 35.12 20.14
CA LEU D 111 -3.26 35.79 19.06
C LEU D 111 -2.85 37.24 19.12
N GLN D 112 -2.35 37.75 18.01
CA GLN D 112 -1.89 39.13 17.97
C GLN D 112 -2.52 39.83 16.77
N ASP D 113 -3.36 40.84 17.06
CA ASP D 113 -4.07 41.59 16.02
C ASP D 113 -4.62 40.71 14.90
N GLY D 114 -5.38 39.69 15.31
CA GLY D 114 -6.07 38.80 14.39
C GLY D 114 -5.29 37.66 13.76
N CYS D 115 -4.01 37.51 14.12
CA CYS D 115 -3.14 36.46 13.57
C CYS D 115 -2.70 35.54 14.70
N PHE D 116 -2.87 34.22 14.54
CA PHE D 116 -2.32 33.30 15.56
C PHE D 116 -0.79 33.32 15.54
N ILE D 117 -0.18 33.19 16.70
CA ILE D 117 1.26 33.21 16.82
C ILE D 117 1.71 31.93 17.53
N TYR D 118 2.50 31.09 16.82
CA TYR D 118 2.92 29.81 17.38
C TYR D 118 4.41 29.82 17.67
N LYS D 119 4.81 29.41 18.87
CA LYS D 119 6.26 29.34 19.21
C LYS D 119 6.52 27.91 19.69
N VAL D 120 7.49 27.20 19.09
CA VAL D 120 7.65 25.75 19.34
C VAL D 120 9.08 25.44 19.72
N LYS D 121 9.27 24.62 20.75
CA LYS D 121 10.61 24.10 21.08
C LYS D 121 10.52 22.57 21.03
N PHE D 122 11.55 21.93 20.47
CA PHE D 122 11.49 20.50 20.10
C PHE D 122 12.85 19.87 20.41
N ILE D 123 12.88 18.78 21.18
CA ILE D 123 14.10 18.05 21.41
C ILE D 123 13.85 16.58 21.12
N GLY D 124 14.55 16.06 20.11
CA GLY D 124 14.44 14.63 19.76
C GLY D 124 15.78 13.97 19.97
N VAL D 125 15.75 12.80 20.63
CA VAL D 125 16.95 12.08 21.01
C VAL D 125 16.83 10.57 20.78
N ASN D 126 17.97 9.89 20.73
CA ASN D 126 17.99 8.41 20.74
C ASN D 126 17.47 7.78 19.44
N PHE D 127 17.52 8.52 18.36
CA PHE D 127 17.24 7.92 17.05
C PHE D 127 18.42 7.07 16.56
N PRO D 128 18.16 5.81 16.19
CA PRO D 128 19.27 5.04 15.62
C PRO D 128 19.88 5.70 14.38
N SER D 129 21.20 5.70 14.28
CA SER D 129 21.83 6.42 13.18
C SER D 129 21.48 5.82 11.83
N ASP D 130 21.16 4.52 11.82
CA ASP D 130 20.79 3.85 10.57
C ASP D 130 19.28 3.69 10.40
N GLY D 131 18.50 4.32 11.28
CA GLY D 131 17.05 4.16 11.25
C GLY D 131 16.35 5.09 10.25
N PRO D 132 15.03 4.93 10.11
CA PRO D 132 14.33 5.62 9.01
C PRO D 132 14.30 7.13 9.16
N VAL D 133 14.44 7.62 10.38
CA VAL D 133 14.48 9.05 10.60
C VAL D 133 15.80 9.66 10.11
N MET D 134 16.92 9.14 10.63
CA MET D 134 18.23 9.70 10.30
C MET D 134 18.64 9.38 8.86
N GLN D 135 17.99 8.36 8.29
CA GLN D 135 18.29 7.94 6.91
C GLN D 135 17.22 8.42 5.92
N LYS D 136 16.26 9.20 6.40
CA LYS D 136 15.24 9.85 5.54
C LYS D 136 14.50 8.82 4.68
N LYS D 137 13.95 7.80 5.33
CA LYS D 137 13.31 6.68 4.63
C LYS D 137 11.79 6.75 4.73
N THR D 138 11.27 7.85 5.29
CA THR D 138 9.84 7.96 5.49
C THR D 138 9.15 8.68 4.33
N MET D 139 7.87 8.38 4.12
CA MET D 139 7.07 8.91 2.99
C MET D 139 5.70 9.41 3.45
N GLY D 140 5.68 10.15 4.55
CA GLY D 140 4.44 10.78 4.99
C GLY D 140 3.68 9.95 6.01
N TRP D 141 2.75 10.61 6.70
CA TRP D 141 1.92 9.99 7.72
C TRP D 141 0.69 9.31 7.12
N GLU D 142 0.28 8.18 7.71
CA GLU D 142 -1.10 7.74 7.54
C GLU D 142 -2.06 8.76 8.18
N PRO D 143 -3.31 8.83 7.68
CA PRO D 143 -4.29 9.61 8.44
C PRO D 143 -4.48 8.96 9.80
N SER D 144 -4.88 9.74 10.81
CA SER D 144 -4.88 9.21 12.19
C SER D 144 -6.15 9.54 12.94
N THR D 145 -6.30 8.90 14.10
CA THR D 145 -7.43 9.18 14.98
C THR D 145 -6.95 9.27 16.43
N GLU D 146 -7.11 10.45 17.00
CA GLU D 146 -6.69 10.73 18.39
C GLU D 146 -7.82 10.46 19.35
N ARG D 147 -7.50 9.87 20.49
CA ARG D 147 -8.45 9.65 21.58
C ARG D 147 -8.19 10.71 22.65
N LEU D 148 -9.19 11.56 22.93
CA LEU D 148 -9.05 12.66 23.89
C LEU D 148 -9.96 12.48 25.10
N TYR D 149 -9.55 13.07 26.22
CA TYR D 149 -10.35 13.03 27.46
C TYR D 149 -9.88 14.18 28.36
N PRO D 150 -10.74 14.63 29.27
CA PRO D 150 -10.27 15.63 30.23
C PRO D 150 -9.55 14.99 31.40
N ARG D 151 -8.52 15.67 31.89
CA ARG D 151 -7.83 15.21 33.11
C ARG D 151 -7.11 16.38 33.74
N ASP D 152 -7.19 16.46 35.07
CA ASP D 152 -6.32 17.40 35.80
C ASP D 152 -6.66 18.83 35.34
N GLY D 153 -7.91 19.07 34.94
CA GLY D 153 -8.39 20.39 34.42
C GLY D 153 -7.90 20.81 33.04
N VAL D 154 -7.22 19.91 32.35
CA VAL D 154 -6.77 20.18 30.98
C VAL D 154 -7.25 19.08 30.03
N LEU D 155 -6.91 19.21 28.74
CA LEU D 155 -7.36 18.27 27.75
C LEU D 155 -6.15 17.44 27.33
N LYS D 156 -6.33 16.12 27.27
CA LYS D 156 -5.24 15.23 26.87
C LYS D 156 -5.66 14.35 25.72
N GLY D 157 -4.68 13.88 24.94
CA GLY D 157 -5.04 12.98 23.84
C GLY D 157 -3.86 12.11 23.45
N GLU D 158 -4.18 10.91 22.94
CA GLU D 158 -3.13 10.00 22.48
C GLU D 158 -3.50 9.44 21.12
N ILE D 159 -2.48 9.07 20.37
CA ILE D 159 -2.67 8.61 18.99
C ILE D 159 -1.65 7.53 18.68
N HIS D 160 -2.08 6.49 18.00
CA HIS D 160 -1.15 5.53 17.37
C HIS D 160 -0.99 5.94 15.90
N LYS D 161 0.16 6.56 15.62
CA LYS D 161 0.45 7.07 14.29
C LYS D 161 1.45 6.17 13.59
N ALA D 162 1.62 6.43 12.28
CA ALA D 162 2.49 5.60 11.50
C ALA D 162 2.99 6.40 10.32
N LEU D 163 4.29 6.30 10.10
CA LEU D 163 4.93 6.86 8.90
C LEU D 163 5.04 5.74 7.87
N LYS D 164 4.73 6.06 6.63
CA LYS D 164 4.95 5.08 5.53
C LYS D 164 6.42 4.99 5.19
N LEU D 165 6.90 3.78 4.89
CA LEU D 165 8.32 3.59 4.60
C LEU D 165 8.56 3.46 3.11
N LYS D 166 9.64 4.05 2.61
CA LYS D 166 10.00 3.97 1.17
C LYS D 166 10.05 2.53 0.65
N ASP D 167 10.64 1.63 1.42
CA ASP D 167 10.77 0.24 1.00
C ASP D 167 9.56 -0.58 1.45
N GLY D 168 8.48 0.12 1.83
CA GLY D 168 7.23 -0.53 2.23
C GLY D 168 7.07 -0.76 3.74
N GLY D 169 5.83 -0.99 4.16
CA GLY D 169 5.55 -1.15 5.59
C GLY D 169 5.48 0.20 6.30
N HIS D 170 5.48 0.15 7.65
CA HIS D 170 5.21 1.33 8.47
C HIS D 170 6.22 1.45 9.59
N TYR D 171 6.47 2.70 9.99
CA TYR D 171 7.33 3.00 11.14
C TYR D 171 6.41 3.67 12.16
N LEU D 172 6.23 3.00 13.30
CA LEU D 172 5.18 3.34 14.27
C LEU D 172 5.64 4.31 15.33
N VAL D 173 4.74 5.20 15.70
CA VAL D 173 5.03 6.31 16.63
CA VAL D 173 5.05 6.18 16.73
C VAL D 173 3.79 6.51 17.51
N GLU D 174 3.94 6.54 18.82
CA GLU D 174 2.81 6.91 19.71
C GLU D 174 2.93 8.38 20.10
N PHE D 175 1.83 9.12 19.97
CA PHE D 175 1.78 10.52 20.41
C PHE D 175 1.00 10.60 21.72
N LYS D 176 1.53 11.36 22.66
CA LYS D 176 0.76 11.73 23.86
C LYS D 176 0.83 13.27 23.91
N SER D 177 -0.34 13.92 23.87
CA SER D 177 -0.37 15.39 23.85
C SER D 177 -1.17 15.92 25.05
N ILE D 178 -0.83 17.14 25.44
CA ILE D 178 -1.50 17.83 26.54
C ILE D 178 -1.79 19.25 26.04
N TYR D 179 -3.04 19.66 26.11
CA TYR D 179 -3.46 20.99 25.66
C TYR D 179 -3.91 21.78 26.90
N MET D 180 -3.25 22.92 27.14
CA MET D 180 -3.42 23.67 28.39
CA MET D 180 -3.45 23.67 28.39
C MET D 180 -3.86 25.12 28.15
N ALA D 181 -5.15 25.41 28.31
CA ALA D 181 -5.61 26.79 28.16
C ALA D 181 -4.88 27.69 29.17
N LYS D 182 -4.56 28.91 28.75
CA LYS D 182 -3.87 29.83 29.62
C LYS D 182 -4.72 30.23 30.84
N LYS D 183 -6.02 30.29 30.66
CA LYS D 183 -6.95 30.33 31.80
C LYS D 183 -7.99 29.24 31.56
N PRO D 184 -8.24 28.38 32.54
CA PRO D 184 -9.14 27.22 32.35
C PRO D 184 -10.53 27.53 31.74
N VAL D 185 -10.80 26.86 30.63
CA VAL D 185 -12.07 26.97 29.95
C VAL D 185 -12.76 25.60 29.91
N GLN D 186 -13.98 25.60 29.40
CA GLN D 186 -14.81 24.38 29.43
C GLN D 186 -14.21 23.24 28.64
N LEU D 187 -14.31 22.05 29.25
CA LEU D 187 -13.73 20.84 28.68
C LEU D 187 -14.80 19.95 28.08
N PRO D 188 -14.43 19.21 27.04
CA PRO D 188 -15.28 18.13 26.51
C PRO D 188 -15.15 16.87 27.38
N GLY D 189 -15.91 15.84 27.05
CA GLY D 189 -15.69 14.53 27.61
C GLY D 189 -14.78 13.69 26.71
N TYR D 190 -14.95 12.40 26.81
CA TYR D 190 -14.18 11.44 25.98
C TYR D 190 -14.65 11.55 24.51
N TYR D 191 -13.72 11.83 23.60
CA TYR D 191 -14.08 11.96 22.19
C TYR D 191 -12.86 11.73 21.29
N TYR D 192 -13.07 11.86 19.98
CA TYR D 192 -12.04 11.53 19.00
C TYR D 192 -11.83 12.67 18.00
N VAL D 193 -10.60 12.81 17.54
CA VAL D 193 -10.30 13.72 16.43
C VAL D 193 -9.63 12.95 15.30
N ASP D 194 -10.26 12.97 14.13
CA ASP D 194 -9.65 12.41 12.91
C ASP D 194 -8.82 13.46 12.24
N SER D 195 -7.58 13.12 11.83
CA SER D 195 -6.69 14.08 11.15
C SER D 195 -6.06 13.45 9.93
N LYS D 196 -5.69 14.29 8.96
CA LYS D 196 -4.87 13.81 7.83
C LYS D 196 -3.97 14.94 7.41
N LEU D 197 -2.67 14.74 7.60
N LEU D 197 -2.67 14.70 7.55
CA LEU D 197 -1.66 15.76 7.21
CA LEU D 197 -1.62 15.71 7.25
C LEU D 197 -0.92 15.28 5.96
C LEU D 197 -0.80 15.31 6.02
N ASP D 198 -0.72 16.21 5.04
CA ASP D 198 -0.05 15.95 3.77
C ASP D 198 1.06 16.97 3.54
N ILE D 199 2.21 16.49 3.05
CA ILE D 199 3.19 17.40 2.46
C ILE D 199 2.79 17.59 0.99
N THR D 200 2.57 18.84 0.60
CA THR D 200 1.99 19.11 -0.71
C THR D 200 3.00 19.61 -1.70
N SER D 201 4.10 20.19 -1.22
CA SER D 201 5.22 20.55 -2.10
C SER D 201 6.48 20.81 -1.27
N HIS D 202 7.62 20.81 -1.93
CA HIS D 202 8.89 20.96 -1.23
C HIS D 202 10.00 21.17 -2.23
N ASN D 203 11.05 21.85 -1.81
CA ASN D 203 12.23 21.92 -2.64
C ASN D 203 13.13 20.68 -2.46
N GLU D 204 14.28 20.65 -3.15
CA GLU D 204 15.03 19.38 -3.21
C GLU D 204 15.47 18.86 -1.86
N ASP D 205 15.89 19.77 -0.97
CA ASP D 205 16.48 19.33 0.29
C ASP D 205 15.54 19.58 1.46
N TYR D 206 14.27 19.85 1.16
CA TYR D 206 13.25 20.04 2.20
C TYR D 206 13.65 21.18 3.12
N THR D 207 14.26 22.22 2.55
CA THR D 207 14.44 23.49 3.26
C THR D 207 13.29 24.49 3.12
N ILE D 208 12.39 24.22 2.16
CA ILE D 208 11.12 24.95 2.01
C ILE D 208 10.09 23.87 1.75
N VAL D 209 9.01 23.87 2.53
CA VAL D 209 8.05 22.76 2.53
C VAL D 209 6.66 23.35 2.72
N GLU D 210 5.68 22.81 2.00
CA GLU D 210 4.26 23.23 2.20
C GLU D 210 3.45 22.03 2.68
N GLN D 211 2.46 22.29 3.55
CA GLN D 211 1.67 21.24 4.19
C GLN D 211 0.20 21.61 4.11
N TYR D 212 -0.62 20.57 4.23
CA TYR D 212 -2.07 20.71 4.33
C TYR D 212 -2.59 19.75 5.38
N GLU D 213 -3.51 20.21 6.22
CA GLU D 213 -4.12 19.33 7.22
C GLU D 213 -5.63 19.49 7.28
N ARG D 214 -6.34 18.38 7.37
CA ARG D 214 -7.76 18.32 7.63
C ARG D 214 -7.96 17.64 8.98
N ALA D 215 -8.80 18.21 9.84
CA ALA D 215 -9.06 17.58 11.16
C ALA D 215 -10.49 17.88 11.62
N GLU D 216 -11.16 16.87 12.18
CA GLU D 216 -12.55 17.00 12.63
C GLU D 216 -12.78 16.19 13.89
N GLY D 217 -13.41 16.82 14.90
CA GLY D 217 -13.73 16.12 16.14
C GLY D 217 -15.10 15.49 16.08
N ARG D 218 -15.26 14.40 16.83
CA ARG D 218 -16.53 13.66 16.84
C ARG D 218 -16.62 12.75 18.04
N HIS D 219 -17.85 12.33 18.33
CA HIS D 219 -18.03 11.20 19.27
C HIS D 219 -17.62 9.89 18.60
N HIS D 220 -17.39 8.87 19.45
CA HIS D 220 -17.24 7.51 18.90
C HIS D 220 -18.46 7.20 18.01
N LEU D 221 -18.26 6.46 16.92
CA LEU D 221 -19.36 6.17 15.98
C LEU D 221 -20.49 5.32 16.56
N PHE D 222 -20.22 4.61 17.65
CA PHE D 222 -21.24 3.74 18.20
C PHE D 222 -22.15 4.40 19.23
N LEU D 223 -21.94 5.69 19.48
CA LEU D 223 -22.74 6.41 20.48
C LEU D 223 -23.97 7.10 19.92
N VAL E 7 2.53 -29.12 1.64
CA VAL E 7 2.07 -30.11 0.62
C VAL E 7 2.87 -29.94 -0.67
N ILE E 8 3.51 -28.78 -0.85
CA ILE E 8 4.30 -28.60 -2.08
C ILE E 8 5.75 -29.01 -1.76
N LYS E 9 6.13 -30.17 -2.27
CA LYS E 9 7.44 -30.77 -2.02
C LYS E 9 8.49 -30.19 -2.97
N GLU E 10 9.76 -30.51 -2.72
CA GLU E 10 10.81 -29.96 -3.57
C GLU E 10 10.73 -30.48 -5.00
N PHE E 11 10.10 -31.65 -5.16
CA PHE E 11 9.85 -32.22 -6.47
C PHE E 11 8.34 -32.49 -6.54
N MET E 12 7.71 -32.03 -7.62
CA MET E 12 6.27 -32.26 -7.78
C MET E 12 5.96 -32.57 -9.23
N ARG E 13 5.01 -33.48 -9.44
CA ARG E 13 4.49 -33.73 -10.77
C ARG E 13 3.17 -33.00 -10.98
N PHE E 14 2.79 -32.91 -12.25
CA PHE E 14 1.44 -32.48 -12.61
C PHE E 14 0.84 -33.28 -13.73
N LYS E 15 -0.49 -33.22 -13.84
CA LYS E 15 -1.22 -33.77 -15.00
C LYS E 15 -2.09 -32.65 -15.56
N VAL E 16 -2.21 -32.59 -16.88
CA VAL E 16 -2.98 -31.52 -17.49
C VAL E 16 -3.89 -32.02 -18.60
N ARG E 17 -5.06 -31.41 -18.72
CA ARG E 17 -5.96 -31.66 -19.83
C ARG E 17 -6.46 -30.32 -20.35
N MET E 18 -6.48 -30.16 -21.67
CA MET E 18 -6.96 -28.91 -22.30
C MET E 18 -8.05 -29.26 -23.30
N GLU E 19 -9.15 -28.49 -23.27
CA GLU E 19 -10.14 -28.48 -24.35
C GLU E 19 -10.03 -27.12 -25.00
N GLY E 20 -9.75 -27.09 -26.30
CA GLY E 20 -9.55 -25.80 -26.98
C GLY E 20 -10.15 -25.72 -28.38
N SER E 21 -10.21 -24.50 -28.88
CA SER E 21 -10.56 -24.26 -30.29
CA SER E 21 -10.63 -24.23 -30.26
C SER E 21 -9.79 -23.05 -30.78
N VAL E 22 -9.44 -23.11 -32.06
CA VAL E 22 -8.80 -22.00 -32.75
C VAL E 22 -9.50 -21.86 -34.11
N ASN E 23 -10.03 -20.67 -34.38
CA ASN E 23 -10.72 -20.43 -35.66
C ASN E 23 -11.73 -21.55 -36.01
N GLY E 24 -12.48 -21.99 -34.98
CA GLY E 24 -13.55 -22.97 -35.16
C GLY E 24 -13.06 -24.42 -35.17
N HIS E 25 -11.75 -24.63 -35.09
CA HIS E 25 -11.20 -25.99 -35.05
C HIS E 25 -11.01 -26.44 -33.60
N GLU E 26 -11.81 -27.42 -33.20
CA GLU E 26 -11.77 -27.97 -31.82
C GLU E 26 -10.72 -29.08 -31.63
N PHE E 27 -10.14 -29.14 -30.43
CA PHE E 27 -9.10 -30.15 -30.15
C PHE E 27 -9.04 -30.40 -28.64
N GLU E 28 -8.41 -31.52 -28.28
CA GLU E 28 -8.16 -31.90 -26.89
C GLU E 28 -6.73 -32.35 -26.75
N ILE E 29 -6.12 -32.01 -25.62
CA ILE E 29 -4.71 -32.32 -25.36
C ILE E 29 -4.61 -32.84 -23.92
N GLU E 30 -3.83 -33.90 -23.70
CA GLU E 30 -3.57 -34.38 -22.35
C GLU E 30 -2.07 -34.47 -22.16
N GLY E 31 -1.62 -34.28 -20.94
CA GLY E 31 -0.20 -34.37 -20.70
C GLY E 31 0.16 -34.46 -19.24
N GLU E 32 1.46 -34.47 -19.00
CA GLU E 32 1.97 -34.58 -17.68
C GLU E 32 3.25 -33.78 -17.61
N GLY E 33 3.67 -33.42 -16.41
CA GLY E 33 4.92 -32.67 -16.28
C GLY E 33 5.54 -32.90 -14.90
N GLU E 34 6.69 -32.31 -14.66
CA GLU E 34 7.32 -32.44 -13.35
C GLU E 34 8.30 -31.34 -13.21
N GLY E 35 8.68 -31.04 -11.98
CA GLY E 35 9.73 -30.05 -11.78
C GLY E 35 9.97 -29.77 -10.32
N ARG E 36 10.64 -28.63 -10.09
CA ARG E 36 11.16 -28.27 -8.77
C ARG E 36 10.58 -26.90 -8.41
N PRO E 37 9.44 -26.91 -7.68
CA PRO E 37 8.68 -25.66 -7.53
C PRO E 37 9.43 -24.53 -6.85
N TYR E 38 10.41 -24.85 -6.01
CA TYR E 38 11.18 -23.81 -5.32
C TYR E 38 12.42 -23.33 -6.10
N GLU E 39 12.77 -24.04 -7.17
CA GLU E 39 13.92 -23.74 -8.02
C GLU E 39 13.52 -23.09 -9.34
N GLY E 40 12.22 -23.12 -9.65
CA GLY E 40 11.67 -22.42 -10.83
C GLY E 40 11.86 -23.16 -12.13
N THR E 41 11.99 -24.50 -12.07
CA THR E 41 12.22 -25.27 -13.30
C THR E 41 11.20 -26.39 -13.47
N GLN E 42 10.82 -26.70 -14.73
CA GLN E 42 9.86 -27.78 -14.96
C GLN E 42 9.88 -28.20 -16.41
N THR E 43 9.41 -29.44 -16.62
CA THR E 43 9.21 -29.96 -17.97
C THR E 43 7.77 -30.48 -18.11
N ALA E 44 7.33 -30.60 -19.36
CA ALA E 44 5.99 -31.12 -19.66
C ALA E 44 6.07 -31.94 -20.93
N LYS E 45 5.18 -32.92 -21.04
CA LYS E 45 5.02 -33.70 -22.28
C LYS E 45 3.52 -33.72 -22.58
N LEU E 46 3.15 -33.23 -23.77
CA LEU E 46 1.75 -33.10 -24.17
C LEU E 46 1.45 -33.96 -25.38
N LYS E 47 0.21 -34.46 -25.45
CA LYS E 47 -0.21 -35.29 -26.57
C LYS E 47 -1.56 -34.80 -27.03
N VAL E 48 -1.67 -34.50 -28.32
CA VAL E 48 -2.97 -34.18 -28.92
C VAL E 48 -3.79 -35.47 -28.97
N THR E 49 -4.95 -35.46 -28.30
CA THR E 49 -5.77 -36.68 -28.19
C THR E 49 -7.05 -36.60 -29.05
N LYS E 50 -7.42 -35.41 -29.48
CA LYS E 50 -8.57 -35.24 -30.39
C LYS E 50 -8.35 -33.99 -31.22
N GLY E 51 -8.70 -34.07 -32.50
CA GLY E 51 -8.59 -32.92 -33.41
C GLY E 51 -7.22 -32.71 -34.01
N GLY E 52 -6.37 -33.72 -33.89
CA GLY E 52 -5.01 -33.65 -34.45
C GLY E 52 -4.94 -34.23 -35.85
N PRO E 53 -3.92 -33.82 -36.61
CA PRO E 53 -2.91 -32.81 -36.32
C PRO E 53 -3.53 -31.42 -36.36
N LEU E 54 -2.99 -30.53 -35.53
CA LEU E 54 -3.55 -29.19 -35.44
C LEU E 54 -3.15 -28.33 -36.64
N PRO E 55 -4.10 -27.55 -37.17
CA PRO E 55 -3.86 -26.66 -38.29
C PRO E 55 -3.32 -25.28 -37.94
N PHE E 56 -2.71 -25.13 -36.76
CA PHE E 56 -2.15 -23.86 -36.38
C PHE E 56 -0.89 -24.09 -35.54
N ALA E 57 -0.17 -23.00 -35.28
CA ALA E 57 1.08 -23.08 -34.53
C ALA E 57 0.95 -23.57 -33.09
N TRP E 58 1.74 -24.58 -32.78
CA TRP E 58 1.80 -25.09 -31.40
C TRP E 58 2.12 -23.99 -30.40
N ASP E 59 2.99 -23.06 -30.82
CA ASP E 59 3.51 -22.05 -29.89
C ASP E 59 2.41 -21.28 -29.16
N ILE E 60 1.24 -21.08 -29.77
CA ILE E 60 0.16 -20.34 -29.02
C ILE E 60 -0.37 -21.14 -27.81
N LEU E 61 -0.18 -22.47 -27.84
CA LEU E 61 -0.66 -23.34 -26.73
C LEU E 61 0.38 -23.50 -25.61
N SER E 62 1.65 -23.38 -25.96
CA SER E 62 2.70 -23.76 -25.04
C SER E 62 2.63 -23.05 -23.65
N PRO E 63 2.31 -21.73 -23.61
CA PRO E 63 2.22 -21.09 -22.29
C PRO E 63 0.94 -21.37 -21.53
N GLN E 64 0.04 -22.22 -22.07
CA GLN E 64 -1.16 -22.59 -21.31
C GLN E 64 -1.02 -23.89 -20.53
N PHE E 65 0.01 -24.63 -20.94
N PHE E 65 0.05 -24.62 -20.90
CA PHE E 65 0.33 -25.83 -20.16
CA PHE E 65 0.44 -25.79 -20.10
C PHE E 65 1.26 -25.38 -19.10
C PHE E 65 1.33 -25.37 -18.93
N1 CRQ E 66 1.97 -24.31 -19.49
N1 CRQ E 66 2.18 -24.59 -18.30
CA1 CRQ E 66 2.95 -23.71 -18.62
CA1 CRQ E 66 2.94 -23.60 -18.73
CB1 CRQ E 66 4.31 -24.10 -19.19
CB1 CRQ E 66 4.26 -24.11 -19.30
CG1 CRQ E 66 4.67 -25.33 -18.42
CG1 CRQ E 66 4.68 -25.27 -18.44
C1 CRQ E 66 2.69 -22.22 -18.51
C1 CRQ E 66 2.66 -22.25 -18.55
N2 CRQ E 66 3.53 -21.29 -18.96
N2 CRQ E 66 3.50 -21.29 -18.97
N3 CRQ E 66 1.63 -21.66 -17.88
N3 CRQ E 66 1.63 -21.67 -17.89
C2 CRQ E 66 1.78 -20.36 -17.96
C2 CRQ E 66 1.78 -20.36 -17.95
O2 CRQ E 66 0.96 -19.54 -17.51
O2 CRQ E 66 0.97 -19.53 -17.49
CA2 CRQ E 66 2.98 -20.11 -18.65
CA2 CRQ E 66 2.96 -20.10 -18.66
CA3 CRQ E 66 0.43 -22.31 -17.31
CA3 CRQ E 66 0.42 -22.29 -17.31
CB2 CRQ E 66 3.36 -18.77 -18.87
CB2 CRQ E 66 3.35 -18.76 -18.87
CG2 CRQ E 66 4.50 -18.26 -19.53
CG2 CRQ E 66 4.49 -18.26 -19.52
CD1 CRQ E 66 5.48 -19.02 -20.14
CD1 CRQ E 66 5.47 -19.02 -20.13
CD2 CRQ E 66 4.61 -16.87 -19.54
CD2 CRQ E 66 4.61 -16.87 -19.54
CE1 CRQ E 66 6.58 -18.37 -20.73
CE1 CRQ E 66 6.58 -18.38 -20.72
CE2 CRQ E 66 5.71 -16.22 -20.12
CE2 CRQ E 66 5.70 -16.22 -20.12
CZ CRQ E 66 6.70 -16.98 -20.74
CZ CRQ E 66 6.70 -16.99 -20.74
OH CRQ E 66 7.77 -16.39 -21.31
OH CRQ E 66 7.77 -16.39 -21.31
OE1 CRQ E 66 6.07 -26.11 -20.20
OE1 CRQ E 66 6.10 -26.09 -20.20
C3 CRQ E 66 0.71 -23.03 -16.00
C3 CRQ E 66 0.70 -23.00 -16.00
O3 CRQ E 66 -0.40 -23.70 -15.56
O3 CRQ E 66 -0.40 -23.71 -15.57
CD3 CRQ E 66 5.75 -26.18 -19.03
CD3 CRQ E 66 5.75 -26.16 -19.04
NE1 CRQ E 66 6.31 -26.99 -18.14
NE1 CRQ E 66 6.28 -27.00 -18.15
N SER E 67 1.88 -22.93 -15.45
CA SER E 67 2.18 -23.81 -14.32
C SER E 67 3.02 -22.97 -13.36
N LYS E 68 2.43 -21.83 -12.94
CA LYS E 68 3.21 -20.81 -12.24
C LYS E 68 3.38 -21.07 -10.73
N VAL E 69 2.88 -22.21 -10.25
CA VAL E 69 3.28 -22.65 -8.91
C VAL E 69 4.78 -23.00 -8.88
N TYR E 70 5.39 -23.26 -10.06
N TYR E 70 5.41 -23.21 -10.05
CA TYR E 70 6.83 -23.51 -10.18
CA TYR E 70 6.82 -23.55 -10.09
C TYR E 70 7.58 -22.23 -10.57
C TYR E 70 7.78 -22.35 -10.07
N VAL E 71 7.33 -21.14 -9.86
N VAL E 71 7.27 -21.13 -10.08
CA VAL E 71 8.12 -19.91 -10.06
CA VAL E 71 8.15 -19.95 -10.13
C VAL E 71 8.96 -19.69 -8.80
C VAL E 71 8.96 -19.84 -8.83
N LYS E 72 10.28 -19.66 -8.95
CA LYS E 72 11.16 -19.42 -7.76
C LYS E 72 10.87 -18.00 -7.25
N HIS E 73 10.50 -17.88 -5.97
CA HIS E 73 10.28 -16.58 -5.31
C HIS E 73 11.28 -16.39 -4.16
N PRO E 74 11.84 -15.19 -4.02
CA PRO E 74 12.68 -14.92 -2.84
C PRO E 74 11.76 -14.85 -1.60
N ALA E 75 12.34 -15.10 -0.42
CA ALA E 75 11.55 -15.12 0.82
C ALA E 75 10.75 -13.85 1.10
N ASP E 76 11.22 -12.69 0.63
CA ASP E 76 10.56 -11.43 0.89
C ASP E 76 9.44 -11.06 -0.12
N ILE E 77 9.14 -11.95 -1.06
CA ILE E 77 8.00 -11.72 -1.96
C ILE E 77 7.00 -12.86 -1.74
N PRO E 78 5.83 -12.54 -1.17
CA PRO E 78 4.83 -13.60 -0.95
C PRO E 78 4.52 -14.41 -2.20
N ASP E 79 4.55 -15.74 -2.05
CA ASP E 79 4.34 -16.65 -3.18
C ASP E 79 2.88 -17.09 -3.18
N TYR E 80 2.05 -16.15 -3.62
CA TYR E 80 0.59 -16.30 -3.62
C TYR E 80 0.12 -17.65 -4.16
N LYS E 81 0.69 -18.09 -5.29
CA LYS E 81 0.24 -19.36 -5.90
C LYS E 81 0.60 -20.58 -5.08
N LYS E 82 1.81 -20.61 -4.51
CA LYS E 82 2.14 -21.70 -3.59
C LYS E 82 1.25 -21.65 -2.33
N LEU E 83 1.00 -20.44 -1.81
CA LEU E 83 0.23 -20.33 -0.59
C LEU E 83 -1.21 -20.78 -0.75
N SER E 84 -1.71 -20.80 -1.99
CA SER E 84 -3.09 -21.21 -2.23
C SER E 84 -3.36 -22.72 -2.04
N PHE E 85 -2.29 -23.52 -1.98
CA PHE E 85 -2.45 -24.98 -1.85
C PHE E 85 -2.60 -25.35 -0.38
N PRO E 86 -3.21 -26.50 -0.08
CA PRO E 86 -3.71 -27.56 -0.96
C PRO E 86 -4.90 -27.28 -1.87
N GLU E 87 -5.76 -26.30 -1.57
CA GLU E 87 -6.98 -26.15 -2.39
C GLU E 87 -6.63 -25.74 -3.82
N GLY E 88 -5.72 -24.79 -3.94
CA GLY E 88 -5.22 -24.37 -5.26
C GLY E 88 -5.78 -23.04 -5.70
N PHE E 89 -5.69 -22.80 -7.01
CA PHE E 89 -6.05 -21.49 -7.54
C PHE E 89 -6.59 -21.67 -8.96
N LYS E 90 -7.25 -20.65 -9.46
CA LYS E 90 -7.61 -20.61 -10.89
C LYS E 90 -6.81 -19.50 -11.55
N TRP E 91 -6.59 -19.62 -12.84
CA TRP E 91 -6.01 -18.47 -13.57
C TRP E 91 -6.76 -18.26 -14.88
N GLU E 92 -6.85 -17.00 -15.28
CA GLU E 92 -7.50 -16.63 -16.54
C GLU E 92 -6.57 -15.73 -17.32
N ARG E 93 -6.79 -15.66 -18.61
CA ARG E 93 -5.88 -14.91 -19.43
C ARG E 93 -6.52 -14.41 -20.71
N VAL E 94 -6.06 -13.23 -21.16
CA VAL E 94 -6.28 -12.72 -22.51
CA VAL E 94 -6.30 -12.80 -22.53
C VAL E 94 -4.95 -12.67 -23.24
N MET E 95 -4.89 -13.18 -24.46
CA MET E 95 -3.74 -12.92 -25.34
C MET E 95 -4.28 -12.07 -26.51
N ASN E 96 -3.69 -10.90 -26.71
CA ASN E 96 -4.03 -9.99 -27.83
C ASN E 96 -2.89 -10.01 -28.83
N PHE E 97 -3.13 -10.60 -29.99
CA PHE E 97 -2.10 -10.73 -31.03
C PHE E 97 -2.13 -9.50 -31.95
N GLU E 98 -0.95 -9.10 -32.44
CA GLU E 98 -0.88 -7.84 -33.18
C GLU E 98 -1.69 -7.78 -34.49
N ASP E 99 -1.97 -8.95 -35.07
CA ASP E 99 -2.77 -9.04 -36.31
C ASP E 99 -4.24 -9.36 -36.04
N GLY E 100 -4.67 -9.22 -34.78
CA GLY E 100 -6.09 -9.20 -34.43
C GLY E 100 -6.57 -10.50 -33.81
N GLY E 101 -5.73 -11.54 -33.83
CA GLY E 101 -6.11 -12.78 -33.12
C GLY E 101 -6.33 -12.46 -31.62
N VAL E 102 -7.29 -13.15 -31.00
CA VAL E 102 -7.57 -12.94 -29.57
C VAL E 102 -7.86 -14.30 -28.96
N VAL E 103 -7.26 -14.56 -27.79
CA VAL E 103 -7.53 -15.82 -27.10
C VAL E 103 -7.98 -15.49 -25.67
N THR E 104 -9.00 -16.18 -25.18
CA THR E 104 -9.19 -16.24 -23.71
C THR E 104 -8.98 -17.66 -23.22
N VAL E 105 -8.49 -17.75 -21.98
CA VAL E 105 -8.18 -19.06 -21.38
C VAL E 105 -8.68 -19.02 -19.95
N THR E 106 -9.18 -20.16 -19.48
CA THR E 106 -9.60 -20.29 -18.07
C THR E 106 -9.08 -21.62 -17.56
N GLN E 107 -8.54 -21.63 -16.34
CA GLN E 107 -7.74 -22.78 -15.89
C GLN E 107 -8.00 -23.01 -14.41
N ASP E 108 -8.08 -24.29 -14.05
CA ASP E 108 -8.21 -24.65 -12.64
C ASP E 108 -7.03 -25.49 -12.21
N SER E 109 -6.41 -25.12 -11.09
CA SER E 109 -5.24 -25.84 -10.56
C SER E 109 -5.59 -26.41 -9.18
N SER E 110 -5.49 -27.73 -9.03
CA SER E 110 -5.81 -28.38 -7.74
C SER E 110 -4.70 -29.38 -7.43
N LEU E 111 -4.88 -30.18 -6.36
CA LEU E 111 -3.82 -31.06 -5.91
C LEU E 111 -4.50 -32.34 -5.48
N GLN E 112 -4.04 -33.47 -5.99
CA GLN E 112 -4.72 -34.75 -5.72
C GLN E 112 -3.67 -35.84 -5.80
N ASP E 113 -3.73 -36.80 -4.89
CA ASP E 113 -2.74 -37.90 -4.87
C ASP E 113 -1.28 -37.35 -4.88
N GLY E 114 -1.07 -36.16 -4.29
CA GLY E 114 0.26 -35.49 -4.26
C GLY E 114 0.75 -34.94 -5.61
N CYS E 115 -0.16 -34.85 -6.57
CA CYS E 115 0.12 -34.38 -7.93
CA CYS E 115 0.13 -34.34 -7.93
C CYS E 115 -0.72 -33.11 -8.21
N PHE E 116 -0.15 -32.10 -8.86
CA PHE E 116 -1.00 -30.98 -9.30
C PHE E 116 -1.87 -31.44 -10.44
N ILE E 117 -3.09 -30.92 -10.50
CA ILE E 117 -4.04 -31.28 -11.52
C ILE E 117 -4.48 -30.00 -12.23
N TYR E 118 -4.19 -29.92 -13.53
CA TYR E 118 -4.50 -28.74 -14.34
C TYR E 118 -5.62 -29.02 -15.31
N LYS E 119 -6.64 -28.16 -15.33
CA LYS E 119 -7.73 -28.30 -16.32
C LYS E 119 -7.85 -26.99 -17.07
N VAL E 120 -7.73 -27.02 -18.41
CA VAL E 120 -7.61 -25.75 -19.20
C VAL E 120 -8.69 -25.70 -20.26
N LYS E 121 -9.34 -24.54 -20.40
CA LYS E 121 -10.22 -24.29 -21.54
C LYS E 121 -9.71 -23.08 -22.28
N PHE E 122 -9.70 -23.15 -23.62
CA PHE E 122 -9.00 -22.17 -24.48
C PHE E 122 -9.87 -21.87 -25.70
N ILE E 123 -10.17 -20.59 -25.98
CA ILE E 123 -10.87 -20.22 -27.22
C ILE E 123 -10.07 -19.14 -27.93
N GLY E 124 -9.64 -19.43 -29.14
CA GLY E 124 -8.87 -18.46 -29.94
C GLY E 124 -9.67 -18.14 -31.19
N VAL E 125 -9.81 -16.84 -31.48
CA VAL E 125 -10.61 -16.40 -32.60
C VAL E 125 -9.92 -15.26 -33.38
N ASN E 126 -10.36 -15.06 -34.62
CA ASN E 126 -9.98 -13.91 -35.44
C ASN E 126 -8.53 -13.93 -35.92
N PHE E 127 -7.96 -15.12 -36.04
CA PHE E 127 -6.64 -15.23 -36.64
C PHE E 127 -6.74 -15.16 -38.18
N PRO E 128 -5.98 -14.25 -38.82
CA PRO E 128 -6.01 -14.22 -40.29
C PRO E 128 -5.61 -15.59 -40.86
N SER E 129 -6.32 -16.04 -41.90
CA SER E 129 -6.04 -17.36 -42.47
C SER E 129 -4.62 -17.49 -43.05
N ASP E 130 -4.06 -16.35 -43.47
CA ASP E 130 -2.72 -16.31 -44.04
C ASP E 130 -1.65 -15.82 -43.04
N GLY E 131 -2.03 -15.69 -41.77
CA GLY E 131 -1.13 -15.17 -40.73
C GLY E 131 -0.18 -16.25 -40.18
N PRO E 132 0.77 -15.84 -39.31
CA PRO E 132 1.78 -16.79 -38.85
C PRO E 132 1.23 -17.92 -37.99
N VAL E 133 0.10 -17.70 -37.36
CA VAL E 133 -0.51 -18.75 -36.55
C VAL E 133 -1.13 -19.82 -37.41
N MET E 134 -2.04 -19.45 -38.31
CA MET E 134 -2.69 -20.45 -39.14
C MET E 134 -1.74 -21.08 -40.16
N GLN E 135 -0.62 -20.39 -40.44
CA GLN E 135 0.31 -20.88 -41.46
C GLN E 135 1.54 -21.51 -40.83
N LYS E 136 1.58 -21.59 -39.49
CA LYS E 136 2.66 -22.26 -38.76
C LYS E 136 4.02 -21.64 -39.09
N LYS E 137 4.12 -20.33 -38.95
CA LYS E 137 5.34 -19.62 -39.32
C LYS E 137 6.17 -19.22 -38.11
N THR E 138 5.76 -19.64 -36.91
CA THR E 138 6.45 -19.23 -35.69
C THR E 138 7.54 -20.25 -35.30
N MET E 139 8.55 -19.78 -34.57
CA MET E 139 9.67 -20.61 -34.12
C MET E 139 10.02 -20.37 -32.65
N GLY E 140 9.01 -20.40 -31.78
CA GLY E 140 9.26 -20.32 -30.35
C GLY E 140 9.16 -18.89 -29.82
N TRP E 141 9.03 -18.79 -28.51
CA TRP E 141 8.95 -17.52 -27.82
C TRP E 141 10.31 -16.97 -27.46
N GLU E 142 10.42 -15.62 -27.47
CA GLU E 142 11.53 -14.96 -26.76
C GLU E 142 11.32 -15.17 -25.24
N PRO E 143 12.41 -15.20 -24.46
CA PRO E 143 12.22 -15.14 -22.99
C PRO E 143 11.50 -13.83 -22.66
N SER E 144 10.77 -13.79 -21.55
CA SER E 144 9.89 -12.66 -21.28
C SER E 144 9.99 -12.19 -19.84
N THR E 145 9.34 -11.07 -19.58
CA THR E 145 9.30 -10.52 -18.22
C THR E 145 7.90 -9.96 -17.96
N GLU E 146 7.20 -10.55 -16.98
CA GLU E 146 5.85 -10.17 -16.61
C GLU E 146 5.91 -9.12 -15.49
N ARG E 147 5.01 -8.15 -15.59
CA ARG E 147 4.84 -7.13 -14.55
C ARG E 147 3.58 -7.48 -13.77
N LEU E 148 3.76 -7.74 -12.48
CA LEU E 148 2.66 -8.17 -11.57
C LEU E 148 2.36 -7.14 -10.48
N TYR E 149 1.11 -7.15 -10.06
CA TYR E 149 0.63 -6.26 -8.98
C TYR E 149 -0.63 -6.87 -8.37
N PRO E 150 -0.92 -6.52 -7.11
CA PRO E 150 -2.18 -6.96 -6.52
C PRO E 150 -3.35 -6.05 -6.90
N ARG E 151 -4.52 -6.61 -7.15
CA ARG E 151 -5.69 -5.79 -7.44
C ARG E 151 -6.94 -6.57 -7.11
N ASP E 152 -7.85 -5.90 -6.42
CA ASP E 152 -9.15 -6.48 -6.05
C ASP E 152 -9.01 -7.85 -5.40
N GLY E 153 -7.97 -7.99 -4.58
CA GLY E 153 -7.77 -9.16 -3.74
C GLY E 153 -7.19 -10.35 -4.46
N VAL E 154 -6.85 -10.15 -5.73
CA VAL E 154 -6.17 -11.20 -6.51
C VAL E 154 -4.85 -10.66 -7.11
N LEU E 155 -4.12 -11.54 -7.81
CA LEU E 155 -2.83 -11.17 -8.38
C LEU E 155 -3.00 -11.05 -9.90
N LYS E 156 -2.46 -9.98 -10.48
CA LYS E 156 -2.61 -9.76 -11.93
C LYS E 156 -1.25 -9.52 -12.53
N GLY E 157 -1.12 -9.86 -13.82
CA GLY E 157 0.16 -9.59 -14.48
C GLY E 157 0.01 -9.41 -15.98
N GLU E 158 0.91 -8.62 -16.57
CA GLU E 158 0.87 -8.45 -18.01
C GLU E 158 2.28 -8.60 -18.58
N ILE E 159 2.33 -9.02 -19.84
CA ILE E 159 3.61 -9.28 -20.48
C ILE E 159 3.53 -8.84 -21.96
N HIS E 160 4.61 -8.21 -22.44
CA HIS E 160 4.78 -8.01 -23.88
C HIS E 160 5.66 -9.15 -24.36
N LYS E 161 5.01 -10.10 -25.02
CA LYS E 161 5.68 -11.31 -25.54
C LYS E 161 5.88 -11.27 -27.06
N ALA E 162 6.66 -12.21 -27.58
CA ALA E 162 7.01 -12.19 -29.00
C ALA E 162 7.37 -13.59 -29.41
N LEU E 163 6.76 -13.99 -30.52
CA LEU E 163 7.12 -15.23 -31.21
C LEU E 163 8.12 -14.89 -32.31
N LYS E 164 9.19 -15.69 -32.39
CA LYS E 164 10.15 -15.54 -33.50
C LYS E 164 9.52 -16.07 -34.76
N LEU E 165 9.78 -15.38 -35.87
CA LEU E 165 9.22 -15.81 -37.17
C LEU E 165 10.25 -16.59 -37.97
N LYS E 166 9.79 -17.61 -38.71
CA LYS E 166 10.66 -18.39 -39.61
C LYS E 166 11.48 -17.52 -40.58
N ASP E 167 10.83 -16.52 -41.18
CA ASP E 167 11.48 -15.70 -42.18
C ASP E 167 12.14 -14.47 -41.58
N GLY E 168 12.23 -14.45 -40.24
CA GLY E 168 12.88 -13.36 -39.52
C GLY E 168 11.90 -12.38 -38.90
N GLY E 169 12.37 -11.66 -37.89
CA GLY E 169 11.49 -10.71 -37.19
C GLY E 169 10.62 -11.40 -36.14
N HIS E 170 9.62 -10.66 -35.63
CA HIS E 170 8.84 -11.08 -34.45
C HIS E 170 7.36 -10.87 -34.72
N TYR E 171 6.57 -11.73 -34.10
CA TYR E 171 5.11 -11.60 -34.09
C TYR E 171 4.72 -11.36 -32.62
N LEU E 172 4.15 -10.18 -32.39
CA LEU E 172 3.93 -9.67 -31.04
C LEU E 172 2.58 -10.06 -30.44
N VAL E 173 2.61 -10.34 -29.14
CA VAL E 173 1.43 -10.79 -28.44
C VAL E 173 1.45 -10.17 -27.04
N GLU E 174 0.37 -9.52 -26.62
CA GLU E 174 0.28 -9.01 -25.22
C GLU E 174 -0.48 -10.02 -24.39
N PHE E 175 0.08 -10.37 -23.23
CA PHE E 175 -0.65 -11.26 -22.29
C PHE E 175 -1.17 -10.45 -21.12
N LYS E 176 -2.41 -10.73 -20.73
CA LYS E 176 -2.96 -10.19 -19.46
C LYS E 176 -3.46 -11.42 -18.71
N SER E 177 -2.93 -11.63 -17.50
CA SER E 177 -3.33 -12.80 -16.72
C SER E 177 -3.88 -12.39 -15.36
N ILE E 178 -4.71 -13.27 -14.82
CA ILE E 178 -5.31 -13.04 -13.50
C ILE E 178 -5.18 -14.36 -12.76
N TYR E 179 -4.61 -14.32 -11.55
CA TYR E 179 -4.40 -15.52 -10.75
C TYR E 179 -5.26 -15.38 -9.50
N MET E 180 -6.14 -16.37 -9.28
CA MET E 180 -7.18 -16.26 -8.25
CA MET E 180 -7.17 -16.26 -8.23
C MET E 180 -7.15 -17.45 -7.27
N ALA E 181 -6.57 -17.24 -6.09
CA ALA E 181 -6.58 -18.32 -5.10
C ALA E 181 -8.03 -18.71 -4.78
N LYS E 182 -8.24 -20.01 -4.55
CA LYS E 182 -9.59 -20.49 -4.24
C LYS E 182 -10.12 -19.95 -2.88
N LYS E 183 -9.21 -19.74 -1.94
CA LYS E 183 -9.49 -18.92 -0.75
C LYS E 183 -8.38 -17.89 -0.64
N PRO E 184 -8.73 -16.60 -0.45
CA PRO E 184 -7.73 -15.50 -0.49
C PRO E 184 -6.52 -15.71 0.44
N VAL E 185 -5.34 -15.66 -0.15
CA VAL E 185 -4.09 -15.78 0.57
C VAL E 185 -3.26 -14.53 0.36
N GLN E 186 -2.13 -14.47 1.06
CA GLN E 186 -1.31 -13.26 1.03
C GLN E 186 -0.78 -12.88 -0.34
N LEU E 187 -0.82 -11.58 -0.62
CA LEU E 187 -0.41 -11.02 -1.91
C LEU E 187 0.94 -10.33 -1.82
N PRO E 188 1.70 -10.35 -2.92
CA PRO E 188 2.92 -9.52 -3.03
C PRO E 188 2.50 -8.10 -3.41
N GLY E 189 3.50 -7.21 -3.51
CA GLY E 189 3.26 -5.93 -4.12
C GLY E 189 3.67 -5.97 -5.60
N TYR E 190 4.03 -4.82 -6.12
CA TYR E 190 4.50 -4.72 -7.52
C TYR E 190 5.82 -5.48 -7.71
N TYR E 191 5.86 -6.44 -8.62
CA TYR E 191 7.12 -7.16 -8.89
C TYR E 191 7.13 -7.77 -10.27
N TYR E 192 8.21 -8.49 -10.58
CA TYR E 192 8.40 -9.04 -11.93
C TYR E 192 8.71 -10.53 -11.91
N VAL E 193 8.29 -11.22 -12.96
CA VAL E 193 8.67 -12.63 -13.16
C VAL E 193 9.33 -12.77 -14.51
N ASP E 194 10.58 -13.24 -14.51
CA ASP E 194 11.31 -13.55 -15.77
C ASP E 194 11.00 -15.01 -16.10
N SER E 195 10.68 -15.28 -17.37
CA SER E 195 10.41 -16.65 -17.79
C SER E 195 11.10 -16.95 -19.10
N LYS E 196 11.40 -18.24 -19.32
CA LYS E 196 11.89 -18.70 -20.63
C LYS E 196 11.33 -20.08 -20.90
N LEU E 197 10.49 -20.17 -21.92
CA LEU E 197 9.84 -21.45 -22.30
CA LEU E 197 9.80 -21.41 -22.31
C LEU E 197 10.39 -21.94 -23.62
N ASP E 198 10.79 -23.21 -23.62
CA ASP E 198 11.42 -23.84 -24.80
C ASP E 198 10.64 -25.09 -25.17
N ILE E 199 10.42 -25.30 -26.48
CA ILE E 199 10.00 -26.60 -27.03
C ILE E 199 11.29 -27.40 -27.20
N THR E 200 11.38 -28.54 -26.53
CA THR E 200 12.63 -29.31 -26.48
C THR E 200 12.65 -30.52 -27.41
N SER E 201 11.46 -31.04 -27.74
CA SER E 201 11.34 -32.09 -28.73
C SER E 201 9.91 -32.21 -29.22
N HIS E 202 9.75 -32.87 -30.36
CA HIS E 202 8.41 -33.00 -30.93
C HIS E 202 8.44 -34.02 -32.04
N ASN E 203 7.30 -34.62 -32.33
CA ASN E 203 7.20 -35.44 -33.51
C ASN E 203 6.87 -34.59 -34.75
N GLU E 204 6.74 -35.26 -35.88
CA GLU E 204 6.71 -34.57 -37.15
C GLU E 204 5.57 -33.55 -37.25
N ASP E 205 4.39 -33.89 -36.74
CA ASP E 205 3.24 -33.00 -36.90
C ASP E 205 2.82 -32.37 -35.56
N TYR E 206 3.74 -32.37 -34.59
CA TYR E 206 3.47 -31.73 -33.29
C TYR E 206 2.21 -32.23 -32.60
N THR E 207 1.96 -33.53 -32.74
CA THR E 207 0.96 -34.20 -31.90
C THR E 207 1.52 -34.75 -30.58
N ILE E 208 2.86 -34.84 -30.46
CA ILE E 208 3.51 -35.16 -29.20
C ILE E 208 4.63 -34.14 -29.08
N VAL E 209 4.66 -33.40 -27.97
CA VAL E 209 5.57 -32.26 -27.84
C VAL E 209 6.09 -32.21 -26.40
N GLU E 210 7.37 -31.88 -26.22
CA GLU E 210 7.92 -31.72 -24.85
C GLU E 210 8.41 -30.29 -24.67
N GLN E 211 8.30 -29.78 -23.46
CA GLN E 211 8.56 -28.36 -23.18
C GLN E 211 9.40 -28.29 -21.92
N TYR E 212 10.10 -27.18 -21.78
CA TYR E 212 10.84 -26.84 -20.57
C TYR E 212 10.61 -25.36 -20.27
N GLU E 213 10.41 -25.04 -18.99
CA GLU E 213 10.24 -23.64 -18.59
C GLU E 213 11.06 -23.33 -17.32
N ARG E 214 11.74 -22.18 -17.34
CA ARG E 214 12.41 -21.65 -16.17
C ARG E 214 11.74 -20.32 -15.84
N ALA E 215 11.41 -20.07 -14.56
CA ALA E 215 10.77 -18.81 -14.17
C ALA E 215 11.21 -18.42 -12.75
N GLU E 216 11.50 -17.13 -12.55
CA GLU E 216 11.94 -16.63 -11.26
C GLU E 216 11.35 -15.24 -11.04
N GLY E 217 10.81 -15.04 -9.83
CA GLY E 217 10.28 -13.72 -9.44
C GLY E 217 11.33 -12.87 -8.76
N ARG E 218 11.16 -11.57 -8.91
CA ARG E 218 12.14 -10.64 -8.34
C ARG E 218 11.60 -9.23 -8.25
N HIS E 219 12.24 -8.40 -7.45
CA HIS E 219 11.94 -6.96 -7.49
C HIS E 219 12.56 -6.37 -8.76
N HIS E 220 12.06 -5.18 -9.14
CA HIS E 220 12.77 -4.43 -10.18
C HIS E 220 14.25 -4.27 -9.77
N LEU E 221 15.15 -4.28 -10.75
CA LEU E 221 16.60 -4.29 -10.47
C LEU E 221 17.07 -3.01 -9.81
N PHE E 222 16.30 -1.92 -9.94
CA PHE E 222 16.77 -0.63 -9.44
C PHE E 222 16.33 -0.37 -8.02
N LEU E 223 15.67 -1.36 -7.42
CA LEU E 223 15.22 -1.22 -6.02
C LEU E 223 16.25 -1.74 -5.00
N VAL F 7 31.42 12.66 -30.19
CA VAL F 7 30.37 13.71 -30.26
C VAL F 7 29.53 13.74 -28.97
N ILE F 8 29.31 12.57 -28.40
CA ILE F 8 28.62 12.48 -27.11
C ILE F 8 29.67 12.31 -26.01
N LYS F 9 29.80 13.34 -25.18
CA LYS F 9 30.80 13.38 -24.11
C LYS F 9 30.27 12.66 -22.85
N GLU F 10 31.15 12.42 -21.87
CA GLU F 10 30.74 11.80 -20.62
C GLU F 10 29.71 12.60 -19.81
N PHE F 11 29.74 13.92 -19.99
CA PHE F 11 28.75 14.81 -19.42
C PHE F 11 28.12 15.62 -20.54
N MET F 12 26.80 15.64 -20.58
CA MET F 12 26.07 16.39 -21.62
C MET F 12 24.86 17.11 -21.04
N ARG F 13 24.64 18.34 -21.50
CA ARG F 13 23.42 19.13 -21.17
C ARG F 13 22.39 19.02 -22.31
N PHE F 14 21.14 19.30 -21.96
CA PHE F 14 20.09 19.42 -22.94
C PHE F 14 19.13 20.57 -22.62
N LYS F 15 18.50 21.06 -23.68
CA LYS F 15 17.36 21.98 -23.58
C LYS F 15 16.10 21.28 -24.08
N VAL F 16 14.98 21.54 -23.45
CA VAL F 16 13.72 20.95 -23.91
C VAL F 16 12.58 21.95 -23.94
N ARG F 17 11.73 21.82 -24.95
CA ARG F 17 10.46 22.58 -24.94
C ARG F 17 9.30 21.68 -25.42
N MET F 18 8.14 21.89 -24.84
CA MET F 18 6.97 21.06 -25.13
C MET F 18 5.78 21.97 -25.41
N GLU F 19 5.04 21.68 -26.48
CA GLU F 19 3.72 22.27 -26.67
C GLU F 19 2.75 21.12 -26.48
N GLY F 20 1.80 21.27 -25.56
CA GLY F 20 0.90 20.14 -25.29
C GLY F 20 -0.55 20.53 -25.09
N SER F 21 -1.40 19.51 -25.06
CA SER F 21 -2.80 19.72 -24.71
CA SER F 21 -2.81 19.71 -24.76
C SER F 21 -3.37 18.46 -24.08
N VAL F 22 -4.19 18.65 -23.06
CA VAL F 22 -4.86 17.51 -22.37
C VAL F 22 -6.32 17.90 -22.20
N ASN F 23 -7.23 17.07 -22.75
CA ASN F 23 -8.67 17.34 -22.62
C ASN F 23 -9.04 18.79 -22.99
N GLY F 24 -8.39 19.29 -24.06
CA GLY F 24 -8.65 20.66 -24.57
C GLY F 24 -7.93 21.78 -23.85
N HIS F 25 -7.16 21.46 -22.81
CA HIS F 25 -6.39 22.48 -22.09
C HIS F 25 -4.99 22.57 -22.71
N GLU F 26 -4.69 23.71 -23.34
CA GLU F 26 -3.38 23.92 -23.99
C GLU F 26 -2.33 24.47 -23.05
N PHE F 27 -1.06 24.06 -23.22
CA PHE F 27 0.02 24.56 -22.35
C PHE F 27 1.36 24.48 -23.09
N GLU F 28 2.35 25.19 -22.56
CA GLU F 28 3.71 25.10 -23.03
C GLU F 28 4.63 24.99 -21.83
N ILE F 29 5.72 24.26 -22.03
CA ILE F 29 6.70 24.00 -20.98
C ILE F 29 8.10 24.20 -21.59
N GLU F 30 9.02 24.76 -20.81
CA GLU F 30 10.42 24.85 -21.24
C GLU F 30 11.30 24.37 -20.12
N GLY F 31 12.45 23.79 -20.45
CA GLY F 31 13.36 23.42 -19.42
C GLY F 31 14.71 23.07 -19.90
N GLU F 32 15.49 22.50 -18.96
CA GLU F 32 16.86 22.09 -19.26
C GLU F 32 17.23 20.89 -18.44
N GLY F 33 18.30 20.20 -18.82
CA GLY F 33 18.70 19.01 -18.07
C GLY F 33 20.15 18.73 -18.30
N GLU F 34 20.63 17.71 -17.63
CA GLU F 34 22.03 17.33 -17.77
C GLU F 34 22.22 15.94 -17.23
N GLY F 35 23.34 15.33 -17.55
CA GLY F 35 23.54 13.95 -17.11
C GLY F 35 24.75 13.31 -17.75
N ARG F 36 24.86 12.00 -17.52
CA ARG F 36 26.03 11.21 -17.89
C ARG F 36 25.55 10.11 -18.83
N PRO F 37 25.66 10.35 -20.15
CA PRO F 37 25.02 9.42 -21.13
C PRO F 37 25.51 7.99 -21.05
N TYR F 38 26.78 7.78 -20.68
CA TYR F 38 27.31 6.42 -20.63
C TYR F 38 27.09 5.74 -19.28
N GLU F 39 26.57 6.51 -18.31
CA GLU F 39 26.27 5.99 -16.96
C GLU F 39 24.77 5.79 -16.72
N GLY F 40 23.96 6.33 -17.61
CA GLY F 40 22.50 6.16 -17.56
C GLY F 40 21.81 7.04 -16.54
N THR F 41 22.41 8.19 -16.18
CA THR F 41 21.77 9.05 -15.16
C THR F 41 21.61 10.48 -15.66
N GLN F 42 20.54 11.14 -15.24
CA GLN F 42 20.28 12.50 -15.72
C GLN F 42 19.24 13.19 -14.85
N THR F 43 19.28 14.53 -14.84
CA THR F 43 18.26 15.31 -14.18
C THR F 43 17.68 16.31 -15.19
N ALA F 44 16.52 16.86 -14.86
CA ALA F 44 15.88 17.92 -15.66
C ALA F 44 15.15 18.88 -14.72
N LYS F 45 15.00 20.15 -15.13
CA LYS F 45 14.16 21.09 -14.40
C LYS F 45 13.26 21.75 -15.45
N LEU F 46 11.97 21.67 -15.21
CA LEU F 46 10.96 22.15 -16.16
C LEU F 46 10.16 23.27 -15.55
N LYS F 47 9.76 24.21 -16.42
CA LYS F 47 8.87 25.31 -16.04
C LYS F 47 7.66 25.43 -16.99
N VAL F 48 6.47 25.54 -16.44
CA VAL F 48 5.28 25.75 -17.25
C VAL F 48 5.34 27.24 -17.64
N THR F 49 5.40 27.52 -18.94
CA THR F 49 5.49 28.90 -19.44
C THR F 49 4.18 29.46 -19.98
N LYS F 50 3.28 28.59 -20.41
CA LYS F 50 1.92 29.01 -20.80
C LYS F 50 0.91 27.96 -20.37
N GLY F 51 -0.27 28.43 -19.96
CA GLY F 51 -1.33 27.51 -19.65
C GLY F 51 -1.31 26.96 -18.23
N GLY F 52 -0.46 27.54 -17.36
CA GLY F 52 -0.38 27.11 -15.98
C GLY F 52 -1.33 27.90 -15.08
N PRO F 53 -1.68 27.31 -13.92
CA PRO F 53 -1.28 25.96 -13.47
C PRO F 53 -2.01 24.86 -14.25
N LEU F 54 -1.37 23.71 -14.44
CA LEU F 54 -2.03 22.65 -15.21
C LEU F 54 -3.13 22.00 -14.41
N PRO F 55 -4.28 21.75 -15.04
CA PRO F 55 -5.41 21.10 -14.34
C PRO F 55 -5.38 19.57 -14.38
N PHE F 56 -4.20 18.98 -14.48
CA PHE F 56 -4.09 17.52 -14.54
C PHE F 56 -2.74 17.10 -13.95
N ALA F 57 -2.56 15.80 -13.76
CA ALA F 57 -1.38 15.23 -13.10
C ALA F 57 -0.10 15.45 -13.91
N TRP F 58 0.92 16.05 -13.27
CA TRP F 58 2.20 16.26 -13.91
C TRP F 58 2.80 14.94 -14.39
N ASP F 59 2.58 13.88 -13.63
CA ASP F 59 3.16 12.56 -13.95
C ASP F 59 2.97 12.09 -15.39
N ILE F 60 1.88 12.47 -16.05
CA ILE F 60 1.72 11.99 -17.45
C ILE F 60 2.70 12.69 -18.40
N LEU F 61 3.22 13.86 -17.98
CA LEU F 61 4.22 14.61 -18.80
C LEU F 61 5.65 14.17 -18.51
N SER F 62 5.93 13.67 -17.30
CA SER F 62 7.34 13.48 -16.88
C SER F 62 8.18 12.59 -17.84
N PRO F 63 7.61 11.48 -18.36
CA PRO F 63 8.36 10.61 -19.28
C PRO F 63 8.51 11.15 -20.69
N GLN F 64 8.04 12.38 -20.96
CA GLN F 64 8.25 12.98 -22.27
C GLN F 64 9.43 13.94 -22.32
N PHE F 65 9.84 14.36 -21.09
N PHE F 65 9.86 14.34 -21.10
CA PHE F 65 11.05 15.22 -21.02
CA PHE F 65 11.09 15.17 -21.01
C PHE F 65 12.21 14.30 -20.89
C PHE F 65 12.28 14.22 -20.91
N1 CRQ F 66 11.87 13.10 -20.35
N1 CRQ F 66 12.85 13.05 -20.66
CA1 CRQ F 66 12.73 12.00 -20.12
CA1 CRQ F 66 12.50 11.94 -20.07
CB1 CRQ F 66 12.98 11.96 -18.61
CB1 CRQ F 66 12.80 12.02 -18.56
CG1 CRQ F 66 14.19 12.83 -18.42
CG1 CRQ F 66 14.15 12.73 -18.41
C1 CRQ F 66 12.15 10.73 -20.72
C1 CRQ F 66 12.06 10.79 -20.72
N2 CRQ F 66 11.79 9.66 -20.00
N2 CRQ F 66 11.73 9.70 -20.01
N3 CRQ F 66 11.96 10.48 -22.04
N3 CRQ F 66 11.92 10.50 -22.05
C2 CRQ F 66 11.45 9.26 -22.17
C2 CRQ F 66 11.46 9.26 -22.17
O2 CRQ F 66 11.17 8.71 -23.24
O2 CRQ F 66 11.20 8.69 -23.25
CA2 CRQ F 66 11.36 8.71 -20.87
CA2 CRQ F 66 11.35 8.73 -20.88
CA3 CRQ F 66 12.14 11.36 -23.23
CA3 CRQ F 66 12.11 11.37 -23.23
CB2 CRQ F 66 10.83 7.43 -20.69
CB2 CRQ F 66 10.85 7.43 -20.70
CG2 CRQ F 66 10.65 6.70 -19.50
CG2 CRQ F 66 10.66 6.71 -19.50
CD1 CRQ F 66 10.84 7.20 -18.19
CD1 CRQ F 66 10.86 7.20 -18.20
CD2 CRQ F 66 10.24 5.37 -19.67
CD2 CRQ F 66 10.25 5.37 -19.67
CE1 CRQ F 66 10.64 6.34 -17.09
CE1 CRQ F 66 10.65 6.34 -17.09
CE2 CRQ F 66 10.03 4.52 -18.59
CE2 CRQ F 66 10.04 4.53 -18.58
CZ CRQ F 66 10.21 5.01 -17.28
CZ CRQ F 66 10.22 5.02 -17.28
OH CRQ F 66 10.00 4.17 -16.22
OH CRQ F 66 10.01 4.18 -16.23
OE1 CRQ F 66 13.61 13.26 -16.10
OE1 CRQ F 66 13.60 13.29 -16.11
C3 CRQ F 66 13.56 11.79 -23.46
C3 CRQ F 66 13.54 11.78 -23.47
O3 CRQ F 66 13.62 12.64 -24.52
O3 CRQ F 66 13.62 12.63 -24.52
CD3 CRQ F 66 14.47 13.27 -16.98
CD3 CRQ F 66 14.45 13.25 -17.00
NE1 CRQ F 66 15.75 13.60 -16.77
NE1 CRQ F 66 15.73 13.59 -16.83
N SER F 67 14.49 11.04 -22.95
CA SER F 67 15.86 11.56 -23.10
C SER F 67 16.71 10.28 -23.10
N LYS F 68 16.30 9.35 -23.96
CA LYS F 68 16.90 8.00 -23.97
C LYS F 68 18.31 7.89 -24.60
N VAL F 69 18.92 9.00 -25.04
CA VAL F 69 20.36 8.97 -25.35
C VAL F 69 21.18 8.73 -24.08
N TYR F 70 20.56 8.95 -22.92
N TYR F 70 20.59 8.91 -22.91
CA TYR F 70 21.19 8.73 -21.60
CA TYR F 70 21.33 8.73 -21.65
C TYR F 70 20.80 7.36 -21.03
C TYR F 70 21.30 7.28 -21.13
N VAL F 71 20.77 6.35 -21.87
N VAL F 71 20.63 6.37 -21.83
CA VAL F 71 20.63 4.99 -21.37
CA VAL F 71 20.56 4.97 -21.35
C VAL F 71 22.01 4.35 -21.44
C VAL F 71 21.92 4.24 -21.46
N LYS F 72 22.43 3.75 -20.33
CA LYS F 72 23.67 2.96 -20.28
C LYS F 72 23.52 1.66 -21.07
N HIS F 73 24.38 1.45 -22.07
CA HIS F 73 24.32 0.21 -22.88
C HIS F 73 25.61 -0.56 -22.79
N PRO F 74 25.52 -1.91 -22.66
CA PRO F 74 26.73 -2.71 -22.69
C PRO F 74 27.31 -2.73 -24.09
N ALA F 75 28.61 -3.01 -24.21
CA ALA F 75 29.28 -2.91 -25.51
C ALA F 75 28.68 -3.79 -26.58
N ASP F 76 28.02 -4.89 -26.19
CA ASP F 76 27.50 -5.85 -27.16
C ASP F 76 26.05 -5.59 -27.60
N ILE F 77 25.44 -4.50 -27.14
CA ILE F 77 24.10 -4.11 -27.62
C ILE F 77 24.27 -2.77 -28.31
N PRO F 78 24.05 -2.72 -29.64
CA PRO F 78 24.16 -1.43 -30.34
C PRO F 78 23.34 -0.32 -29.68
N ASP F 79 23.95 0.84 -29.51
CA ASP F 79 23.27 1.95 -28.83
C ASP F 79 22.79 2.91 -29.92
N TYR F 80 21.69 2.50 -30.54
CA TYR F 80 21.11 3.13 -31.73
C TYR F 80 20.96 4.64 -31.53
N LYS F 81 20.45 5.04 -30.37
CA LYS F 81 20.23 6.48 -30.10
C LYS F 81 21.53 7.28 -30.02
N LYS F 82 22.56 6.72 -29.39
CA LYS F 82 23.87 7.43 -29.36
C LYS F 82 24.48 7.44 -30.76
N LEU F 83 24.35 6.32 -31.46
CA LEU F 83 24.91 6.26 -32.83
C LEU F 83 24.26 7.28 -33.78
N SER F 84 23.01 7.66 -33.49
CA SER F 84 22.30 8.58 -34.38
C SER F 84 22.91 9.97 -34.45
N PHE F 85 23.74 10.31 -33.46
CA PHE F 85 24.33 11.67 -33.44
C PHE F 85 25.57 11.69 -34.31
N PRO F 86 25.97 12.86 -34.82
CA PRO F 86 25.42 14.19 -34.56
C PRO F 86 24.07 14.57 -35.17
N GLU F 87 23.59 13.88 -36.21
CA GLU F 87 22.28 14.27 -36.79
C GLU F 87 21.13 14.15 -35.79
N GLY F 88 21.11 13.03 -35.08
CA GLY F 88 20.09 12.80 -34.05
C GLY F 88 18.96 11.88 -34.47
N PHE F 89 17.87 11.98 -33.74
CA PHE F 89 16.75 11.06 -33.98
C PHE F 89 15.45 11.70 -33.57
N LYS F 90 14.36 11.11 -34.01
CA LYS F 90 13.01 11.46 -33.55
C LYS F 90 12.44 10.31 -32.75
N TRP F 91 11.53 10.61 -31.84
CA TRP F 91 10.77 9.49 -31.22
C TRP F 91 9.31 9.85 -31.17
N GLU F 92 8.48 8.81 -31.19
CA GLU F 92 7.03 8.94 -31.14
C GLU F 92 6.51 7.91 -30.15
N ARG F 93 5.32 8.17 -29.60
CA ARG F 93 4.80 7.33 -28.55
C ARG F 93 3.26 7.38 -28.53
N VAL F 94 2.67 6.25 -28.17
CA VAL F 94 1.28 6.16 -27.74
C VAL F 94 1.27 5.75 -26.26
N MET F 95 0.50 6.46 -25.44
CA MET F 95 0.20 5.97 -24.08
C MET F 95 -1.27 5.62 -24.02
N ASN F 96 -1.60 4.38 -23.66
CA ASN F 96 -2.99 3.90 -23.56
C ASN F 96 -3.27 3.70 -22.06
N PHE F 97 -4.10 4.56 -21.48
CA PHE F 97 -4.43 4.50 -20.05
C PHE F 97 -5.61 3.59 -19.82
N GLU F 98 -5.64 2.93 -18.66
CA GLU F 98 -6.65 1.87 -18.47
C GLU F 98 -8.09 2.37 -18.42
N ASP F 99 -8.28 3.66 -18.11
CA ASP F 99 -9.62 4.26 -18.09
C ASP F 99 -10.00 5.00 -19.38
N GLY F 100 -9.19 4.83 -20.43
CA GLY F 100 -9.57 5.26 -21.77
C GLY F 100 -8.84 6.52 -22.26
N GLY F 101 -8.13 7.17 -21.37
CA GLY F 101 -7.21 8.25 -21.80
C GLY F 101 -6.23 7.74 -22.85
N VAL F 102 -5.96 8.57 -23.86
CA VAL F 102 -4.96 8.21 -24.89
C VAL F 102 -4.14 9.45 -25.18
N VAL F 103 -2.82 9.26 -25.25
CA VAL F 103 -1.90 10.33 -25.61
C VAL F 103 -1.08 9.88 -26.80
N THR F 104 -0.86 10.79 -27.75
CA THR F 104 0.26 10.58 -28.69
C THR F 104 1.26 11.70 -28.51
N VAL F 105 2.51 11.36 -28.78
CA VAL F 105 3.64 12.28 -28.60
C VAL F 105 4.56 12.16 -29.79
N THR F 106 5.13 13.29 -30.20
CA THR F 106 6.13 13.30 -31.29
C THR F 106 7.24 14.25 -30.87
N GLN F 107 8.48 13.83 -31.09
CA GLN F 107 9.63 14.52 -30.49
C GLN F 107 10.79 14.52 -31.47
N ASP F 108 11.55 15.62 -31.49
CA ASP F 108 12.78 15.70 -32.27
C ASP F 108 13.97 15.94 -31.35
N SER F 109 15.03 15.16 -31.53
CA SER F 109 16.23 15.31 -30.70
C SER F 109 17.41 15.59 -31.63
N SER F 110 18.02 16.75 -31.43
CA SER F 110 19.17 17.18 -32.24
C SER F 110 20.32 17.59 -31.31
N LEU F 111 21.42 18.04 -31.91
CA LEU F 111 22.61 18.38 -31.15
C LEU F 111 23.20 19.63 -31.76
N GLN F 112 23.45 20.60 -30.90
CA GLN F 112 23.88 21.93 -31.33
C GLN F 112 24.99 22.39 -30.42
N ASP F 113 26.20 22.41 -30.95
CA ASP F 113 27.38 22.89 -30.25
C ASP F 113 27.49 22.25 -28.86
N GLY F 114 27.37 20.92 -28.85
CA GLY F 114 27.60 20.13 -27.65
C GLY F 114 26.42 20.03 -26.70
N CYS F 115 25.28 20.61 -27.07
CA CYS F 115 24.08 20.58 -26.23
C CYS F 115 22.96 19.87 -27.00
N PHE F 116 22.29 18.91 -26.36
CA PHE F 116 21.14 18.29 -27.00
C PHE F 116 19.96 19.28 -27.02
N ILE F 117 19.16 19.22 -28.08
CA ILE F 117 18.01 20.08 -28.21
C ILE F 117 16.80 19.20 -28.44
N TYR F 118 15.80 19.28 -27.54
CA TYR F 118 14.60 18.43 -27.60
C TYR F 118 13.38 19.30 -27.85
N LYS F 119 12.54 18.88 -28.80
CA LYS F 119 11.31 19.61 -29.13
C LYS F 119 10.19 18.58 -29.07
N VAL F 120 9.16 18.83 -28.25
CA VAL F 120 8.11 17.83 -27.98
C VAL F 120 6.73 18.40 -28.28
N LYS F 121 5.87 17.61 -28.95
CA LYS F 121 4.45 17.94 -29.07
C LYS F 121 3.65 16.77 -28.53
N PHE F 122 2.55 17.09 -27.85
CA PHE F 122 1.84 16.13 -26.98
C PHE F 122 0.35 16.41 -27.07
N ILE F 123 -0.45 15.40 -27.41
CA ILE F 123 -1.91 15.52 -27.37
C ILE F 123 -2.53 14.40 -26.56
N GLY F 124 -3.22 14.74 -25.47
CA GLY F 124 -3.88 13.73 -24.62
C GLY F 124 -5.36 14.00 -24.64
N VAL F 125 -6.13 12.94 -24.81
CA VAL F 125 -7.58 13.08 -24.99
C VAL F 125 -8.31 11.94 -24.24
N ASN F 126 -9.61 12.13 -24.03
CA ASN F 126 -10.49 11.09 -23.47
C ASN F 126 -10.24 10.71 -21.99
N PHE F 127 -9.60 11.60 -21.24
CA PHE F 127 -9.47 11.35 -19.79
C PHE F 127 -10.78 11.64 -19.06
N PRO F 128 -11.26 10.67 -18.25
CA PRO F 128 -12.46 10.94 -17.44
C PRO F 128 -12.28 12.14 -16.53
N SER F 129 -13.29 13.02 -16.44
CA SER F 129 -13.11 14.23 -15.62
C SER F 129 -12.88 13.95 -14.14
N ASP F 130 -13.37 12.82 -13.67
CA ASP F 130 -13.26 12.42 -12.26
C ASP F 130 -12.14 11.39 -12.08
N GLY F 131 -11.35 11.18 -13.13
CA GLY F 131 -10.29 10.15 -13.11
C GLY F 131 -9.04 10.65 -12.41
N PRO F 132 -8.05 9.74 -12.17
CA PRO F 132 -6.83 10.17 -11.44
C PRO F 132 -6.00 11.22 -12.16
N VAL F 133 -6.06 11.26 -13.49
CA VAL F 133 -5.30 12.30 -14.18
C VAL F 133 -5.88 13.70 -13.99
N MET F 134 -7.18 13.86 -14.28
CA MET F 134 -7.79 15.18 -14.18
C MET F 134 -7.97 15.61 -12.74
N GLN F 135 -8.01 14.65 -11.82
CA GLN F 135 -8.16 14.97 -10.38
C GLN F 135 -6.83 14.98 -9.61
N LYS F 136 -5.72 14.78 -10.32
CA LYS F 136 -4.38 14.83 -9.70
C LYS F 136 -4.30 13.90 -8.49
N LYS F 137 -4.58 12.62 -8.74
CA LYS F 137 -4.54 11.62 -7.67
C LYS F 137 -3.32 10.69 -7.73
N THR F 138 -2.33 11.06 -8.55
CA THR F 138 -1.17 10.18 -8.74
C THR F 138 0.02 10.68 -7.92
N MET F 139 0.94 9.77 -7.58
CA MET F 139 2.14 10.13 -6.82
C MET F 139 3.33 9.36 -7.37
N GLY F 140 3.55 9.53 -8.68
CA GLY F 140 4.77 9.03 -9.31
C GLY F 140 4.66 7.67 -9.96
N TRP F 141 5.65 7.38 -10.82
CA TRP F 141 5.69 6.09 -11.52
C TRP F 141 6.41 5.01 -10.73
N GLU F 142 5.96 3.77 -10.89
CA GLU F 142 6.81 2.64 -10.53
C GLU F 142 8.03 2.60 -11.46
N PRO F 143 9.17 2.06 -10.97
CA PRO F 143 10.23 1.75 -11.94
C PRO F 143 9.67 0.79 -13.02
N SER F 144 10.26 0.77 -14.20
CA SER F 144 9.66 -0.02 -15.30
C SER F 144 10.72 -0.74 -16.14
N THR F 145 10.22 -1.58 -17.02
CA THR F 145 11.07 -2.42 -17.88
C THR F 145 10.45 -2.44 -19.27
N GLU F 146 11.15 -1.78 -20.21
CA GLU F 146 10.75 -1.73 -21.63
C GLU F 146 11.28 -2.92 -22.42
N ARG F 147 10.43 -3.45 -23.28
CA ARG F 147 10.81 -4.56 -24.17
C ARG F 147 10.98 -3.95 -25.56
N LEU F 148 12.21 -4.04 -26.09
CA LEU F 148 12.57 -3.43 -27.36
C LEU F 148 12.96 -4.43 -28.42
N TYR F 149 12.76 -4.05 -29.69
CA TYR F 149 13.11 -4.94 -30.82
C TYR F 149 13.19 -4.06 -32.06
N PRO F 150 13.95 -4.50 -33.06
CA PRO F 150 14.00 -3.80 -34.33
C PRO F 150 12.80 -4.15 -35.22
N ARG F 151 12.30 -3.15 -35.96
CA ARG F 151 11.24 -3.42 -36.91
C ARG F 151 11.17 -2.28 -37.92
N ASP F 152 11.00 -2.64 -39.20
CA ASP F 152 10.71 -1.59 -40.22
C ASP F 152 11.93 -0.60 -40.27
N GLY F 153 13.13 -1.10 -39.99
CA GLY F 153 14.37 -0.30 -39.98
C GLY F 153 14.48 0.75 -38.88
N VAL F 154 13.60 0.65 -37.87
CA VAL F 154 13.69 1.50 -36.70
C VAL F 154 13.65 0.65 -35.43
N LEU F 155 13.71 1.32 -34.28
CA LEU F 155 13.74 0.63 -32.99
C LEU F 155 12.40 0.87 -32.29
N LYS F 156 11.77 -0.19 -31.80
CA LYS F 156 10.48 -0.04 -31.14
C LYS F 156 10.52 -0.60 -29.74
N GLY F 157 9.65 -0.11 -28.89
CA GLY F 157 9.61 -0.68 -27.54
C GLY F 157 8.29 -0.50 -26.84
N GLU F 158 7.95 -1.44 -25.95
CA GLU F 158 6.68 -1.32 -25.21
C GLU F 158 6.93 -1.53 -23.73
N ILE F 159 6.06 -0.94 -22.94
CA ILE F 159 6.21 -0.98 -21.49
C ILE F 159 4.83 -1.09 -20.84
N HIS F 160 4.71 -1.94 -19.83
CA HIS F 160 3.55 -1.89 -18.93
C HIS F 160 3.95 -1.07 -17.71
N LYS F 161 3.45 0.17 -17.69
CA LYS F 161 3.83 1.09 -16.60
C LYS F 161 2.66 1.27 -15.62
N ALA F 162 2.94 1.94 -14.51
CA ALA F 162 1.89 2.15 -13.49
C ALA F 162 2.21 3.39 -12.70
N LEU F 163 1.17 4.21 -12.52
CA LEU F 163 1.23 5.35 -11.61
C LEU F 163 0.67 4.90 -10.25
N LYS F 164 1.42 5.25 -9.20
CA LYS F 164 0.96 5.02 -7.83
C LYS F 164 -0.15 6.01 -7.52
N LEU F 165 -1.22 5.51 -6.91
CA LEU F 165 -2.34 6.38 -6.51
C LEU F 165 -2.14 6.88 -5.07
N LYS F 166 -2.48 8.13 -4.79
CA LYS F 166 -2.18 8.71 -3.47
C LYS F 166 -2.73 7.86 -2.33
N ASP F 167 -3.93 7.35 -2.51
CA ASP F 167 -4.55 6.57 -1.43
C ASP F 167 -4.44 5.06 -1.64
N GLY F 168 -3.44 4.66 -2.44
CA GLY F 168 -3.06 3.27 -2.63
C GLY F 168 -3.61 2.69 -3.91
N GLY F 169 -2.96 1.64 -4.39
CA GLY F 169 -3.30 1.03 -5.66
C GLY F 169 -2.51 1.65 -6.78
N HIS F 170 -2.81 1.18 -7.99
CA HIS F 170 -2.10 1.59 -9.19
C HIS F 170 -3.08 2.00 -10.28
N TYR F 171 -2.59 2.86 -11.16
CA TYR F 171 -3.33 3.28 -12.32
C TYR F 171 -2.44 2.93 -13.50
N LEU F 172 -2.94 2.03 -14.34
CA LEU F 172 -2.10 1.37 -15.36
C LEU F 172 -2.07 2.08 -16.68
N VAL F 173 -0.87 2.08 -17.29
CA VAL F 173 -0.66 2.78 -18.56
C VAL F 173 0.25 1.91 -19.43
N GLU F 174 -0.15 1.64 -20.68
CA GLU F 174 0.73 0.88 -21.60
C GLU F 174 1.44 1.91 -22.50
N PHE F 175 2.78 1.83 -22.59
CA PHE F 175 3.55 2.71 -23.50
C PHE F 175 3.92 1.93 -24.74
N LYS F 176 3.82 2.58 -25.89
CA LYS F 176 4.38 2.03 -27.16
C LYS F 176 5.20 3.15 -27.77
N SER F 177 6.52 2.91 -27.94
CA SER F 177 7.43 3.95 -28.45
C SER F 177 8.09 3.52 -29.74
N ILE F 178 8.44 4.51 -30.55
CA ILE F 178 9.13 4.27 -31.82
C ILE F 178 10.28 5.27 -31.85
N TYR F 179 11.49 4.75 -32.08
CA TYR F 179 12.72 5.58 -32.07
C TYR F 179 13.27 5.53 -33.49
N MET F 180 13.41 6.72 -34.10
CA MET F 180 13.73 6.84 -35.53
CA MET F 180 13.73 6.83 -35.52
C MET F 180 14.95 7.68 -35.76
N ALA F 181 16.10 7.04 -35.88
CA ALA F 181 17.31 7.78 -36.19
C ALA F 181 17.18 8.44 -37.55
N LYS F 182 17.83 9.59 -37.69
CA LYS F 182 17.77 10.33 -38.93
C LYS F 182 18.48 9.66 -40.08
N LYS F 183 19.49 8.83 -39.77
CA LYS F 183 20.12 7.91 -40.75
C LYS F 183 20.01 6.45 -40.23
N PRO F 184 20.06 5.44 -41.13
CA PRO F 184 19.93 4.03 -40.70
C PRO F 184 21.16 3.46 -39.96
N VAL F 185 21.42 4.01 -38.78
CA VAL F 185 22.51 3.52 -37.92
C VAL F 185 22.13 2.16 -37.32
N GLN F 186 23.11 1.47 -36.77
CA GLN F 186 22.93 0.04 -36.45
C GLN F 186 21.86 -0.20 -35.39
N LEU F 187 21.02 -1.21 -35.64
CA LEU F 187 19.99 -1.59 -34.67
C LEU F 187 20.45 -2.75 -33.76
N PRO F 188 19.94 -2.78 -32.50
CA PRO F 188 20.12 -3.91 -31.61
C PRO F 188 19.10 -4.98 -32.00
N GLY F 189 19.17 -6.12 -31.30
CA GLY F 189 18.09 -7.10 -31.41
C GLY F 189 17.11 -6.93 -30.28
N TYR F 190 16.54 -8.04 -29.83
CA TYR F 190 15.54 -8.07 -28.77
C TYR F 190 16.25 -7.83 -27.45
N TYR F 191 15.82 -6.79 -26.72
CA TYR F 191 16.49 -6.48 -25.45
C TYR F 191 15.61 -5.66 -24.54
N TYR F 192 16.12 -5.30 -23.35
CA TYR F 192 15.30 -4.62 -22.35
C TYR F 192 16.00 -3.39 -21.81
N VAL F 193 15.20 -2.41 -21.43
CA VAL F 193 15.71 -1.25 -20.70
C VAL F 193 14.94 -1.06 -19.39
N ASP F 194 15.68 -1.10 -18.27
CA ASP F 194 15.13 -0.81 -16.92
C ASP F 194 15.25 0.71 -16.71
N SER F 195 14.18 1.35 -16.25
CA SER F 195 14.22 2.79 -15.98
C SER F 195 13.55 3.10 -14.64
N LYS F 196 13.96 4.19 -14.01
CA LYS F 196 13.27 4.66 -12.81
C LYS F 196 13.32 6.18 -12.85
N LEU F 197 12.12 6.78 -12.94
CA LEU F 197 12.00 8.25 -12.99
CA LEU F 197 11.97 8.23 -13.00
C LEU F 197 11.37 8.74 -11.70
N ASP F 198 12.04 9.74 -11.10
CA ASP F 198 11.59 10.35 -9.84
C ASP F 198 11.36 11.85 -10.03
N ILE F 199 10.27 12.36 -9.46
CA ILE F 199 10.09 13.79 -9.24
C ILE F 199 10.78 14.13 -7.91
N THR F 200 11.85 14.91 -7.99
CA THR F 200 12.70 15.16 -6.82
C THR F 200 12.29 16.39 -6.06
N SER F 201 11.55 17.29 -6.70
CA SER F 201 10.98 18.45 -6.02
C SER F 201 10.04 19.16 -6.97
N HIS F 202 9.19 20.01 -6.42
CA HIS F 202 8.24 20.74 -7.25
C HIS F 202 7.60 21.81 -6.39
N ASN F 203 7.13 22.89 -7.01
CA ASN F 203 6.36 23.88 -6.25
C ASN F 203 4.89 23.45 -6.12
N GLU F 204 4.10 24.21 -5.37
CA GLU F 204 2.78 23.78 -5.02
C GLU F 204 1.85 23.53 -6.21
N ASP F 205 1.99 24.32 -7.27
CA ASP F 205 1.10 24.15 -8.40
C ASP F 205 1.74 23.42 -9.58
N TYR F 206 2.90 22.80 -9.35
CA TYR F 206 3.64 22.04 -10.39
C TYR F 206 3.96 22.89 -11.63
N THR F 207 4.24 24.17 -11.40
CA THR F 207 4.69 25.05 -12.49
C THR F 207 6.20 25.06 -12.61
N ILE F 208 6.88 24.60 -11.55
CA ILE F 208 8.32 24.35 -11.63
C ILE F 208 8.54 22.96 -11.01
N VAL F 209 9.22 22.07 -11.75
CA VAL F 209 9.35 20.66 -11.36
C VAL F 209 10.75 20.16 -11.69
N GLU F 210 11.35 19.40 -10.77
CA GLU F 210 12.65 18.78 -11.05
C GLU F 210 12.53 17.27 -11.05
N GLN F 211 13.29 16.64 -11.96
CA GLN F 211 13.18 15.19 -12.22
C GLN F 211 14.57 14.55 -12.20
N TYR F 212 14.62 13.25 -11.88
CA TYR F 212 15.84 12.46 -12.00
C TYR F 212 15.46 11.13 -12.66
N GLU F 213 16.29 10.65 -13.59
CA GLU F 213 16.02 9.34 -14.21
C GLU F 213 17.31 8.52 -14.24
N ARG F 214 17.18 7.23 -13.93
CA ARG F 214 18.23 6.23 -14.15
C ARG F 214 17.70 5.24 -15.18
N ALA F 215 18.53 4.88 -16.16
CA ALA F 215 18.11 3.88 -17.17
C ALA F 215 19.30 3.06 -17.64
N GLU F 216 19.11 1.75 -17.78
CA GLU F 216 20.20 0.87 -18.26
C GLU F 216 19.63 -0.22 -19.16
N GLY F 217 20.29 -0.44 -20.32
CA GLY F 217 19.88 -1.52 -21.23
C GLY F 217 20.61 -2.84 -20.93
N ARG F 218 19.96 -3.95 -21.24
CA ARG F 218 20.53 -5.27 -20.95
C ARG F 218 19.82 -6.35 -21.73
N HIS F 219 20.46 -7.51 -21.84
CA HIS F 219 19.74 -8.70 -22.30
C HIS F 219 18.78 -9.19 -21.22
N HIS F 220 17.84 -10.04 -21.62
CA HIS F 220 17.06 -10.80 -20.64
C HIS F 220 18.00 -11.51 -19.67
N LEU F 221 17.60 -11.58 -18.40
CA LEU F 221 18.46 -12.17 -17.35
C LEU F 221 18.79 -13.64 -17.51
N PHE F 222 17.98 -14.38 -18.27
CA PHE F 222 18.21 -15.83 -18.46
C PHE F 222 19.10 -16.15 -19.64
N LEU F 223 19.56 -15.11 -20.32
CA LEU F 223 20.40 -15.32 -21.49
C LEU F 223 21.87 -15.35 -21.09
N VAL G 7 -33.89 -27.05 -46.15
CA VAL G 7 -34.18 -25.67 -46.65
C VAL G 7 -34.70 -24.86 -45.47
N ILE G 8 -34.59 -23.56 -45.62
CA ILE G 8 -34.96 -22.64 -44.57
C ILE G 8 -36.38 -22.17 -44.89
N LYS G 9 -37.32 -22.64 -44.08
CA LYS G 9 -38.73 -22.33 -44.26
C LYS G 9 -39.07 -20.94 -43.70
N GLU G 10 -40.28 -20.46 -43.98
CA GLU G 10 -40.71 -19.17 -43.44
C GLU G 10 -40.82 -19.19 -41.91
N PHE G 11 -41.04 -20.38 -41.31
CA PHE G 11 -41.01 -20.54 -39.87
C PHE G 11 -40.01 -21.65 -39.54
N MET G 12 -39.11 -21.38 -38.61
CA MET G 12 -38.06 -22.34 -38.25
C MET G 12 -37.84 -22.30 -36.74
N ARG G 13 -37.62 -23.47 -36.17
CA ARG G 13 -37.27 -23.59 -34.74
C ARG G 13 -35.77 -23.83 -34.61
N PHE G 14 -35.27 -23.57 -33.41
CA PHE G 14 -33.88 -23.92 -33.10
C PHE G 14 -33.77 -24.46 -31.70
N LYS G 15 -32.67 -25.18 -31.47
CA LYS G 15 -32.29 -25.65 -30.14
C LYS G 15 -30.87 -25.16 -29.88
N VAL G 16 -30.60 -24.77 -28.64
CA VAL G 16 -29.27 -24.25 -28.30
C VAL G 16 -28.72 -24.85 -26.98
N ARG G 17 -27.41 -25.09 -26.94
CA ARG G 17 -26.72 -25.48 -25.72
C ARG G 17 -25.48 -24.62 -25.61
N MET G 18 -25.22 -24.10 -24.41
CA MET G 18 -24.01 -23.29 -24.12
C MET G 18 -23.24 -23.87 -22.95
N GLU G 19 -21.91 -23.96 -23.10
CA GLU G 19 -21.01 -24.18 -22.00
C GLU G 19 -20.21 -22.91 -21.84
N GLY G 20 -20.26 -22.29 -20.66
CA GLY G 20 -19.50 -21.04 -20.50
C GLY G 20 -18.84 -20.91 -19.15
N SER G 21 -18.02 -19.87 -19.05
CA SER G 21 -17.47 -19.45 -17.76
CA SER G 21 -17.38 -19.49 -17.79
C SER G 21 -17.23 -17.96 -17.76
N VAL G 22 -17.41 -17.38 -16.59
CA VAL G 22 -17.16 -15.95 -16.38
C VAL G 22 -16.37 -15.81 -15.08
N ASN G 23 -15.20 -15.15 -15.14
CA ASN G 23 -14.37 -15.01 -13.93
C ASN G 23 -14.23 -16.31 -13.11
N GLY G 24 -13.98 -17.41 -13.82
CA GLY G 24 -13.80 -18.73 -13.21
C GLY G 24 -15.05 -19.48 -12.79
N HIS G 25 -16.21 -18.86 -12.94
CA HIS G 25 -17.48 -19.51 -12.62
C HIS G 25 -18.04 -20.23 -13.85
N GLU G 26 -18.08 -21.55 -13.79
CA GLU G 26 -18.58 -22.34 -14.91
C GLU G 26 -20.09 -22.55 -14.86
N PHE G 27 -20.68 -22.62 -16.05
CA PHE G 27 -22.12 -22.81 -16.12
C PHE G 27 -22.51 -23.44 -17.46
N GLU G 28 -23.73 -23.93 -17.51
CA GLU G 28 -24.30 -24.54 -18.73
C GLU G 28 -25.73 -24.07 -18.89
N ILE G 29 -26.14 -23.85 -20.14
CA ILE G 29 -27.48 -23.32 -20.44
C ILE G 29 -28.03 -24.11 -21.62
N GLU G 30 -29.33 -24.39 -21.58
CA GLU G 30 -29.95 -25.03 -22.73
C GLU G 30 -31.21 -24.27 -23.05
N GLY G 31 -31.61 -24.30 -24.30
CA GLY G 31 -32.79 -23.56 -24.67
C GLY G 31 -33.32 -23.92 -26.05
N GLU G 32 -34.39 -23.25 -26.40
CA GLU G 32 -35.03 -23.45 -27.67
C GLU G 32 -35.60 -22.12 -28.13
N GLY G 33 -35.76 -21.99 -29.44
CA GLY G 33 -36.33 -20.77 -29.98
C GLY G 33 -37.08 -21.01 -31.25
N GLU G 34 -37.67 -19.93 -31.78
CA GLU G 34 -38.39 -20.04 -33.06
C GLU G 34 -38.51 -18.67 -33.65
N GLY G 35 -38.80 -18.63 -34.95
CA GLY G 35 -38.95 -17.33 -35.57
C GLY G 35 -39.17 -17.41 -37.06
N ARG G 36 -39.07 -16.25 -37.71
CA ARG G 36 -39.43 -16.11 -39.15
C ARG G 36 -38.17 -15.60 -39.85
N PRO G 37 -37.36 -16.53 -40.42
CA PRO G 37 -36.02 -16.12 -40.86
C PRO G 37 -36.00 -15.05 -41.96
N TYR G 38 -37.03 -14.98 -42.78
CA TYR G 38 -37.08 -13.96 -43.85
C TYR G 38 -37.67 -12.62 -43.40
N GLU G 39 -38.26 -12.63 -42.21
CA GLU G 39 -38.87 -11.42 -41.62
C GLU G 39 -38.00 -10.76 -40.55
N GLY G 40 -36.96 -11.47 -40.10
CA GLY G 40 -35.99 -10.88 -39.15
C GLY G 40 -36.45 -10.91 -37.70
N THR G 41 -37.34 -11.83 -37.34
CA THR G 41 -37.89 -11.86 -35.96
C THR G 41 -37.75 -13.24 -35.33
N GLN G 42 -37.48 -13.28 -34.02
CA GLN G 42 -37.37 -14.57 -33.35
C GLN G 42 -37.49 -14.43 -31.85
N THR G 43 -37.84 -15.53 -31.19
CA THR G 43 -37.85 -15.60 -29.71
C THR G 43 -36.98 -16.78 -29.25
N ALA G 44 -36.53 -16.72 -28.00
CA ALA G 44 -35.80 -17.82 -27.39
C ALA G 44 -36.24 -17.97 -25.94
N LYS G 45 -36.18 -19.20 -25.43
CA LYS G 45 -36.39 -19.46 -23.99
C LYS G 45 -35.20 -20.27 -23.51
N LEU G 46 -34.46 -19.73 -22.53
CA LEU G 46 -33.23 -20.35 -22.07
C LEU G 46 -33.38 -20.79 -20.62
N LYS G 47 -32.66 -21.84 -20.24
CA LYS G 47 -32.68 -22.31 -18.86
C LYS G 47 -31.26 -22.64 -18.44
N VAL G 48 -30.85 -22.15 -17.27
CA VAL G 48 -29.53 -22.49 -16.71
C VAL G 48 -29.65 -23.89 -16.16
N THR G 49 -28.84 -24.81 -16.70
CA THR G 49 -28.89 -26.22 -16.28
C THR G 49 -27.79 -26.62 -15.29
N LYS G 50 -26.69 -25.87 -15.27
CA LYS G 50 -25.60 -26.13 -14.33
C LYS G 50 -24.98 -24.79 -13.95
N GLY G 51 -24.68 -24.64 -12.67
CA GLY G 51 -23.92 -23.47 -12.20
C GLY G 51 -24.80 -22.30 -11.86
N GLY G 52 -26.11 -22.53 -11.79
CA GLY G 52 -27.07 -21.49 -11.43
C GLY G 52 -27.31 -21.46 -9.91
N PRO G 53 -27.76 -20.30 -9.39
CA PRO G 53 -27.97 -19.05 -10.12
C PRO G 53 -26.63 -18.38 -10.49
N LEU G 54 -26.60 -17.71 -11.64
CA LEU G 54 -25.37 -17.08 -12.10
C LEU G 54 -25.00 -15.87 -11.27
N PRO G 55 -23.71 -15.71 -10.96
CA PRO G 55 -23.25 -14.56 -10.18
C PRO G 55 -22.90 -13.33 -11.04
N PHE G 56 -23.39 -13.26 -12.28
CA PHE G 56 -23.08 -12.10 -13.11
C PHE G 56 -24.31 -11.78 -13.94
N ALA G 57 -24.27 -10.62 -14.61
CA ALA G 57 -25.40 -10.15 -15.42
C ALA G 57 -25.78 -11.08 -16.59
N TRP G 58 -27.05 -11.46 -16.68
CA TRP G 58 -27.55 -12.24 -17.82
C TRP G 58 -27.26 -11.55 -19.16
N ASP G 59 -27.35 -10.22 -19.16
CA ASP G 59 -27.21 -9.44 -20.41
C ASP G 59 -25.97 -9.79 -21.24
N ILE G 60 -24.86 -10.16 -20.61
CA ILE G 60 -23.67 -10.49 -21.42
C ILE G 60 -23.84 -11.80 -22.22
N LEU G 61 -24.79 -12.64 -21.79
CA LEU G 61 -25.06 -13.91 -22.50
C LEU G 61 -26.12 -13.79 -23.59
N SER G 62 -26.98 -12.78 -23.47
CA SER G 62 -28.18 -12.77 -24.31
C SER G 62 -27.86 -12.77 -25.84
N PRO G 63 -26.82 -12.01 -26.28
CA PRO G 63 -26.48 -12.01 -27.70
C PRO G 63 -25.71 -13.23 -28.18
N GLN G 64 -25.50 -14.24 -27.32
CA GLN G 64 -24.83 -15.46 -27.80
C GLN G 64 -25.82 -16.56 -28.14
N PHE G 65 -27.03 -16.38 -27.64
N PHE G 65 -27.06 -16.36 -27.69
CA PHE G 65 -28.14 -17.29 -28.01
CA PHE G 65 -28.18 -17.25 -28.08
C PHE G 65 -28.75 -16.74 -29.24
C PHE G 65 -28.79 -16.77 -29.41
N1 CRQ G 66 -28.56 -15.41 -29.31
N1 CRQ G 66 -29.04 -15.87 -30.32
CA1 CRQ G 66 -29.04 -14.64 -30.39
CA1 CRQ G 66 -28.94 -14.56 -30.30
CB1 CRQ G 66 -30.29 -13.90 -29.89
CB1 CRQ G 66 -30.22 -13.95 -29.71
CG1 CRQ G 66 -31.46 -14.79 -30.28
CG1 CRQ G 66 -31.42 -14.73 -30.27
C1 CRQ G 66 -27.92 -13.76 -30.97
C1 CRQ G 66 -27.91 -13.81 -30.90
N2 CRQ G 66 -27.96 -12.43 -30.96
N2 CRQ G 66 -27.95 -12.46 -30.91
N3 CRQ G 66 -26.82 -14.22 -31.61
N3 CRQ G 66 -26.82 -14.23 -31.59
C2 CRQ G 66 -26.13 -13.13 -32.01
C2 CRQ G 66 -26.13 -13.14 -32.01
O2 CRQ G 66 -25.02 -13.14 -32.60
O2 CRQ G 66 -25.04 -13.14 -32.62
CA2 CRQ G 66 -26.85 -12.00 -31.59
CA2 CRQ G 66 -26.86 -12.01 -31.57
CA3 CRQ G 66 -26.37 -15.61 -31.78
CA3 CRQ G 66 -26.35 -15.61 -31.76
CB2 CRQ G 66 -26.36 -10.72 -31.87
CB2 CRQ G 66 -26.37 -10.73 -31.87
CG2 CRQ G 66 -26.87 -9.46 -31.52
CG2 CRQ G 66 -26.88 -9.46 -31.53
CD1 CRQ G 66 -28.03 -9.22 -30.78
CD1 CRQ G 66 -28.04 -9.22 -30.79
CD2 CRQ G 66 -26.14 -8.37 -31.97
CD2 CRQ G 66 -26.14 -8.38 -31.98
CE1 CRQ G 66 -28.46 -7.90 -30.51
CE1 CRQ G 66 -28.46 -7.90 -30.52
CE2 CRQ G 66 -26.53 -7.05 -31.70
CE2 CRQ G 66 -26.53 -7.05 -31.70
CZ CRQ G 66 -27.70 -6.81 -30.97
CZ CRQ G 66 -27.70 -6.81 -30.97
OH CRQ G 66 -28.10 -5.52 -30.72
OH CRQ G 66 -28.10 -5.53 -30.72
OE1 CRQ G 66 -32.82 -13.90 -28.53
OE1 CRQ G 66 -32.83 -13.88 -28.52
C3 CRQ G 66 -27.12 -16.34 -32.90
C3 CRQ G 66 -27.10 -16.33 -32.89
O3 CRQ G 66 -26.77 -17.67 -32.91
O3 CRQ G 66 -26.78 -17.66 -32.91
CD3 CRQ G 66 -32.78 -14.56 -29.55
CD3 CRQ G 66 -32.75 -14.54 -29.54
NE1 CRQ G 66 -33.85 -15.10 -30.15
NE1 CRQ G 66 -33.82 -15.10 -30.13
N SER G 67 -28.08 -15.79 -33.57
CA SER G 67 -29.03 -16.57 -34.37
C SER G 67 -29.29 -15.71 -35.62
N LYS G 68 -28.20 -15.36 -36.30
CA LYS G 68 -28.24 -14.39 -37.39
C LYS G 68 -28.66 -14.96 -38.75
N VAL G 69 -29.03 -16.24 -38.76
CA VAL G 69 -29.78 -16.78 -39.89
C VAL G 69 -31.18 -16.14 -39.98
N TYR G 70 -31.65 -15.52 -38.91
N TYR G 70 -31.64 -15.53 -38.89
CA TYR G 70 -33.00 -14.92 -38.93
CA TYR G 70 -32.93 -14.80 -38.87
C TYR G 70 -33.04 -13.46 -39.38
C TYR G 70 -32.74 -13.30 -39.03
N VAL G 71 -31.89 -12.87 -39.69
N VAL G 71 -31.89 -12.89 -39.96
CA VAL G 71 -31.86 -11.46 -40.13
CA VAL G 71 -31.79 -11.46 -40.25
C VAL G 71 -32.56 -11.30 -41.50
C VAL G 71 -32.49 -11.22 -41.58
N LYS G 72 -33.48 -10.33 -41.60
CA LYS G 72 -34.14 -10.01 -42.89
C LYS G 72 -33.14 -9.31 -43.82
N HIS G 73 -32.92 -9.88 -45.01
CA HIS G 73 -32.02 -9.27 -46.03
C HIS G 73 -32.79 -8.90 -47.31
N PRO G 74 -32.50 -7.72 -47.89
CA PRO G 74 -33.13 -7.36 -49.18
C PRO G 74 -32.55 -8.27 -50.25
N ALA G 75 -33.27 -8.42 -51.36
CA ALA G 75 -32.81 -9.29 -52.43
C ALA G 75 -31.42 -9.00 -53.02
N ASP G 76 -30.97 -7.74 -52.94
CA ASP G 76 -29.68 -7.33 -53.53
C ASP G 76 -28.47 -7.42 -52.59
N ILE G 77 -28.71 -7.89 -51.36
CA ILE G 77 -27.59 -8.18 -50.46
C ILE G 77 -27.56 -9.69 -50.20
N PRO G 78 -26.50 -10.38 -50.70
CA PRO G 78 -26.36 -11.83 -50.49
C PRO G 78 -26.48 -12.20 -49.01
N ASP G 79 -27.33 -13.18 -48.72
CA ASP G 79 -27.62 -13.58 -47.35
C ASP G 79 -26.76 -14.80 -47.03
N TYR G 80 -25.49 -14.49 -46.80
CA TYR G 80 -24.42 -15.47 -46.62
C TYR G 80 -24.77 -16.58 -45.63
N LYS G 81 -25.32 -16.20 -44.47
CA LYS G 81 -25.68 -17.21 -43.45
C LYS G 81 -26.83 -18.13 -43.91
N LYS G 82 -27.84 -17.59 -44.60
CA LYS G 82 -28.88 -18.51 -45.11
C LYS G 82 -28.28 -19.41 -46.19
N LEU G 83 -27.45 -18.82 -47.06
CA LEU G 83 -26.86 -19.57 -48.18
C LEU G 83 -25.99 -20.74 -47.73
N SER G 84 -25.46 -20.66 -46.49
CA SER G 84 -24.58 -21.71 -45.95
C SER G 84 -25.30 -23.02 -45.62
N PHE G 85 -26.63 -22.97 -45.51
CA PHE G 85 -27.42 -24.17 -45.17
C PHE G 85 -27.70 -24.98 -46.45
N PRO G 86 -27.92 -26.30 -46.31
CA PRO G 86 -28.11 -27.06 -45.06
C PRO G 86 -26.91 -27.32 -44.16
N GLU G 87 -25.68 -27.28 -44.68
CA GLU G 87 -24.53 -27.60 -43.80
C GLU G 87 -24.41 -26.63 -42.64
N GLY G 88 -24.52 -25.35 -42.95
CA GLY G 88 -24.51 -24.33 -41.89
C GLY G 88 -23.23 -23.56 -41.81
N PHE G 89 -23.01 -22.95 -40.66
CA PHE G 89 -21.88 -22.05 -40.52
C PHE G 89 -21.39 -22.06 -39.07
N LYS G 90 -20.19 -21.54 -38.86
CA LYS G 90 -19.71 -21.26 -37.50
C LYS G 90 -19.63 -19.75 -37.32
N TRP G 91 -19.72 -19.27 -36.08
CA TRP G 91 -19.40 -17.87 -35.81
C TRP G 91 -18.55 -17.74 -34.56
N GLU G 92 -17.67 -16.74 -34.56
CA GLU G 92 -16.79 -16.47 -33.42
C GLU G 92 -16.88 -15.01 -33.12
N ARG G 93 -16.52 -14.66 -31.91
CA ARG G 93 -16.70 -13.27 -31.46
C ARG G 93 -15.74 -12.93 -30.35
N VAL G 94 -15.29 -11.67 -30.37
CA VAL G 94 -14.63 -11.03 -29.24
C VAL G 94 -15.57 -9.93 -28.73
N MET G 95 -15.82 -9.89 -27.42
CA MET G 95 -16.47 -8.71 -26.81
C MET G 95 -15.43 -8.02 -25.90
N ASN G 96 -15.15 -6.76 -26.19
CA ASN G 96 -14.18 -5.97 -25.41
C ASN G 96 -14.99 -4.98 -24.58
N PHE G 97 -15.00 -5.17 -23.25
CA PHE G 97 -15.80 -4.30 -22.37
C PHE G 97 -14.96 -3.14 -21.89
N GLU G 98 -15.59 -1.99 -21.66
CA GLU G 98 -14.81 -0.79 -21.43
C GLU G 98 -14.02 -0.80 -20.12
N ASP G 99 -14.39 -1.68 -19.18
CA ASP G 99 -13.67 -1.81 -17.90
C ASP G 99 -12.72 -2.99 -17.86
N GLY G 100 -12.42 -3.53 -19.04
CA GLY G 100 -11.36 -4.52 -19.15
C GLY G 100 -11.85 -5.95 -19.27
N GLY G 101 -13.14 -6.19 -19.05
CA GLY G 101 -13.64 -7.55 -19.30
C GLY G 101 -13.44 -7.92 -20.77
N VAL G 102 -13.16 -9.19 -21.01
CA VAL G 102 -12.99 -9.66 -22.40
C VAL G 102 -13.64 -11.03 -22.48
N VAL G 103 -14.42 -11.23 -23.55
CA VAL G 103 -15.05 -12.53 -23.78
C VAL G 103 -14.65 -13.02 -25.17
N THR G 104 -14.36 -14.33 -25.30
CA THR G 104 -14.42 -14.93 -26.62
C THR G 104 -15.50 -15.99 -26.68
N VAL G 105 -16.06 -16.15 -27.88
CA VAL G 105 -17.19 -17.08 -28.07
C VAL G 105 -16.92 -17.84 -29.38
N THR G 106 -17.24 -19.13 -29.39
CA THR G 106 -17.16 -19.92 -30.61
C THR G 106 -18.46 -20.73 -30.71
N GLN G 107 -19.03 -20.77 -31.91
CA GLN G 107 -20.38 -21.32 -32.09
C GLN G 107 -20.49 -22.12 -33.36
N ASP G 108 -21.27 -23.20 -33.30
CA ASP G 108 -21.54 -24.00 -34.49
C ASP G 108 -23.04 -24.02 -34.73
N SER G 109 -23.42 -23.73 -35.96
CA SER G 109 -24.83 -23.74 -36.36
C SER G 109 -25.04 -24.78 -37.47
N SER G 110 -25.95 -25.73 -37.20
CA SER G 110 -26.25 -26.79 -38.16
CA SER G 110 -26.25 -26.84 -38.11
C SER G 110 -27.76 -26.95 -38.29
N LEU G 111 -28.20 -27.88 -39.12
CA LEU G 111 -29.62 -28.07 -39.35
C LEU G 111 -29.87 -29.55 -39.33
N GLN G 112 -30.73 -29.98 -38.42
CA GLN G 112 -31.00 -31.40 -38.19
C GLN G 112 -32.51 -31.59 -38.10
N ASP G 113 -33.04 -32.43 -39.00
CA ASP G 113 -34.47 -32.78 -39.04
C ASP G 113 -35.34 -31.51 -39.03
N GLY G 114 -34.92 -30.51 -39.82
CA GLY G 114 -35.66 -29.28 -40.03
C GLY G 114 -35.57 -28.26 -38.90
N CYS G 115 -34.68 -28.52 -37.94
CA CYS G 115 -34.49 -27.62 -36.79
CA CYS G 115 -34.47 -27.60 -36.81
C CYS G 115 -33.05 -27.11 -36.76
N PHE G 116 -32.85 -25.82 -36.52
CA PHE G 116 -31.47 -25.36 -36.34
C PHE G 116 -30.91 -25.87 -35.01
N ILE G 117 -29.63 -26.19 -35.02
CA ILE G 117 -28.94 -26.68 -33.86
C ILE G 117 -27.75 -25.78 -33.58
N TYR G 118 -27.76 -25.18 -32.40
CA TYR G 118 -26.71 -24.24 -32.00
C TYR G 118 -25.89 -24.78 -30.82
N LYS G 119 -24.56 -24.76 -30.94
CA LYS G 119 -23.67 -25.19 -29.85
C LYS G 119 -22.73 -24.06 -29.60
N VAL G 120 -22.66 -23.59 -28.35
CA VAL G 120 -21.89 -22.36 -28.05
C VAL G 120 -20.93 -22.65 -26.94
N LYS G 121 -19.69 -22.14 -27.05
CA LYS G 121 -18.72 -22.09 -25.94
C LYS G 121 -18.28 -20.64 -25.72
N PHE G 122 -18.18 -20.24 -24.45
CA PHE G 122 -18.05 -18.83 -24.04
C PHE G 122 -17.04 -18.77 -22.89
N ILE G 123 -15.97 -17.99 -23.02
CA ILE G 123 -15.06 -17.75 -21.89
C ILE G 123 -14.93 -16.25 -21.65
N GLY G 124 -15.33 -15.79 -20.48
CA GLY G 124 -15.25 -14.36 -20.14
C GLY G 124 -14.31 -14.21 -18.97
N VAL G 125 -13.36 -13.28 -19.10
CA VAL G 125 -12.34 -13.08 -18.10
C VAL G 125 -12.12 -11.58 -17.80
N ASN G 126 -11.54 -11.29 -16.64
CA ASN G 126 -11.02 -9.94 -16.30
C ASN G 126 -12.11 -8.91 -16.02
N PHE G 127 -13.29 -9.39 -15.60
CA PHE G 127 -14.33 -8.44 -15.14
C PHE G 127 -14.00 -7.97 -13.73
N PRO G 128 -14.00 -6.64 -13.51
CA PRO G 128 -13.78 -6.18 -12.14
C PRO G 128 -14.81 -6.77 -11.20
N SER G 129 -14.37 -7.15 -10.01
CA SER G 129 -15.28 -7.79 -9.09
C SER G 129 -16.43 -6.86 -8.63
N ASP G 130 -16.20 -5.55 -8.67
CA ASP G 130 -17.20 -4.59 -8.25
C ASP G 130 -17.85 -3.87 -9.44
N GLY G 131 -17.62 -4.35 -10.66
CA GLY G 131 -18.17 -3.72 -11.87
C GLY G 131 -19.62 -4.16 -12.17
N PRO G 132 -20.25 -3.58 -13.23
CA PRO G 132 -21.67 -3.78 -13.49
C PRO G 132 -22.03 -5.22 -13.87
N VAL G 133 -21.06 -5.94 -14.43
CA VAL G 133 -21.32 -7.35 -14.79
C VAL G 133 -21.39 -8.22 -13.55
N MET G 134 -20.33 -8.22 -12.73
CA MET G 134 -20.34 -9.07 -11.53
C MET G 134 -21.34 -8.63 -10.46
N GLN G 135 -21.74 -7.35 -10.51
CA GLN G 135 -22.67 -6.81 -9.52
C GLN G 135 -24.10 -6.71 -10.08
N LYS G 136 -24.31 -7.19 -11.30
CA LYS G 136 -25.67 -7.29 -11.90
C LYS G 136 -26.38 -5.93 -11.94
N LYS G 137 -25.66 -4.94 -12.46
CA LYS G 137 -26.17 -3.55 -12.49
C LYS G 137 -26.70 -3.15 -13.88
N THR G 138 -26.79 -4.10 -14.78
CA THR G 138 -27.19 -3.81 -16.15
C THR G 138 -28.69 -4.03 -16.34
N MET G 139 -29.27 -3.27 -17.26
CA MET G 139 -30.68 -3.42 -17.58
C MET G 139 -30.98 -3.40 -19.08
N GLY G 140 -30.31 -4.30 -19.78
CA GLY G 140 -30.64 -4.56 -21.19
C GLY G 140 -29.79 -3.74 -22.15
N TRP G 141 -29.73 -4.22 -23.38
CA TRP G 141 -28.99 -3.56 -24.44
C TRP G 141 -29.78 -2.44 -25.07
N GLU G 142 -29.08 -1.38 -25.50
CA GLU G 142 -29.65 -0.48 -26.51
C GLU G 142 -29.78 -1.24 -27.83
N PRO G 143 -30.72 -0.81 -28.69
CA PRO G 143 -30.69 -1.35 -30.09
C PRO G 143 -29.34 -0.95 -30.72
N SER G 144 -28.87 -1.73 -31.70
CA SER G 144 -27.53 -1.52 -32.23
C SER G 144 -27.49 -1.59 -33.75
N THR G 145 -26.34 -1.21 -34.28
CA THR G 145 -26.11 -1.28 -35.73
C THR G 145 -24.70 -1.83 -35.97
N GLU G 146 -24.64 -2.98 -36.65
CA GLU G 146 -23.40 -3.66 -36.96
C GLU G 146 -22.91 -3.24 -38.35
N ARG G 147 -21.61 -3.02 -38.48
CA ARG G 147 -20.97 -2.72 -39.76
C ARG G 147 -20.30 -3.99 -40.26
N LEU G 148 -20.71 -4.47 -41.44
CA LEU G 148 -20.19 -5.76 -41.96
C LEU G 148 -19.45 -5.57 -43.25
N TYR G 149 -18.54 -6.49 -43.54
CA TYR G 149 -17.75 -6.44 -44.80
C TYR G 149 -17.18 -7.84 -45.03
N PRO G 150 -16.88 -8.16 -46.29
CA PRO G 150 -16.19 -9.42 -46.57
C PRO G 150 -14.69 -9.30 -46.34
N ARG G 151 -14.07 -10.36 -45.82
CA ARG G 151 -12.60 -10.40 -45.68
C ARG G 151 -12.15 -11.83 -45.57
N ASP G 152 -11.06 -12.17 -46.26
CA ASP G 152 -10.41 -13.49 -46.04
C ASP G 152 -11.42 -14.62 -46.38
N GLY G 153 -12.31 -14.36 -47.34
CA GLY G 153 -13.36 -15.31 -47.80
C GLY G 153 -14.50 -15.57 -46.83
N VAL G 154 -14.55 -14.79 -45.77
CA VAL G 154 -15.62 -14.91 -44.79
C VAL G 154 -16.28 -13.53 -44.55
N LEU G 155 -17.30 -13.51 -43.70
CA LEU G 155 -18.04 -12.30 -43.43
C LEU G 155 -17.69 -11.81 -42.01
N LYS G 156 -17.39 -10.51 -41.84
CA LYS G 156 -16.98 -9.99 -40.52
C LYS G 156 -17.84 -8.80 -40.19
N GLY G 157 -18.02 -8.55 -38.89
CA GLY G 157 -18.81 -7.35 -38.54
C GLY G 157 -18.41 -6.85 -37.16
N GLU G 158 -18.58 -5.54 -36.96
CA GLU G 158 -18.28 -4.94 -35.67
C GLU G 158 -19.40 -4.03 -35.23
N ILE G 159 -19.56 -3.93 -33.92
CA ILE G 159 -20.63 -3.14 -33.35
C ILE G 159 -20.13 -2.38 -32.11
N HIS G 160 -20.56 -1.13 -31.96
CA HIS G 160 -20.43 -0.44 -30.68
C HIS G 160 -21.77 -0.58 -29.97
N LYS G 161 -21.77 -1.42 -28.94
CA LYS G 161 -22.96 -1.71 -28.17
C LYS G 161 -22.91 -1.10 -26.78
N ALA G 162 -24.05 -1.09 -26.11
CA ALA G 162 -24.14 -0.43 -24.82
C ALA G 162 -25.20 -1.11 -24.00
N LEU G 163 -24.83 -1.41 -22.76
CA LEU G 163 -25.79 -1.89 -21.76
C LEU G 163 -26.25 -0.69 -20.96
N LYS G 164 -27.55 -0.61 -20.72
CA LYS G 164 -28.09 0.43 -19.82
C LYS G 164 -27.79 0.10 -18.37
N LEU G 165 -27.48 1.13 -17.58
CA LEU G 165 -27.15 0.90 -16.17
C LEU G 165 -28.35 1.23 -15.30
N LYS G 166 -28.57 0.42 -14.25
CA LYS G 166 -29.59 0.71 -13.24
C LYS G 166 -29.52 2.15 -12.71
N ASP G 167 -28.32 2.61 -12.36
CA ASP G 167 -28.15 3.91 -11.72
C ASP G 167 -27.98 5.00 -12.77
N GLY G 168 -28.33 4.66 -14.01
CA GLY G 168 -28.23 5.58 -15.13
C GLY G 168 -26.94 5.48 -15.94
N GLY G 169 -27.00 6.00 -17.16
CA GLY G 169 -25.87 5.95 -18.09
C GLY G 169 -25.68 4.57 -18.72
N HIS G 170 -24.52 4.36 -19.33
CA HIS G 170 -24.28 3.19 -20.20
C HIS G 170 -22.97 2.55 -19.86
N TYR G 171 -22.91 1.26 -20.11
CA TYR G 171 -21.69 0.46 -19.98
C TYR G 171 -21.39 -0.08 -21.40
N LEU G 172 -20.24 0.32 -21.93
CA LEU G 172 -19.95 0.18 -23.33
C LEU G 172 -19.17 -1.09 -23.63
N VAL G 173 -19.53 -1.73 -24.74
CA VAL G 173 -18.97 -3.01 -25.16
CA VAL G 173 -18.82 -2.91 -25.16
C VAL G 173 -18.74 -2.97 -26.68
N GLU G 174 -17.53 -3.29 -27.17
CA GLU G 174 -17.32 -3.44 -28.64
C GLU G 174 -17.44 -4.92 -29.00
N PHE G 175 -18.20 -5.23 -30.05
CA PHE G 175 -18.31 -6.61 -30.55
C PHE G 175 -17.52 -6.69 -31.84
N LYS G 176 -16.76 -7.78 -32.00
CA LYS G 176 -16.13 -8.11 -33.29
C LYS G 176 -16.57 -9.54 -33.55
N SER G 177 -17.23 -9.78 -34.69
CA SER G 177 -17.73 -11.13 -34.98
C SER G 177 -17.19 -11.59 -36.34
N ILE G 178 -17.14 -12.90 -36.49
CA ILE G 178 -16.67 -13.53 -37.72
C ILE G 178 -17.64 -14.64 -38.01
N TYR G 179 -18.17 -14.65 -39.23
CA TYR G 179 -19.19 -15.63 -39.63
C TYR G 179 -18.55 -16.47 -40.73
N MET G 180 -18.47 -17.78 -40.52
CA MET G 180 -17.71 -18.68 -41.39
CA MET G 180 -17.72 -18.66 -41.43
C MET G 180 -18.56 -19.83 -41.93
N ALA G 181 -18.99 -19.73 -43.19
CA ALA G 181 -19.77 -20.82 -43.78
C ALA G 181 -18.92 -22.09 -43.79
N LYS G 182 -19.56 -23.24 -43.59
CA LYS G 182 -18.79 -24.49 -43.57
C LYS G 182 -18.21 -24.83 -44.95
N LYS G 183 -18.94 -24.44 -45.99
CA LYS G 183 -18.46 -24.42 -47.39
C LYS G 183 -18.63 -22.99 -47.91
N PRO G 184 -17.54 -22.38 -48.44
CA PRO G 184 -17.68 -20.95 -48.85
C PRO G 184 -18.85 -20.65 -49.81
N VAL G 185 -19.68 -19.69 -49.41
CA VAL G 185 -20.80 -19.27 -50.20
C VAL G 185 -20.67 -17.79 -50.52
N GLN G 186 -21.61 -17.30 -51.31
CA GLN G 186 -21.53 -15.92 -51.80
C GLN G 186 -21.58 -14.88 -50.67
N LEU G 187 -20.72 -13.88 -50.82
CA LEU G 187 -20.57 -12.81 -49.84
C LEU G 187 -21.21 -11.52 -50.30
N PRO G 188 -21.70 -10.72 -49.35
CA PRO G 188 -22.16 -9.35 -49.62
C PRO G 188 -20.95 -8.41 -49.64
N GLY G 189 -21.18 -7.13 -49.95
CA GLY G 189 -20.14 -6.13 -49.76
C GLY G 189 -20.32 -5.45 -48.40
N TYR G 190 -19.91 -4.19 -48.33
CA TYR G 190 -20.01 -3.41 -47.09
C TYR G 190 -21.49 -3.10 -46.83
N TYR G 191 -22.00 -3.44 -45.65
CA TYR G 191 -23.40 -3.15 -45.32
C TYR G 191 -23.63 -3.14 -43.83
N TYR G 192 -24.89 -2.94 -43.42
CA TYR G 192 -25.22 -2.78 -41.99
C TYR G 192 -26.35 -3.68 -41.57
N VAL G 193 -26.33 -4.11 -40.30
CA VAL G 193 -27.48 -4.82 -39.77
C VAL G 193 -27.93 -4.10 -38.51
N ASP G 194 -29.20 -3.66 -38.51
CA ASP G 194 -29.81 -3.09 -37.29
C ASP G 194 -30.40 -4.22 -36.47
N SER G 195 -30.17 -4.23 -35.15
CA SER G 195 -30.75 -5.25 -34.28
C SER G 195 -31.32 -4.61 -33.05
N LYS G 196 -32.30 -5.31 -32.44
CA LYS G 196 -32.81 -4.94 -31.11
C LYS G 196 -33.22 -6.18 -30.38
N LEU G 197 -32.51 -6.44 -29.28
CA LEU G 197 -32.74 -7.67 -28.46
CA LEU G 197 -32.70 -7.65 -28.47
C LEU G 197 -33.31 -7.25 -27.12
N ASP G 198 -34.43 -7.87 -26.76
CA ASP G 198 -35.15 -7.59 -25.51
C ASP G 198 -35.25 -8.85 -24.66
N ILE G 199 -35.04 -8.71 -23.34
CA ILE G 199 -35.46 -9.75 -22.37
C ILE G 199 -36.93 -9.50 -22.13
N THR G 200 -37.75 -10.51 -22.36
CA THR G 200 -39.20 -10.35 -22.32
C THR G 200 -39.82 -10.92 -21.07
N SER G 201 -39.15 -11.90 -20.46
CA SER G 201 -39.56 -12.40 -19.17
C SER G 201 -38.45 -13.18 -18.50
N HIS G 202 -38.60 -13.43 -17.21
CA HIS G 202 -37.55 -14.11 -16.46
C HIS G 202 -38.07 -14.44 -15.08
N ASN G 203 -37.51 -15.48 -14.50
CA ASN G 203 -37.80 -15.75 -13.09
C ASN G 203 -36.88 -14.94 -12.15
N GLU G 204 -37.04 -15.13 -10.84
CA GLU G 204 -36.39 -14.20 -9.91
C GLU G 204 -34.87 -14.17 -10.02
N ASP G 205 -34.28 -15.34 -10.24
CA ASP G 205 -32.82 -15.40 -10.24
C ASP G 205 -32.21 -15.55 -11.65
N TYR G 206 -33.04 -15.31 -12.68
CA TYR G 206 -32.61 -15.37 -14.08
C TYR G 206 -32.01 -16.73 -14.44
N THR G 207 -32.60 -17.77 -13.88
CA THR G 207 -32.31 -19.13 -14.33
C THR G 207 -33.22 -19.62 -15.45
N ILE G 208 -34.32 -18.91 -15.68
CA ILE G 208 -35.18 -19.16 -16.84
C ILE G 208 -35.49 -17.79 -17.40
N VAL G 209 -35.20 -17.60 -18.69
CA VAL G 209 -35.23 -16.27 -19.31
C VAL G 209 -35.79 -16.41 -20.70
N GLU G 210 -36.64 -15.48 -21.13
CA GLU G 210 -37.09 -15.43 -22.54
C GLU G 210 -36.64 -14.13 -23.19
N GLN G 211 -36.37 -14.22 -24.50
CA GLN G 211 -35.78 -13.11 -25.25
C GLN G 211 -36.55 -12.98 -26.55
N TYR G 212 -36.45 -11.80 -27.14
CA TYR G 212 -36.99 -11.50 -28.46
C TYR G 212 -35.95 -10.66 -29.19
N GLU G 213 -35.76 -10.95 -30.49
CA GLU G 213 -34.83 -10.14 -31.31
C GLU G 213 -35.45 -9.83 -32.68
N ARG G 214 -35.27 -8.59 -33.10
CA ARG G 214 -35.57 -8.17 -34.45
C ARG G 214 -34.26 -7.73 -35.10
N ALA G 215 -34.01 -8.15 -36.34
CA ALA G 215 -32.76 -7.80 -37.04
C ALA G 215 -33.01 -7.66 -38.55
N GLU G 216 -32.48 -6.60 -39.17
CA GLU G 216 -32.67 -6.38 -40.61
C GLU G 216 -31.41 -5.80 -41.22
N GLY G 217 -30.97 -6.39 -42.34
CA GLY G 217 -29.80 -5.89 -43.07
C GLY G 217 -30.19 -4.87 -44.12
N ARG G 218 -29.26 -3.95 -44.40
CA ARG G 218 -29.54 -2.86 -45.35
C ARG G 218 -28.25 -2.19 -45.80
N HIS G 219 -28.32 -1.45 -46.89
CA HIS G 219 -27.21 -0.55 -47.26
C HIS G 219 -27.22 0.66 -46.33
N HIS G 220 -26.07 1.35 -46.26
CA HIS G 220 -26.05 2.68 -45.63
C HIS G 220 -27.16 3.56 -46.22
N LEU G 221 -27.77 4.40 -45.39
CA LEU G 221 -28.94 5.16 -45.82
C LEU G 221 -28.64 6.18 -46.93
N PHE G 222 -27.38 6.59 -47.05
CA PHE G 222 -27.01 7.65 -47.98
C PHE G 222 -26.65 7.13 -49.36
N LEU G 223 -26.76 5.81 -49.53
CA LEU G 223 -26.40 5.19 -50.80
C LEU G 223 -27.59 5.11 -51.75
N VAL H 7 -28.00 32.87 -34.34
CA VAL H 7 -26.54 33.07 -34.58
C VAL H 7 -26.03 32.14 -35.70
N ILE H 8 -26.61 30.96 -35.80
CA ILE H 8 -26.29 30.02 -36.90
C ILE H 8 -27.35 30.19 -38.02
N LYS H 9 -26.92 30.77 -39.13
CA LYS H 9 -27.82 31.07 -40.24
C LYS H 9 -28.00 29.85 -41.13
N GLU H 10 -28.96 29.87 -42.05
CA GLU H 10 -29.15 28.75 -42.97
C GLU H 10 -27.96 28.47 -43.88
N PHE H 11 -27.15 29.50 -44.15
CA PHE H 11 -25.90 29.36 -44.87
C PHE H 11 -24.80 29.91 -43.97
N MET H 12 -23.72 29.14 -43.82
CA MET H 12 -22.60 29.55 -42.99
C MET H 12 -21.29 29.13 -43.66
N ARG H 13 -20.31 30.03 -43.55
CA ARG H 13 -18.94 29.74 -43.98
C ARG H 13 -18.09 29.32 -42.78
N PHE H 14 -16.97 28.67 -43.08
CA PHE H 14 -15.93 28.42 -42.08
C PHE H 14 -14.53 28.58 -42.65
N LYS H 15 -13.58 28.85 -41.76
CA LYS H 15 -12.15 28.85 -42.05
C LYS H 15 -11.51 27.83 -41.14
N VAL H 16 -10.50 27.12 -41.65
CA VAL H 16 -9.80 26.11 -40.87
C VAL H 16 -8.28 26.18 -41.03
N ARG H 17 -7.56 25.95 -39.93
CA ARG H 17 -6.11 25.77 -39.97
C ARG H 17 -5.76 24.53 -39.17
N MET H 18 -4.86 23.71 -39.72
CA MET H 18 -4.38 22.49 -39.06
C MET H 18 -2.87 22.53 -38.99
N GLU H 19 -2.33 22.22 -37.81
CA GLU H 19 -0.92 21.88 -37.66
C GLU H 19 -0.87 20.39 -37.33
N GLY H 20 -0.11 19.60 -38.10
CA GLY H 20 -0.12 18.15 -37.85
C GLY H 20 1.21 17.49 -38.05
N SER H 21 1.25 16.23 -37.68
CA SER H 21 2.43 15.40 -37.93
CA SER H 21 2.43 15.40 -37.89
C SER H 21 2.04 13.94 -38.06
N VAL H 22 2.71 13.24 -38.96
CA VAL H 22 2.46 11.81 -39.16
C VAL H 22 3.83 11.15 -39.30
N ASN H 23 4.10 10.15 -38.44
CA ASN H 23 5.41 9.46 -38.47
C ASN H 23 6.60 10.43 -38.54
N GLY H 24 6.50 11.53 -37.79
CA GLY H 24 7.60 12.48 -37.70
C GLY H 24 7.60 13.56 -38.76
N HIS H 25 6.71 13.45 -39.76
CA HIS H 25 6.65 14.44 -40.86
C HIS H 25 5.66 15.55 -40.50
N GLU H 26 6.18 16.75 -40.29
CA GLU H 26 5.31 17.87 -39.88
C GLU H 26 4.72 18.62 -41.06
N PHE H 27 3.50 19.15 -40.89
CA PHE H 27 2.86 19.90 -42.00
C PHE H 27 1.85 20.91 -41.45
N GLU H 28 1.45 21.85 -42.31
CA GLU H 28 0.40 22.83 -42.00
C GLU H 28 -0.54 22.90 -43.18
N ILE H 29 -1.83 23.05 -42.88
CA ILE H 29 -2.87 23.11 -43.91
C ILE H 29 -3.80 24.26 -43.55
N GLU H 30 -4.23 25.01 -44.57
CA GLU H 30 -5.23 26.06 -44.34
C GLU H 30 -6.34 25.88 -45.34
N GLY H 31 -7.52 26.26 -44.95
CA GLY H 31 -8.63 26.10 -45.85
C GLY H 31 -9.87 26.84 -45.46
N GLU H 32 -10.91 26.63 -46.25
CA GLU H 32 -12.19 27.25 -45.97
C GLU H 32 -13.31 26.37 -46.48
N GLY H 33 -14.52 26.63 -46.01
CA GLY H 33 -15.64 25.81 -46.41
C GLY H 33 -16.93 26.59 -46.27
N GLU H 34 -18.01 25.91 -46.61
CA GLU H 34 -19.33 26.54 -46.53
C GLU H 34 -20.39 25.46 -46.60
N GLY H 35 -21.59 25.82 -46.21
CA GLY H 35 -22.65 24.81 -46.26
C GLY H 35 -23.92 25.29 -45.57
N ARG H 36 -24.82 24.33 -45.36
CA ARG H 36 -26.18 24.57 -44.87
C ARG H 36 -26.37 23.77 -43.58
N PRO H 37 -26.14 24.42 -42.42
CA PRO H 37 -26.09 23.68 -41.14
C PRO H 37 -27.34 22.91 -40.79
N TYR H 38 -28.51 23.40 -41.22
CA TYR H 38 -29.77 22.73 -40.92
C TYR H 38 -30.17 21.68 -41.96
N GLU H 39 -29.41 21.60 -43.04
CA GLU H 39 -29.66 20.59 -44.07
C GLU H 39 -28.61 19.48 -44.06
N GLY H 40 -27.53 19.69 -43.31
CA GLY H 40 -26.50 18.65 -43.18
C GLY H 40 -25.56 18.53 -44.35
N THR H 41 -25.37 19.61 -45.11
CA THR H 41 -24.46 19.52 -46.28
C THR H 41 -23.40 20.63 -46.23
N GLN H 42 -22.20 20.31 -46.70
CA GLN H 42 -21.06 21.26 -46.68
C GLN H 42 -19.94 20.87 -47.63
N THR H 43 -19.19 21.87 -48.08
CA THR H 43 -17.98 21.63 -48.86
C THR H 43 -16.79 22.31 -48.17
N ALA H 44 -15.59 21.88 -48.53
CA ALA H 44 -14.37 22.52 -48.02
C ALA H 44 -13.31 22.49 -49.10
N LYS H 45 -12.36 23.44 -49.05
CA LYS H 45 -11.24 23.44 -49.97
C LYS H 45 -10.01 23.69 -49.11
N LEU H 46 -9.07 22.77 -49.18
CA LEU H 46 -7.87 22.81 -48.31
C LEU H 46 -6.61 22.95 -49.16
N LYS H 47 -5.62 23.67 -48.62
CA LYS H 47 -4.30 23.77 -49.22
C LYS H 47 -3.20 23.46 -48.20
N VAL H 48 -2.27 22.61 -48.60
CA VAL H 48 -1.08 22.34 -47.79
C VAL H 48 -0.18 23.54 -47.96
N THR H 49 0.16 24.18 -46.83
CA THR H 49 0.93 25.43 -46.83
C THR H 49 2.36 25.27 -46.31
N LYS H 50 2.62 24.17 -45.60
CA LYS H 50 3.97 23.79 -45.17
C LYS H 50 4.07 22.26 -45.07
N GLY H 51 5.23 21.72 -45.47
CA GLY H 51 5.46 20.28 -45.38
C GLY H 51 4.93 19.46 -46.56
N GLY H 52 4.54 20.14 -47.63
CA GLY H 52 4.02 19.49 -48.81
C GLY H 52 5.12 19.19 -49.82
N PRO H 53 4.90 18.22 -50.71
CA PRO H 53 3.71 17.35 -50.77
C PRO H 53 3.75 16.34 -49.62
N LEU H 54 2.58 15.97 -49.09
CA LEU H 54 2.52 15.02 -47.94
C LEU H 54 2.95 13.61 -48.34
N PRO H 55 3.74 12.93 -47.49
CA PRO H 55 4.18 11.56 -47.87
C PRO H 55 3.24 10.47 -47.35
N PHE H 56 1.96 10.80 -47.18
CA PHE H 56 1.01 9.81 -46.68
C PHE H 56 -0.37 10.13 -47.26
N ALA H 57 -1.31 9.23 -47.04
CA ALA H 57 -2.67 9.34 -47.60
C ALA H 57 -3.47 10.51 -47.05
N TRP H 58 -3.96 11.35 -47.96
CA TRP H 58 -4.81 12.49 -47.59
C TRP H 58 -6.03 12.05 -46.76
N ASP H 59 -6.57 10.87 -47.09
CA ASP H 59 -7.81 10.34 -46.45
C ASP H 59 -7.77 10.34 -44.93
N ILE H 60 -6.59 10.18 -44.30
CA ILE H 60 -6.58 10.21 -42.82
C ILE H 60 -6.85 11.61 -42.27
N LEU H 61 -6.64 12.65 -43.11
CA LEU H 61 -6.88 14.04 -42.69
C LEU H 61 -8.28 14.51 -42.95
N SER H 62 -8.93 13.93 -43.95
CA SER H 62 -10.19 14.53 -44.45
C SER H 62 -11.30 14.69 -43.38
N PRO H 63 -11.45 13.69 -42.46
CA PRO H 63 -12.47 13.83 -41.40
C PRO H 63 -12.08 14.77 -40.25
N GLN H 64 -10.94 15.45 -40.35
CA GLN H 64 -10.57 16.40 -39.31
C GLN H 64 -10.93 17.82 -39.71
N PHE H 65 -11.07 18.03 -41.04
N PHE H 65 -11.15 18.04 -41.03
CA PHE H 65 -11.54 19.36 -41.51
CA PHE H 65 -11.63 19.36 -41.50
C PHE H 65 -13.03 19.33 -41.46
C PHE H 65 -13.17 19.43 -41.38
N1 CRQ H 66 -13.51 18.08 -41.61
N1 CRQ H 66 -14.37 18.89 -41.30
CA1 CRQ H 66 -14.90 17.77 -41.57
CA1 CRQ H 66 -14.80 17.66 -41.53
CB1 CRQ H 66 -15.39 17.49 -42.99
CB1 CRQ H 66 -15.19 17.46 -43.00
CG1 CRQ H 66 -15.75 18.87 -43.55
CG1 CRQ H 66 -15.76 18.80 -43.52
C1 CRQ H 66 -15.16 16.68 -40.53
C1 CRQ H 66 -15.08 16.71 -40.53
N2 CRQ H 66 -15.62 15.46 -40.81
N2 CRQ H 66 -15.56 15.49 -40.78
N3 CRQ H 66 -15.04 16.84 -39.19
N3 CRQ H 66 -15.02 16.84 -39.18
C2 CRQ H 66 -15.39 15.67 -38.63
C2 CRQ H 66 -15.40 15.68 -38.61
O2 CRQ H 66 -15.38 15.43 -37.40
O2 CRQ H 66 -15.41 15.43 -37.38
CA2 CRQ H 66 -15.78 14.79 -39.64
CA2 CRQ H 66 -15.76 14.81 -39.64
CA3 CRQ H 66 -14.50 17.98 -38.41
CA3 CRQ H 66 -14.50 17.97 -38.38
CB2 CRQ H 66 -16.16 13.49 -39.32
CB2 CRQ H 66 -16.17 13.50 -39.32
CG2 CRQ H 66 -16.59 12.43 -40.16
CG2 CRQ H 66 -16.59 12.44 -40.16
CD1 CRQ H 66 -16.64 12.52 -41.57
CD1 CRQ H 66 -16.66 12.53 -41.57
CD2 CRQ H 66 -17.00 11.25 -39.52
CD2 CRQ H 66 -16.99 11.26 -39.53
CE1 CRQ H 66 -17.14 11.42 -42.30
CE1 CRQ H 66 -17.16 11.43 -42.31
CE2 CRQ H 66 -17.49 10.17 -40.27
CE2 CRQ H 66 -17.49 10.17 -40.27
CZ CRQ H 66 -17.54 10.25 -41.65
CZ CRQ H 66 -17.54 10.25 -41.65
OH CRQ H 66 -18.00 9.17 -42.37
OH CRQ H 66 -18.00 9.17 -42.37
OE1 CRQ H 66 -15.37 18.20 -45.84
OE1 CRQ H 66 -15.38 18.19 -45.82
C3 CRQ H 66 -15.41 19.19 -38.35
C3 CRQ H 66 -15.41 19.18 -38.34
O3 CRQ H 66 -14.75 20.23 -37.74
O3 CRQ H 66 -14.76 20.23 -37.75
CD3 CRQ H 66 -15.96 18.95 -45.05
CD3 CRQ H 66 -15.95 18.92 -45.03
NE1 CRQ H 66 -16.82 19.90 -45.42
NE1 CRQ H 66 -16.81 19.89 -45.38
N SER H 67 -16.62 19.00 -38.79
CA SER H 67 -17.34 20.27 -38.92
C SER H 67 -18.80 19.88 -38.61
N LYS H 68 -18.98 19.28 -37.43
CA LYS H 68 -20.25 18.62 -37.10
C LYS H 68 -21.37 19.57 -36.65
N VAL H 69 -21.08 20.87 -36.67
CA VAL H 69 -22.16 21.84 -36.50
C VAL H 69 -23.12 21.78 -37.69
N TYR H 70 -22.65 21.21 -38.81
N TYR H 70 -22.68 21.18 -38.80
CA TYR H 70 -23.46 21.03 -40.02
CA TYR H 70 -23.53 21.10 -39.99
C TYR H 70 -24.07 19.61 -40.08
C TYR H 70 -24.45 19.86 -40.02
N VAL H 71 -24.61 19.13 -38.97
N VAL H 71 -24.37 18.98 -39.04
CA VAL H 71 -25.31 17.84 -38.96
CA VAL H 71 -25.28 17.83 -39.05
C VAL H 71 -26.80 18.10 -38.80
C VAL H 71 -26.75 18.27 -38.94
N LYS H 72 -27.59 17.70 -39.79
CA LYS H 72 -29.05 17.86 -39.73
C LYS H 72 -29.62 17.08 -38.54
N HIS H 73 -30.28 17.79 -37.63
CA HIS H 73 -30.89 17.11 -36.46
C HIS H 73 -32.39 17.28 -36.47
N PRO H 74 -33.14 16.21 -36.15
CA PRO H 74 -34.58 16.42 -35.96
C PRO H 74 -34.86 17.21 -34.71
N ALA H 75 -36.06 17.79 -34.64
CA ALA H 75 -36.36 18.72 -33.55
C ALA H 75 -36.36 18.08 -32.17
N ASP H 76 -36.58 16.76 -32.10
CA ASP H 76 -36.63 16.03 -30.82
C ASP H 76 -35.27 15.47 -30.36
N ILE H 77 -34.19 15.75 -31.12
CA ILE H 77 -32.84 15.41 -30.65
C ILE H 77 -32.07 16.69 -30.44
N PRO H 78 -31.71 17.01 -29.17
CA PRO H 78 -30.94 18.23 -28.90
C PRO H 78 -29.67 18.33 -29.76
N ASP H 79 -29.49 19.49 -30.39
CA ASP H 79 -28.37 19.68 -31.30
C ASP H 79 -27.28 20.43 -30.51
N TYR H 80 -26.59 19.66 -29.69
CA TYR H 80 -25.61 20.13 -28.72
C TYR H 80 -24.60 21.07 -29.36
N LYS H 81 -24.07 20.65 -30.52
CA LYS H 81 -23.06 21.48 -31.21
C LYS H 81 -23.63 22.81 -31.70
N LYS H 82 -24.86 22.83 -32.21
CA LYS H 82 -25.45 24.11 -32.63
C LYS H 82 -25.76 24.97 -31.41
N LEU H 83 -26.24 24.33 -30.35
CA LEU H 83 -26.60 25.05 -29.13
C LEU H 83 -25.36 25.70 -28.50
N SER H 84 -24.17 25.14 -28.78
CA SER H 84 -22.98 25.65 -28.11
C SER H 84 -22.59 27.05 -28.55
N PHE H 85 -23.08 27.49 -29.71
CA PHE H 85 -22.70 28.81 -30.23
C PHE H 85 -23.55 29.90 -29.55
N PRO H 86 -23.05 31.16 -29.54
CA PRO H 86 -21.87 31.65 -30.25
C PRO H 86 -20.51 31.28 -29.65
N GLU H 87 -20.45 30.85 -28.39
CA GLU H 87 -19.13 30.60 -27.79
C GLU H 87 -18.44 29.45 -28.52
N GLY H 88 -19.20 28.39 -28.75
CA GLY H 88 -18.69 27.25 -29.56
C GLY H 88 -18.30 26.03 -28.74
N PHE H 89 -17.48 25.16 -29.34
CA PHE H 89 -17.16 23.90 -28.68
C PHE H 89 -15.77 23.44 -29.07
N LYS H 90 -15.24 22.49 -28.32
CA LYS H 90 -14.00 21.80 -28.71
C LYS H 90 -14.34 20.36 -29.03
N TRP H 91 -13.52 19.73 -29.85
CA TRP H 91 -13.68 18.28 -29.99
C TRP H 91 -12.31 17.63 -30.02
N GLU H 92 -12.30 16.39 -29.56
CA GLU H 92 -11.06 15.60 -29.55
C GLU H 92 -11.37 14.23 -30.08
N ARG H 93 -10.33 13.51 -30.52
CA ARG H 93 -10.57 12.24 -31.17
C ARG H 93 -9.35 11.35 -31.09
N VAL H 94 -9.61 10.06 -31.01
CA VAL H 94 -8.63 8.98 -31.20
CA VAL H 94 -8.60 9.06 -31.26
C VAL H 94 -9.03 8.23 -32.46
N MET H 95 -8.07 7.97 -33.35
CA MET H 95 -8.32 7.03 -34.45
C MET H 95 -7.37 5.86 -34.26
N ASN H 96 -7.91 4.66 -34.14
CA ASN H 96 -7.11 3.44 -33.95
C ASN H 96 -7.16 2.64 -35.26
N PHE H 97 -6.03 2.55 -35.94
CA PHE H 97 -5.96 1.90 -37.26
C PHE H 97 -5.64 0.44 -37.07
N GLU H 98 -6.17 -0.43 -37.94
CA GLU H 98 -6.03 -1.87 -37.69
C GLU H 98 -4.60 -2.39 -37.72
N ASP H 99 -3.71 -1.67 -38.40
CA ASP H 99 -2.31 -2.05 -38.44
C ASP H 99 -1.40 -1.34 -37.44
N GLY H 100 -2.02 -0.65 -36.49
CA GLY H 100 -1.29 -0.15 -35.33
C GLY H 100 -1.10 1.35 -35.33
N GLY H 101 -1.35 2.00 -36.47
CA GLY H 101 -1.31 3.47 -36.50
C GLY H 101 -2.28 4.04 -35.47
N VAL H 102 -1.88 5.14 -34.83
CA VAL H 102 -2.81 5.77 -33.86
C VAL H 102 -2.69 7.28 -34.04
N VAL H 103 -3.81 7.97 -33.99
CA VAL H 103 -3.80 9.42 -34.15
C VAL H 103 -4.62 10.00 -32.99
N THR H 104 -4.12 11.07 -32.39
CA THR H 104 -5.02 11.91 -31.57
C THR H 104 -5.15 13.29 -32.20
N VAL H 105 -6.32 13.89 -31.98
CA VAL H 105 -6.66 15.18 -32.61
C VAL H 105 -7.31 16.02 -31.54
N THR H 106 -7.03 17.31 -31.56
CA THR H 106 -7.71 18.27 -30.67
C THR H 106 -8.09 19.51 -31.49
N GLN H 107 -9.29 20.01 -31.29
CA GLN H 107 -9.84 21.00 -32.21
C GLN H 107 -10.67 22.01 -31.42
N ASP H 108 -10.56 23.29 -31.82
CA ASP H 108 -11.40 24.34 -31.24
C ASP H 108 -12.28 24.92 -32.32
N SER H 109 -13.57 25.06 -32.03
CA SER H 109 -14.50 25.66 -32.98
C SER H 109 -15.14 26.90 -32.34
N SER H 110 -14.92 28.03 -32.99
CA SER H 110 -15.46 29.32 -32.51
CA SER H 110 -15.45 29.32 -32.50
C SER H 110 -16.21 30.05 -33.62
N LEU H 111 -16.76 31.22 -33.31
CA LEU H 111 -17.50 32.00 -34.29
C LEU H 111 -16.95 33.40 -34.28
N GLN H 112 -16.52 33.90 -35.44
CA GLN H 112 -15.92 35.25 -35.53
C GLN H 112 -16.60 36.02 -36.63
N ASP H 113 -17.29 37.10 -36.26
CA ASP H 113 -18.00 37.93 -37.24
C ASP H 113 -18.78 37.09 -38.25
N GLY H 114 -19.55 36.12 -37.75
CA GLY H 114 -20.46 35.34 -38.56
C GLY H 114 -19.89 34.15 -39.35
N CYS H 115 -18.60 33.89 -39.15
CA CYS H 115 -17.87 32.79 -39.81
CA CYS H 115 -17.93 32.75 -39.78
C CYS H 115 -17.38 31.82 -38.72
N PHE H 116 -17.56 30.51 -38.93
CA PHE H 116 -16.98 29.55 -38.00
C PHE H 116 -15.47 29.53 -38.18
N ILE H 117 -14.75 29.34 -37.08
CA ILE H 117 -13.29 29.33 -37.10
C ILE H 117 -12.84 28.02 -36.45
N TYR H 118 -12.10 27.20 -37.21
CA TYR H 118 -11.68 25.88 -36.74
C TYR H 118 -10.17 25.84 -36.64
N LYS H 119 -9.66 25.38 -35.51
CA LYS H 119 -8.20 25.25 -35.28
C LYS H 119 -7.96 23.81 -34.88
N VAL H 120 -7.11 23.11 -35.63
CA VAL H 120 -6.90 21.67 -35.44
C VAL H 120 -5.42 21.35 -35.22
N LYS H 121 -5.13 20.50 -34.23
CA LYS H 121 -3.81 19.91 -34.08
C LYS H 121 -3.95 18.39 -34.11
N PHE H 122 -2.99 17.73 -34.76
CA PHE H 122 -3.12 16.34 -35.17
C PHE H 122 -1.75 15.67 -34.99
N ILE H 123 -1.71 14.57 -34.24
CA ILE H 123 -0.46 13.78 -34.16
C ILE H 123 -0.79 12.33 -34.48
N GLY H 124 -0.16 11.80 -35.55
CA GLY H 124 -0.31 10.38 -35.95
C GLY H 124 1.03 9.68 -35.88
N VAL H 125 1.01 8.51 -35.25
CA VAL H 125 2.22 7.77 -34.97
C VAL H 125 2.02 6.29 -35.25
N ASN H 126 3.13 5.58 -35.39
CA ASN H 126 3.13 4.11 -35.46
C ASN H 126 2.52 3.50 -36.75
N PHE H 127 2.46 4.27 -37.82
CA PHE H 127 2.02 3.74 -39.12
C PHE H 127 3.13 2.92 -39.75
N PRO H 128 2.83 1.67 -40.14
CA PRO H 128 3.89 0.90 -40.81
C PRO H 128 4.40 1.58 -42.11
N SER H 129 5.72 1.53 -42.35
CA SER H 129 6.27 2.27 -43.49
C SER H 129 5.75 1.76 -44.82
N ASP H 130 5.39 0.47 -44.88
CA ASP H 130 4.87 -0.14 -46.10
C ASP H 130 3.35 -0.31 -46.08
N GLY H 131 2.68 0.36 -45.14
CA GLY H 131 1.24 0.24 -44.97
C GLY H 131 0.48 1.16 -45.93
N PRO H 132 -0.85 1.04 -45.97
CA PRO H 132 -1.62 1.82 -46.94
C PRO H 132 -1.59 3.33 -46.72
N VAL H 133 -1.36 3.76 -45.49
CA VAL H 133 -1.28 5.20 -45.25
C VAL H 133 0.03 5.77 -45.78
N MET H 134 1.16 5.20 -45.37
CA MET H 134 2.46 5.72 -45.84
C MET H 134 2.70 5.46 -47.32
N GLN H 135 2.03 4.44 -47.87
CA GLN H 135 2.19 4.13 -49.30
C GLN H 135 1.07 4.67 -50.19
N LYS H 136 0.16 5.44 -49.60
CA LYS H 136 -0.91 6.11 -50.34
C LYS H 136 -1.73 5.11 -51.15
N LYS H 137 -2.25 4.09 -50.48
CA LYS H 137 -3.01 3.04 -51.18
C LYS H 137 -4.51 3.14 -50.98
N THR H 138 -4.95 4.26 -50.40
CA THR H 138 -6.38 4.43 -50.09
C THR H 138 -7.12 5.22 -51.17
N MET H 139 -8.43 4.98 -51.27
CA MET H 139 -9.27 5.71 -52.23
C MET H 139 -10.62 6.10 -51.62
N GLY H 140 -10.54 6.76 -50.47
CA GLY H 140 -11.74 7.36 -49.89
C GLY H 140 -12.38 6.50 -48.79
N TRP H 141 -13.24 7.13 -47.99
CA TRP H 141 -13.95 6.44 -46.91
C TRP H 141 -15.27 5.83 -47.38
N GLU H 142 -15.69 4.72 -46.77
CA GLU H 142 -17.08 4.28 -46.90
C GLU H 142 -17.95 5.30 -46.14
N PRO H 143 -19.22 5.44 -46.54
CA PRO H 143 -20.14 6.17 -45.65
C PRO H 143 -20.17 5.47 -44.29
N SER H 144 -20.50 6.21 -43.23
CA SER H 144 -20.38 5.66 -41.87
C SER H 144 -21.55 6.00 -40.97
N THR H 145 -21.61 5.32 -39.83
CA THR H 145 -22.66 5.56 -38.84
C THR H 145 -22.02 5.58 -37.45
N GLU H 146 -22.09 6.78 -36.85
CA GLU H 146 -21.56 7.03 -35.51
C GLU H 146 -22.61 6.76 -34.46
N ARG H 147 -22.18 6.13 -33.36
CA ARG H 147 -23.04 5.84 -32.20
C ARG H 147 -22.65 6.84 -31.09
N LEU H 148 -23.60 7.73 -30.75
CA LEU H 148 -23.39 8.78 -29.77
C LEU H 148 -24.20 8.61 -28.48
N TYR H 149 -23.68 9.18 -27.41
CA TYR H 149 -24.33 9.11 -26.08
C TYR H 149 -23.73 10.19 -25.20
N PRO H 150 -24.49 10.63 -24.21
CA PRO H 150 -23.94 11.58 -23.23
C PRO H 150 -23.12 10.86 -22.15
N ARG H 151 -22.04 11.51 -21.73
CA ARG H 151 -21.24 10.99 -20.62
C ARG H 151 -20.41 12.09 -20.03
N ASP H 152 -20.47 12.18 -18.71
CA ASP H 152 -19.57 13.08 -17.99
C ASP H 152 -19.82 14.55 -18.41
N GLY H 153 -21.06 14.86 -18.71
CA GLY H 153 -21.47 16.23 -19.05
C GLY H 153 -21.04 16.67 -20.43
N VAL H 154 -20.52 15.73 -21.24
CA VAL H 154 -20.19 16.00 -22.64
C VAL H 154 -20.83 14.93 -23.55
N LEU H 155 -20.64 15.08 -24.87
CA LEU H 155 -21.23 14.19 -25.85
C LEU H 155 -20.09 13.34 -26.43
N LYS H 156 -20.29 12.03 -26.53
CA LYS H 156 -19.26 11.15 -27.05
C LYS H 156 -19.81 10.33 -28.20
N GLY H 157 -18.92 9.86 -29.07
CA GLY H 157 -19.38 9.03 -30.18
C GLY H 157 -18.29 8.13 -30.70
N GLU H 158 -18.68 7.00 -31.24
CA GLU H 158 -17.70 6.07 -31.84
C GLU H 158 -18.20 5.57 -33.17
N ILE H 159 -17.24 5.22 -34.01
CA ILE H 159 -17.55 4.77 -35.38
C ILE H 159 -16.59 3.68 -35.81
N HIS H 160 -17.13 2.65 -36.44
CA HIS H 160 -16.29 1.68 -37.16
C HIS H 160 -16.22 2.15 -38.61
N LYS H 161 -15.10 2.76 -38.98
CA LYS H 161 -14.96 3.33 -40.34
C LYS H 161 -14.05 2.43 -41.20
N ALA H 162 -14.00 2.71 -42.50
CA ALA H 162 -13.19 1.89 -43.42
C ALA H 162 -12.74 2.75 -44.59
N LEU H 163 -11.44 2.68 -44.89
CA LEU H 163 -10.88 3.25 -46.11
C LEU H 163 -10.88 2.18 -47.20
N LYS H 164 -11.36 2.55 -48.38
CA LYS H 164 -11.33 1.64 -49.53
C LYS H 164 -9.91 1.57 -50.05
N LEU H 165 -9.43 0.36 -50.35
CA LEU H 165 -8.07 0.21 -50.86
C LEU H 165 -8.09 0.22 -52.38
N LYS H 166 -7.09 0.84 -52.99
CA LYS H 166 -7.09 1.03 -54.46
C LYS H 166 -7.31 -0.31 -55.18
N ASP H 167 -6.64 -1.33 -54.71
CA ASP H 167 -6.73 -2.60 -55.41
C ASP H 167 -7.70 -3.57 -54.70
N GLY H 168 -8.68 -2.99 -54.03
CA GLY H 168 -9.80 -3.72 -53.46
C GLY H 168 -9.59 -4.03 -51.98
N GLY H 169 -10.69 -4.28 -51.29
CA GLY H 169 -10.64 -4.56 -49.87
C GLY H 169 -10.71 -3.28 -49.08
N HIS H 170 -10.59 -3.43 -47.76
CA HIS H 170 -10.78 -2.30 -46.83
C HIS H 170 -9.65 -2.23 -45.82
N TYR H 171 -9.44 -1.01 -45.32
CA TYR H 171 -8.47 -0.81 -44.24
C TYR H 171 -9.26 -0.15 -43.14
N LEU H 172 -9.34 -0.85 -42.01
CA LEU H 172 -10.29 -0.48 -40.95
C LEU H 172 -9.71 0.45 -39.91
N VAL H 173 -10.56 1.37 -39.45
CA VAL H 173 -10.14 2.41 -38.49
C VAL H 173 -11.30 2.62 -37.51
N GLU H 174 -11.02 2.58 -36.21
CA GLU H 174 -12.07 2.90 -35.22
C GLU H 174 -11.93 4.35 -34.77
N PHE H 175 -13.02 5.13 -34.81
CA PHE H 175 -12.97 6.53 -34.31
C PHE H 175 -13.63 6.58 -32.92
N LYS H 176 -13.00 7.33 -32.03
CA LYS H 176 -13.66 7.68 -30.73
C LYS H 176 -13.54 9.18 -30.65
N SER H 177 -14.70 9.85 -30.54
CA SER H 177 -14.75 11.32 -30.49
C SER H 177 -15.38 11.83 -29.20
N ILE H 178 -14.96 13.02 -28.82
CA ILE H 178 -15.51 13.69 -27.64
C ILE H 178 -15.80 15.12 -28.06
N TYR H 179 -17.04 15.57 -27.82
CA TYR H 179 -17.48 16.91 -28.23
C TYR H 179 -17.79 17.66 -26.94
N MET H 180 -17.11 18.80 -26.73
CA MET H 180 -17.16 19.54 -25.47
CA MET H 180 -17.16 19.54 -25.47
C MET H 180 -17.59 20.98 -25.66
N ALA H 181 -18.87 21.23 -25.47
CA ALA H 181 -19.36 22.61 -25.55
C ALA H 181 -18.70 23.47 -24.47
N LYS H 182 -18.51 24.76 -24.77
CA LYS H 182 -17.82 25.64 -23.84
C LYS H 182 -18.67 25.98 -22.62
N LYS H 183 -20.00 25.87 -22.80
CA LYS H 183 -20.97 25.91 -21.67
C LYS H 183 -21.84 24.63 -21.66
N PRO H 184 -22.42 24.25 -20.51
CA PRO H 184 -23.23 23.02 -20.46
C PRO H 184 -24.62 23.12 -21.10
N VAL H 185 -24.61 23.32 -22.42
CA VAL H 185 -25.86 23.30 -23.19
C VAL H 185 -26.45 21.86 -23.25
N GLN H 186 -27.70 21.77 -23.71
CA GLN H 186 -28.44 20.53 -23.47
C GLN H 186 -27.85 19.36 -24.25
N LEU H 187 -27.82 18.18 -23.62
CA LEU H 187 -27.30 16.97 -24.27
C LEU H 187 -28.45 16.12 -24.84
N PRO H 188 -28.19 15.40 -25.94
CA PRO H 188 -29.13 14.36 -26.44
C PRO H 188 -28.93 13.09 -25.62
N GLY H 189 -29.77 12.10 -25.90
CA GLY H 189 -29.51 10.76 -25.38
C GLY H 189 -28.76 9.93 -26.41
N TYR H 190 -28.98 8.62 -26.38
CA TYR H 190 -28.32 7.67 -27.27
C TYR H 190 -28.90 7.83 -28.68
N TYR H 191 -28.04 8.09 -29.67
CA TYR H 191 -28.53 8.27 -31.02
C TYR H 191 -27.42 8.06 -32.04
N TYR H 192 -27.74 8.25 -33.33
CA TYR H 192 -26.80 7.93 -34.40
C TYR H 192 -26.65 9.09 -35.38
N VAL H 193 -25.49 9.17 -35.99
CA VAL H 193 -25.28 10.12 -37.08
C VAL H 193 -24.72 9.38 -38.28
N ASP H 194 -25.45 9.44 -39.40
CA ASP H 194 -25.00 8.90 -40.69
C ASP H 194 -24.21 10.01 -41.40
N SER H 195 -23.03 9.68 -41.92
CA SER H 195 -22.21 10.66 -42.66
C SER H 195 -21.68 10.03 -43.95
N LYS H 196 -21.39 10.88 -44.93
CA LYS H 196 -20.69 10.42 -46.14
C LYS H 196 -19.81 11.55 -46.59
N LEU H 197 -18.50 11.31 -46.54
CA LEU H 197 -17.50 12.31 -46.95
CA LEU H 197 -17.49 12.29 -46.91
C LEU H 197 -16.84 11.89 -48.23
N ASP H 198 -16.79 12.84 -49.18
CA ASP H 198 -16.23 12.58 -50.53
C ASP H 198 -15.13 13.60 -50.81
N ILE H 199 -14.02 13.13 -51.40
CA ILE H 199 -13.05 14.01 -52.04
C ILE H 199 -13.57 14.27 -53.48
N THR H 200 -13.89 15.51 -53.80
CA THR H 200 -14.58 15.83 -55.06
C THR H 200 -13.61 16.23 -56.15
N SER H 201 -12.42 16.68 -55.75
CA SER H 201 -11.33 16.95 -56.69
C SER H 201 -10.04 17.18 -55.93
N HIS H 202 -8.93 17.13 -56.64
CA HIS H 202 -7.63 17.36 -55.99
C HIS H 202 -6.58 17.47 -57.06
N ASN H 203 -5.47 18.16 -56.76
CA ASN H 203 -4.34 18.15 -57.70
C ASN H 203 -3.49 16.89 -57.50
N GLU H 204 -2.51 16.72 -58.39
CA GLU H 204 -1.74 15.51 -58.47
C GLU H 204 -1.04 15.10 -57.15
N ASP H 205 -0.48 16.07 -56.44
CA ASP H 205 0.22 15.73 -55.20
C ASP H 205 -0.61 15.99 -53.92
N TYR H 206 -1.92 16.24 -54.08
CA TYR H 206 -2.84 16.43 -52.94
C TYR H 206 -2.44 17.63 -52.05
N THR H 207 -1.88 18.67 -52.69
CA THR H 207 -1.61 19.92 -52.00
C THR H 207 -2.78 20.86 -52.08
N ILE H 208 -3.72 20.60 -52.99
CA ILE H 208 -4.99 21.34 -53.01
C ILE H 208 -6.09 20.29 -53.17
N VAL H 209 -7.05 20.28 -52.24
CA VAL H 209 -8.09 19.23 -52.19
C VAL H 209 -9.44 19.81 -51.89
N GLU H 210 -10.50 19.31 -52.56
CA GLU H 210 -11.86 19.76 -52.26
C GLU H 210 -12.66 18.59 -51.73
N GLN H 211 -13.52 18.90 -50.74
CA GLN H 211 -14.30 17.86 -50.04
C GLN H 211 -15.77 18.21 -50.02
N TYR H 212 -16.63 17.20 -49.87
CA TYR H 212 -18.05 17.40 -49.63
C TYR H 212 -18.49 16.40 -48.57
N GLU H 213 -19.35 16.83 -47.66
CA GLU H 213 -19.88 15.93 -46.64
C GLU H 213 -21.37 16.12 -46.46
N ARG H 214 -22.09 15.01 -46.31
CA ARG H 214 -23.50 14.98 -45.95
C ARG H 214 -23.57 14.29 -44.59
N ALA H 215 -24.32 14.84 -43.64
CA ALA H 215 -24.47 14.15 -42.34
C ALA H 215 -25.83 14.45 -41.72
N GLU H 216 -26.46 13.44 -41.13
CA GLU H 216 -27.80 13.62 -40.52
C GLU H 216 -27.92 12.77 -39.28
N GLY H 217 -28.45 13.38 -38.20
CA GLY H 217 -28.71 12.69 -36.91
C GLY H 217 -30.10 12.04 -36.90
N ARG H 218 -30.21 10.91 -36.21
CA ARG H 218 -31.46 10.17 -36.12
C ARG H 218 -31.47 9.23 -34.92
N HIS H 219 -32.66 8.77 -34.54
CA HIS H 219 -32.75 7.63 -33.61
C HIS H 219 -32.42 6.37 -34.38
N HIS H 220 -32.13 5.30 -33.65
CA HIS H 220 -32.13 3.95 -34.23
C HIS H 220 -33.43 3.71 -35.00
N LEU H 221 -33.31 3.00 -36.12
CA LEU H 221 -34.46 2.80 -37.02
C LEU H 221 -35.59 1.95 -36.45
N PHE H 222 -35.31 1.16 -35.41
CA PHE H 222 -36.35 0.30 -34.80
C PHE H 222 -37.07 0.99 -33.66
N LEU H 223 -36.76 2.25 -33.44
CA LEU H 223 -37.44 2.98 -32.37
C LEU H 223 -38.68 3.69 -32.93
C1 EDO I . 2.32 -20.53 38.79
O1 EDO I . 1.28 -21.53 38.75
C2 EDO I . 2.60 -20.08 40.21
O2 EDO I . 1.39 -20.04 40.99
C1 EDO J . 23.23 -30.70 29.61
O1 EDO J . 23.04 -31.78 30.52
C2 EDO J . 23.58 -31.27 28.25
O2 EDO J . 24.83 -31.94 28.38
C1 EDO K . 1.65 -20.03 30.30
O1 EDO K . 0.89 -20.71 31.31
C2 EDO K . 1.37 -20.39 28.85
O2 EDO K . 1.05 -21.80 28.70
C1 EDO L . 21.65 22.57 23.35
O1 EDO L . 21.77 23.95 22.97
C2 EDO L . 23.01 21.95 23.40
O2 EDO L . 23.58 21.94 22.08
C1 EDO M . 23.00 29.12 49.11
O1 EDO M . 23.96 29.74 49.98
C2 EDO M . 23.70 28.27 48.05
O2 EDO M . 24.71 29.02 47.36
C1 EDO N . 35.25 -1.97 29.69
O1 EDO N . 36.14 -1.85 28.57
C2 EDO N . 34.31 -3.16 29.55
O2 EDO N . 34.08 -3.75 30.83
C1 EDO O . 13.40 26.25 26.93
O1 EDO O . 12.23 27.09 27.07
C2 EDO O . 13.18 24.76 26.61
O2 EDO O . 14.33 24.38 25.81
C1 EDO P . -26.09 -12.66 36.39
O1 EDO P . -27.52 -12.48 36.30
C2 EDO P . -25.55 -12.86 34.99
O2 EDO P . -26.02 -14.10 34.44
C1 EDO Q . -1.87 -18.09 34.68
O1 EDO Q . -2.22 -19.34 35.33
C2 EDO Q . -1.72 -18.24 33.17
O2 EDO Q . -2.01 -19.54 32.65
C1 EDO R . -3.59 -20.79 25.30
O1 EDO R . -3.66 -22.11 25.86
C2 EDO R . -3.89 -20.82 23.82
O2 EDO R . -3.07 -21.77 23.12
C1 EDO S . -6.57 -1.16 3.99
O1 EDO S . -7.23 0.07 4.35
C2 EDO S . -7.58 -2.32 4.08
O2 EDO S . -7.31 -3.30 3.07
C1 EDO T . 16.70 22.57 20.92
O1 EDO T . 17.43 23.67 20.27
C2 EDO T . 15.23 22.88 21.16
O2 EDO T . 14.93 24.06 21.93
C1 EDO U . 7.72 24.67 -1.38
O1 EDO U . 7.26 26.03 -1.22
C2 EDO U . 8.39 24.42 -2.74
O2 EDO U . 7.99 25.36 -3.75
C1 EDO V . 7.90 27.75 23.22
O1 EDO V . 9.02 28.63 23.46
C2 EDO V . 7.30 27.37 24.55
O2 EDO V . 6.59 28.48 25.10
C1 EDO W . -11.87 -24.90 -17.22
O1 EDO W . -12.43 -26.20 -17.01
C2 EDO W . -11.14 -24.50 -15.96
O2 EDO W . -12.01 -24.77 -14.86
C1 EDO X . 9.18 -36.20 -29.16
O1 EDO X . 9.48 -37.58 -28.98
C2 EDO X . 8.19 -35.67 -28.12
O2 EDO X . 7.94 -36.58 -27.02
C1 EDO Y . 7.62 18.10 -32.54
O1 EDO Y . 7.49 19.37 -33.21
C2 EDO Y . 8.92 17.39 -32.93
O2 EDO Y . 9.20 17.56 -34.33
C1 EDO Z . 10.62 23.44 -6.90
O1 EDO Z . 11.52 23.59 -5.80
C2 EDO Z . 11.36 22.70 -8.00
O2 EDO Z . 12.36 23.55 -8.55
C1 EDO AA . 0.19 19.68 -29.05
O1 EDO AA . 0.76 20.27 -30.23
C2 EDO AA . -1.10 20.32 -28.58
O2 EDO AA . -0.99 21.77 -28.53
C1 EDO BA . 20.01 -8.19 -28.63
O1 EDO BA . 19.70 -8.73 -27.33
C2 EDO BA . 20.83 -6.91 -28.51
O2 EDO BA . 21.58 -6.68 -29.71
C1 EDO CA . -19.14 -25.08 -29.92
O1 EDO CA . -18.63 -26.29 -29.35
C2 EDO CA . -18.39 -24.70 -31.18
O2 EDO CA . -18.28 -25.84 -32.05
C1 EDO DA . -40.09 -17.00 -16.81
O1 EDO DA . -41.45 -17.47 -16.77
C2 EDO DA . -39.57 -17.05 -18.26
O2 EDO DA . -39.77 -18.35 -18.86
C1 EDO EA . -31.85 10.32 -27.81
O1 EDO EA . -32.16 9.36 -28.84
C2 EDO EA . -31.79 11.71 -28.42
O2 EDO EA . -32.29 12.67 -27.48
C1 EDO FA . -5.96 23.09 -31.41
O1 EDO FA . -5.06 24.22 -31.34
C2 EDO FA . -7.33 23.49 -30.92
O2 EDO FA . -7.21 24.30 -29.75
C1 EDO GA . -3.71 24.93 -34.54
O1 EDO GA . -4.13 25.94 -33.60
C2 EDO GA . -3.89 25.47 -35.95
O2 EDO GA . -3.11 26.67 -36.09
C1 EDO HA . -8.07 20.57 -57.28
O1 EDO HA . -8.93 20.97 -58.35
C2 EDO HA . -8.75 21.01 -56.00
O2 EDO HA . -9.06 22.41 -56.09
C1 EDO IA . 0.60 18.67 -34.27
O1 EDO IA . 0.48 19.73 -33.29
C2 EDO IA . 2.00 18.17 -34.58
O2 EDO IA . 2.77 19.26 -35.14
#